data_5KSD
#
_entry.id   5KSD
#
_cell.length_a   85.290
_cell.length_b   144.420
_cell.length_c   312.110
_cell.angle_alpha   90.000
_cell.angle_beta   90.000
_cell.angle_gamma   90.000
#
_symmetry.space_group_name_H-M   'P 21 21 21'
#
loop_
_entity.id
_entity.type
_entity.pdbx_description
1 polymer 'ATPase 2, plasma membrane-type'
2 non-polymer 'MAGNESIUM ION'
3 non-polymer 'POTASSIUM ION'
4 non-polymer 'PHOSPHOMETHYLPHOSPHONIC ACID ADENYLATE ESTER'
5 non-polymer DODECYL-BETA-D-MALTOSIDE
#
_entity_poly.entity_id   1
_entity_poly.type   'polypeptide(L)'
_entity_poly.pdbx_seq_one_letter_code
;VDLEKIPIEEVFQQLKCSREGLTTQEGEDRIQIFGPNKLEEKKESKLLKFLGFMWNPLSWVMEMAAIMAIALANGDGRPP
DWQDFVGIICLLVINSTISFIEENNAGNAAAALMAGLAPKTKVLRDGKWSEQEAAILVPGDIVSIKLGDIIPADARLLEG
DPLKVDQSALTGESLPVTKHPGQEVFSGSTCKQGEIEAVVIATGVHTFFGKAAHLVDSTNQVGHFQKVLTAIGNFCICSI
AIGMVIEIIVMYPIQRRKYRDGIDNLLVLLIGGIPIAMPTVLSVTMAIGSHRLSQQGAITKRMTAIEEMAGMDVLCSDKT
GTLTLNKLSVDKNLVEVFCKGVEKDQVLLFAAMASRVENQDAIDAAMVGMLADPKEARAGIREVHFLPFNPVDKRTALTY
IDGSGNWHRVSKGAPEQILELAKASNDLSKKVLSIIDKYAERGLRSLAVARQVVPEKTKESPGAPWEFVGLLPLFDPPRH
DSAETIRRALNLGVNVKMITGDQLAIGKETGRRLGMGTNMYPSSALLGTHKDANLASIPVEELIEKADGFAGVFPEHKYE
IVKKLQERKHIVGMTGDGVNDAPALKKADIGIAVADATDAARGASDIVLTEPGLSVIISAVLTSRAIFQRMKNYTIYAVS
ITIRIVFGFMLIALIWEFDFSAFMVLIIAILNDGTIMTISKDRVKPSPTPDSWKLKEIFATGVVLGGYQAIMTVIFFWAA
HKTDFFSDTFGVRSIRDNNHELMGAVYLQVSIISQALIFVTRSRSWSFVERPGALLMIAFLIAQLIATLIAVYANWEFAK
IRGIGWGWAGVIWLYSIVTYFPLDVFKFAIRYI
;
_entity_poly.pdbx_strand_id   A,B
#
# COMPACT_ATOMS: atom_id res chain seq x y z
N VAL A 1 17.71 -9.22 54.78
CA VAL A 1 16.98 -8.46 53.77
C VAL A 1 15.55 -8.99 53.64
N ASP A 2 14.60 -8.06 53.49
CA ASP A 2 13.20 -8.45 53.37
C ASP A 2 12.96 -9.28 52.11
N LEU A 3 13.56 -8.88 50.99
CA LEU A 3 13.66 -9.73 49.81
C LEU A 3 15.08 -9.67 49.27
N GLU A 4 15.33 -8.69 48.41
CA GLU A 4 16.60 -8.46 47.73
C GLU A 4 17.24 -9.73 47.18
N LYS A 5 18.56 -9.89 47.40
CA LYS A 5 19.29 -11.04 46.89
C LYS A 5 18.77 -12.37 47.43
N ILE A 6 18.46 -12.43 48.72
CA ILE A 6 17.97 -13.70 49.29
C ILE A 6 16.65 -14.09 48.65
N PRO A 7 16.47 -15.34 48.23
CA PRO A 7 15.25 -15.74 47.52
C PRO A 7 14.14 -16.20 48.47
N ILE A 8 13.33 -15.26 48.96
CA ILE A 8 12.11 -15.63 49.67
C ILE A 8 11.06 -16.16 48.70
N GLU A 9 11.15 -15.77 47.44
CA GLU A 9 10.54 -16.45 46.28
C GLU A 9 9.02 -16.59 46.48
N GLU A 10 8.45 -17.74 46.11
CA GLU A 10 7.01 -17.98 46.19
C GLU A 10 6.37 -17.66 47.53
N VAL A 11 7.10 -17.87 48.63
CA VAL A 11 6.61 -17.46 49.94
C VAL A 11 6.38 -15.94 50.01
N PHE A 12 7.29 -15.15 49.43
CA PHE A 12 7.25 -13.71 49.61
C PHE A 12 5.95 -13.07 49.12
N GLN A 13 5.50 -13.42 47.92
CA GLN A 13 4.22 -12.90 47.42
C GLN A 13 3.03 -13.35 48.27
N GLN A 14 3.00 -14.62 48.67
CA GLN A 14 1.93 -15.11 49.55
C GLN A 14 1.95 -14.44 50.92
N LEU A 15 3.13 -14.26 51.51
CA LEU A 15 3.23 -13.56 52.79
C LEU A 15 2.75 -12.12 52.72
N LYS A 16 3.14 -11.37 51.68
CA LYS A 16 2.81 -9.96 51.61
C LYS A 16 1.60 -9.65 50.72
N CYS A 17 1.76 -9.83 49.41
CA CYS A 17 0.70 -9.49 48.46
C CYS A 17 -0.60 -10.22 48.76
N SER A 18 -0.53 -11.51 49.07
CA SER A 18 -1.62 -12.32 49.64
C SER A 18 -2.69 -12.61 48.60
N ARG A 19 -2.43 -12.31 47.33
CA ARG A 19 -3.36 -12.41 46.21
C ARG A 19 -2.49 -12.54 44.96
N GLU A 20 -3.11 -12.89 43.84
CA GLU A 20 -2.36 -13.12 42.62
C GLU A 20 -3.05 -12.52 41.42
N GLY A 21 -2.31 -11.74 40.64
CA GLY A 21 -2.71 -11.36 39.30
C GLY A 21 -3.63 -10.16 39.24
N LEU A 22 -4.91 -10.37 39.57
CA LEU A 22 -5.98 -9.47 39.18
C LEU A 22 -6.29 -8.41 40.25
N THR A 23 -5.41 -8.27 41.24
CA THR A 23 -5.52 -7.34 42.38
C THR A 23 -6.38 -6.12 42.11
N THR A 24 -7.47 -5.98 42.85
CA THR A 24 -8.48 -4.96 42.58
C THR A 24 -7.95 -3.55 42.79
N GLN A 25 -8.50 -2.61 42.01
CA GLN A 25 -8.08 -1.22 42.01
C GLN A 25 -8.19 -0.57 43.38
N GLU A 26 -9.25 -0.90 44.13
CA GLU A 26 -9.42 -0.39 45.49
C GLU A 26 -8.25 -0.77 46.41
N GLY A 27 -7.71 -1.99 46.25
CA GLY A 27 -6.56 -2.37 47.04
C GLY A 27 -5.31 -1.56 46.77
N GLU A 28 -5.07 -1.22 45.51
CA GLU A 28 -3.96 -0.32 45.16
C GLU A 28 -4.07 1.06 45.81
N ASP A 29 -5.27 1.66 45.78
CA ASP A 29 -5.42 3.03 46.28
C ASP A 29 -5.02 3.21 47.74
N ARG A 30 -5.41 2.28 48.62
CA ARG A 30 -5.09 2.42 50.04
C ARG A 30 -3.59 2.48 50.32
N ILE A 31 -2.80 1.63 49.68
CA ILE A 31 -1.34 1.72 49.81
C ILE A 31 -0.76 2.87 48.98
N GLN A 32 -1.36 3.21 47.83
CA GLN A 32 -0.93 4.39 47.09
C GLN A 32 -1.06 5.66 47.91
N ILE A 33 -2.17 5.83 48.63
CA ILE A 33 -2.34 7.01 49.48
C ILE A 33 -1.57 6.89 50.77
N PHE A 34 -1.16 5.68 51.16
CA PHE A 34 -0.28 5.53 52.33
C PHE A 34 1.05 6.27 52.16
N GLY A 35 1.66 6.19 50.98
CA GLY A 35 2.91 6.88 50.77
C GLY A 35 3.73 6.50 49.55
N PRO A 36 3.74 5.22 49.17
CA PRO A 36 4.47 4.81 47.95
C PRO A 36 4.11 5.57 46.68
N ASN A 37 5.13 6.22 46.11
CA ASN A 37 5.11 6.74 44.74
C ASN A 37 6.51 6.56 44.16
N LYS A 38 6.61 6.72 42.84
CA LYS A 38 7.83 6.33 42.14
C LYS A 38 9.06 7.08 42.63
N LEU A 39 8.97 8.41 42.80
CA LEU A 39 10.16 9.16 43.21
C LEU A 39 9.79 10.44 43.96
N GLU A 40 10.71 10.86 44.84
CA GLU A 40 10.58 12.10 45.61
C GLU A 40 10.57 13.36 44.74
N GLU A 41 9.77 14.34 45.17
CA GLU A 41 9.75 15.70 44.61
C GLU A 41 11.04 16.49 44.87
N LYS A 42 11.37 17.38 43.92
CA LYS A 42 12.52 18.27 44.00
C LYS A 42 12.44 19.25 45.18
N LYS A 43 13.60 19.50 45.79
CA LYS A 43 13.79 20.47 46.86
C LYS A 43 13.50 21.92 46.46
N GLU A 44 13.10 22.72 47.46
CA GLU A 44 12.91 24.18 47.41
C GLU A 44 11.61 24.65 46.76
N SER A 45 10.60 23.80 46.66
CA SER A 45 9.29 24.24 46.17
C SER A 45 8.48 25.02 47.20
N LYS A 46 8.75 24.80 48.50
CA LYS A 46 8.05 25.52 49.57
C LYS A 46 8.31 27.02 49.52
N LEU A 47 7.28 27.78 49.91
CA LEU A 47 7.31 29.21 50.21
C LEU A 47 7.41 30.10 48.98
N LEU A 48 7.29 29.53 47.77
CA LEU A 48 7.48 30.27 46.52
C LEU A 48 8.81 31.01 46.49
N LYS A 49 9.86 30.34 47.00
CA LYS A 49 11.15 31.00 47.20
C LYS A 49 11.71 31.53 45.89
N PHE A 50 11.66 30.72 44.83
CA PHE A 50 12.04 31.16 43.49
C PHE A 50 10.89 31.11 42.50
N LEU A 51 9.66 30.88 42.97
CA LEU A 51 8.49 30.81 42.13
C LEU A 51 7.64 32.07 42.22
N GLY A 52 8.08 33.03 43.04
CA GLY A 52 7.51 34.36 43.10
C GLY A 52 8.58 35.42 42.99
N PHE A 53 9.84 34.98 42.89
CA PHE A 53 10.99 35.87 42.96
C PHE A 53 12.08 35.41 42.01
N MET A 54 12.62 36.38 41.25
CA MET A 54 13.63 36.17 40.22
C MET A 54 15.00 36.52 40.78
N TRP A 55 16.04 36.09 40.07
CA TRP A 55 17.38 36.57 40.44
C TRP A 55 18.40 36.38 39.32
N ASN A 56 17.98 36.57 38.07
CA ASN A 56 18.90 36.46 36.95
C ASN A 56 19.93 37.59 36.99
N PRO A 57 21.11 37.38 36.34
CA PRO A 57 22.11 38.45 36.21
C PRO A 57 21.60 39.84 35.84
N LEU A 58 20.68 39.92 34.89
CA LEU A 58 20.07 41.20 34.52
C LEU A 58 19.36 41.87 35.69
N SER A 59 18.61 41.10 36.48
CA SER A 59 18.03 41.61 37.72
C SER A 59 19.09 42.08 38.72
N TRP A 60 20.22 41.38 38.81
CA TRP A 60 21.33 41.87 39.64
C TRP A 60 21.83 43.24 39.21
N VAL A 61 22.01 43.47 37.90
CA VAL A 61 22.36 44.80 37.41
C VAL A 61 21.24 45.81 37.66
N MET A 62 19.99 45.41 37.46
CA MET A 62 18.85 46.25 37.85
C MET A 62 18.81 46.59 39.33
N GLU A 63 19.12 45.62 40.20
CA GLU A 63 19.28 45.92 41.62
C GLU A 63 20.37 46.96 41.87
N MET A 64 21.52 46.83 41.21
CA MET A 64 22.54 47.88 41.28
C MET A 64 22.04 49.24 40.78
N ALA A 65 21.28 49.26 39.69
CA ALA A 65 20.68 50.50 39.22
C ALA A 65 19.76 51.16 40.25
N ALA A 66 18.90 50.38 40.90
CA ALA A 66 18.10 50.91 41.99
C ALA A 66 18.95 51.42 43.16
N ILE A 67 19.93 50.62 43.59
CA ILE A 67 20.87 51.05 44.62
C ILE A 67 21.68 52.26 44.18
N MET A 68 22.12 52.29 42.91
CA MET A 68 22.92 53.42 42.43
C MET A 68 22.18 54.74 42.58
N ALA A 69 20.88 54.78 42.32
CA ALA A 69 20.11 55.99 42.58
C ALA A 69 20.18 56.39 44.05
N ILE A 70 19.94 55.43 44.96
CA ILE A 70 20.10 55.68 46.39
C ILE A 70 21.55 55.99 46.74
N ALA A 71 22.49 55.22 46.17
CA ALA A 71 23.91 55.41 46.47
C ALA A 71 24.39 56.80 46.07
N LEU A 72 23.95 57.30 44.92
CA LEU A 72 24.42 58.59 44.43
C LEU A 72 23.55 59.75 44.90
N ALA A 73 22.48 59.48 45.66
CA ALA A 73 21.69 60.52 46.29
C ALA A 73 22.08 60.77 47.74
N ASN A 74 23.10 60.07 48.25
CA ASN A 74 23.51 60.14 49.65
C ASN A 74 22.36 59.70 50.58
N GLY A 75 21.70 58.60 50.22
CA GLY A 75 20.56 58.13 50.97
C GLY A 75 19.31 58.98 50.79
N ASP A 76 19.02 59.82 51.77
CA ASP A 76 17.86 60.70 51.76
C ASP A 76 18.20 62.11 51.30
N GLY A 77 19.44 62.33 50.84
CA GLY A 77 19.83 63.67 50.41
C GLY A 77 19.04 64.17 49.21
N ARG A 78 18.73 63.29 48.27
CA ARG A 78 17.98 63.67 47.07
C ARG A 78 16.72 62.81 46.95
N PRO A 79 15.54 63.43 46.97
CA PRO A 79 14.29 62.66 47.03
C PRO A 79 13.96 61.89 45.76
N PRO A 80 14.18 62.44 44.55
CA PRO A 80 13.61 61.75 43.37
C PRO A 80 14.26 60.42 43.04
N ASP A 81 15.52 60.20 43.43
CA ASP A 81 16.14 58.90 43.24
C ASP A 81 15.38 57.79 43.95
N TRP A 82 14.89 58.09 45.16
CA TRP A 82 14.01 57.15 45.86
C TRP A 82 12.71 56.90 45.11
N GLN A 83 12.11 57.95 44.53
CA GLN A 83 10.95 57.73 43.66
C GLN A 83 11.28 56.84 42.47
N ASP A 84 12.42 57.07 41.83
CA ASP A 84 12.90 56.16 40.80
C ASP A 84 13.16 54.75 41.35
N PHE A 85 13.81 54.65 42.50
CA PHE A 85 14.08 53.36 43.12
C PHE A 85 12.82 52.51 43.36
N VAL A 86 11.76 53.12 43.91
CA VAL A 86 10.50 52.38 44.01
C VAL A 86 9.92 52.08 42.63
N GLY A 87 10.07 53.01 41.68
CA GLY A 87 9.68 52.73 40.30
C GLY A 87 10.41 51.56 39.66
N ILE A 88 11.72 51.48 39.85
CA ILE A 88 12.51 50.35 39.36
C ILE A 88 12.03 49.03 39.97
N ILE A 89 11.80 49.01 41.27
CA ILE A 89 11.22 47.82 41.92
C ILE A 89 9.85 47.48 41.35
N CYS A 90 8.99 48.48 41.12
CA CYS A 90 7.71 48.24 40.48
C CYS A 90 7.84 47.62 39.09
N LEU A 91 8.78 48.09 38.27
CA LEU A 91 9.05 47.41 37.00
C LEU A 91 9.49 45.97 37.19
N LEU A 92 10.40 45.71 38.14
CA LEU A 92 10.79 44.35 38.48
C LEU A 92 9.62 43.51 38.99
N VAL A 93 8.78 44.08 39.84
CA VAL A 93 7.57 43.39 40.30
C VAL A 93 6.63 43.08 39.13
N ILE A 94 6.37 44.06 38.27
CA ILE A 94 5.55 43.83 37.08
C ILE A 94 6.17 42.79 36.15
N ASN A 95 7.48 42.92 35.88
CA ASN A 95 8.17 41.94 35.05
C ASN A 95 8.10 40.53 35.63
N SER A 96 8.39 40.39 36.93
CA SER A 96 8.27 39.10 37.59
C SER A 96 6.86 38.54 37.56
N THR A 97 5.85 39.37 37.81
CA THR A 97 4.47 38.88 37.80
C THR A 97 4.06 38.33 36.44
N ILE A 98 4.32 39.09 35.37
CA ILE A 98 4.01 38.59 34.03
C ILE A 98 4.90 37.41 33.64
N SER A 99 6.18 37.46 34.01
CA SER A 99 7.09 36.35 33.72
C SER A 99 6.66 35.03 34.36
N PHE A 100 6.40 35.04 35.66
CA PHE A 100 6.05 33.80 36.36
C PHE A 100 4.64 33.30 36.09
N ILE A 101 3.66 34.19 35.87
CA ILE A 101 2.34 33.73 35.47
C ILE A 101 2.36 33.06 34.09
N GLU A 102 3.08 33.64 33.13
CA GLU A 102 3.13 33.05 31.79
C GLU A 102 3.85 31.70 31.76
N GLU A 103 4.99 31.58 32.46
CA GLU A 103 5.63 30.28 32.63
C GLU A 103 4.74 29.28 33.36
N ASN A 104 4.03 29.71 34.40
CA ASN A 104 3.05 28.84 35.04
C ASN A 104 1.96 28.40 34.08
N ASN A 105 1.43 29.34 33.29
CA ASN A 105 0.45 29.00 32.26
C ASN A 105 1.02 28.02 31.23
N ALA A 106 2.25 28.29 30.76
CA ALA A 106 2.92 27.36 29.85
C ALA A 106 3.17 25.99 30.48
N GLY A 107 3.57 25.97 31.76
CA GLY A 107 3.70 24.69 32.45
C GLY A 107 2.41 23.92 32.60
N ASN A 108 1.31 24.64 32.87
CA ASN A 108 -0.01 24.00 32.87
C ASN A 108 -0.36 23.41 31.50
N ALA A 109 -0.05 24.12 30.42
CA ALA A 109 -0.35 23.60 29.08
C ALA A 109 0.55 22.44 28.68
N ALA A 110 1.68 22.26 29.35
CA ALA A 110 2.59 21.15 29.06
C ALA A 110 2.34 19.95 29.96
N ALA A 111 1.29 19.97 30.78
CA ALA A 111 0.95 18.81 31.61
C ALA A 111 0.67 17.58 30.77
N ALA A 112 -0.11 17.73 29.69
CA ALA A 112 -0.33 16.63 28.77
C ALA A 112 0.97 16.16 28.12
N LEU A 113 1.83 17.11 27.74
CA LEU A 113 3.13 16.77 27.19
C LEU A 113 3.98 15.97 28.18
N MET A 114 4.05 16.43 29.44
CA MET A 114 4.69 15.65 30.49
C MET A 114 4.02 14.30 30.72
N ALA A 115 2.68 14.28 30.71
CA ALA A 115 1.95 13.02 30.80
C ALA A 115 2.28 12.06 29.66
N GLY A 116 2.40 12.57 28.44
CA GLY A 116 2.73 11.70 27.32
C GLY A 116 4.08 11.02 27.43
N LEU A 117 5.09 11.73 27.93
CA LEU A 117 6.45 11.22 28.04
C LEU A 117 6.73 10.49 29.35
N ALA A 118 5.78 10.45 30.28
CA ALA A 118 5.99 9.74 31.54
C ALA A 118 6.27 8.26 31.33
N PRO A 119 7.11 7.66 32.18
CA PRO A 119 7.14 6.20 32.32
C PRO A 119 5.77 5.60 32.55
N LYS A 120 5.51 4.48 31.86
CA LYS A 120 4.21 3.83 31.90
C LYS A 120 4.40 2.32 32.04
N THR A 121 3.56 1.71 32.87
CA THR A 121 3.64 0.31 33.27
C THR A 121 2.41 -0.45 32.79
N LYS A 122 2.58 -1.74 32.54
CA LYS A 122 1.54 -2.56 31.95
C LYS A 122 1.11 -3.62 32.95
N VAL A 123 -0.18 -3.61 33.29
CA VAL A 123 -0.72 -4.28 34.47
C VAL A 123 -2.03 -4.95 34.07
N LEU A 124 -2.47 -5.89 34.91
CA LEU A 124 -3.78 -6.51 34.75
C LEU A 124 -4.56 -6.27 36.03
N ARG A 125 -5.63 -5.48 35.93
CA ARG A 125 -6.33 -4.96 37.10
C ARG A 125 -7.80 -5.29 36.94
N ASP A 126 -8.36 -6.00 37.92
CA ASP A 126 -9.70 -6.58 37.82
C ASP A 126 -9.77 -7.62 36.71
N GLY A 127 -8.64 -8.19 36.33
CA GLY A 127 -8.56 -9.10 35.21
C GLY A 127 -8.49 -8.43 33.86
N LYS A 128 -8.27 -7.13 33.81
CA LYS A 128 -8.27 -6.37 32.56
C LYS A 128 -6.84 -5.92 32.25
N TRP A 129 -6.30 -6.45 31.16
CA TRP A 129 -4.96 -6.11 30.67
C TRP A 129 -4.89 -4.62 30.33
N SER A 130 -4.11 -3.86 31.09
CA SER A 130 -4.19 -2.40 31.05
C SER A 130 -2.79 -1.79 31.10
N GLU A 131 -2.70 -0.55 30.62
CA GLU A 131 -1.47 0.23 30.65
C GLU A 131 -1.67 1.47 31.50
N GLN A 132 -0.79 1.69 32.47
CA GLN A 132 -0.95 2.78 33.42
C GLN A 132 0.37 3.49 33.62
N GLU A 133 0.31 4.73 34.10
CA GLU A 133 1.50 5.47 34.49
C GLU A 133 2.21 4.83 35.68
N ALA A 134 3.54 4.96 35.70
CA ALA A 134 4.37 4.30 36.70
C ALA A 134 4.24 4.92 38.09
N ALA A 135 3.68 6.12 38.21
CA ALA A 135 3.40 6.66 39.54
C ALA A 135 2.21 5.98 40.19
N ILE A 136 1.37 5.30 39.40
CA ILE A 136 0.24 4.56 39.93
C ILE A 136 0.69 3.23 40.52
N LEU A 137 1.87 2.77 40.14
CA LEU A 137 2.37 1.44 40.52
C LEU A 137 2.42 1.28 42.03
N VAL A 138 2.08 0.07 42.47
CA VAL A 138 1.99 -0.29 43.89
C VAL A 138 3.03 -1.35 44.18
N PRO A 139 4.03 -1.05 45.04
CA PRO A 139 4.84 -2.11 45.67
C PRO A 139 4.05 -3.35 46.11
N GLY A 140 4.55 -4.54 45.76
CA GLY A 140 3.88 -5.78 46.10
C GLY A 140 2.66 -6.16 45.27
N ASP A 141 2.83 -6.23 43.96
CA ASP A 141 1.74 -6.58 43.06
C ASP A 141 2.33 -7.16 41.78
N ILE A 142 1.47 -7.75 40.95
CA ILE A 142 1.89 -8.56 39.82
C ILE A 142 1.68 -7.78 38.53
N VAL A 143 2.72 -7.75 37.70
CA VAL A 143 2.80 -6.89 36.52
C VAL A 143 3.23 -7.73 35.33
N SER A 144 3.06 -7.17 34.13
CA SER A 144 3.44 -7.83 32.89
C SER A 144 4.51 -7.00 32.21
N ILE A 145 5.61 -7.65 31.85
CA ILE A 145 6.81 -6.98 31.35
C ILE A 145 7.13 -7.50 29.97
N LYS A 146 7.19 -6.60 28.98
CA LYS A 146 7.41 -6.93 27.60
C LYS A 146 8.81 -6.46 27.17
N LEU A 147 9.26 -6.97 26.02
CA LEU A 147 10.57 -6.63 25.50
C LEU A 147 10.69 -5.13 25.26
N GLY A 148 11.75 -4.53 25.80
CA GLY A 148 12.01 -3.11 25.70
C GLY A 148 11.23 -2.23 26.66
N ASP A 149 10.46 -2.82 27.58
CA ASP A 149 9.92 -2.05 28.70
C ASP A 149 11.05 -1.54 29.57
N ILE A 150 10.85 -0.37 30.17
CA ILE A 150 11.70 0.11 31.25
C ILE A 150 11.14 -0.40 32.57
N ILE A 151 11.93 -1.17 33.29
CA ILE A 151 11.49 -1.73 34.57
C ILE A 151 11.26 -0.61 35.58
N PRO A 152 10.12 -0.59 36.28
CA PRO A 152 9.70 0.66 36.93
C PRO A 152 10.00 0.61 38.43
N ALA A 153 10.32 -0.57 38.92
CA ALA A 153 10.46 -0.84 40.35
C ALA A 153 11.31 -2.08 40.52
N ASP A 154 11.70 -2.35 41.76
CA ASP A 154 12.20 -3.69 42.08
C ASP A 154 11.10 -4.71 41.82
N ALA A 155 11.48 -5.87 41.28
CA ALA A 155 10.49 -6.89 40.98
C ALA A 155 11.11 -8.27 41.03
N ARG A 156 10.29 -9.26 41.38
CA ARG A 156 10.65 -10.67 41.33
C ARG A 156 9.92 -11.31 40.15
N LEU A 157 10.69 -11.90 39.23
CA LEU A 157 10.07 -12.58 38.10
C LEU A 157 9.22 -13.75 38.58
N LEU A 158 8.07 -13.93 37.92
CA LEU A 158 7.03 -14.84 38.42
C LEU A 158 7.20 -16.22 37.80
N GLU A 159 6.99 -16.32 36.50
CA GLU A 159 7.16 -17.57 35.75
C GLU A 159 7.28 -17.22 34.27
N GLY A 160 7.71 -18.22 33.50
CA GLY A 160 8.03 -18.03 32.10
C GLY A 160 9.53 -18.00 31.85
N ASP A 161 9.89 -18.11 30.58
CA ASP A 161 11.27 -18.32 30.18
C ASP A 161 12.18 -17.18 30.64
N PRO A 162 13.43 -17.48 31.02
CA PRO A 162 14.48 -16.48 31.20
C PRO A 162 14.54 -15.37 30.15
N LEU A 163 14.85 -14.15 30.59
CA LEU A 163 14.94 -13.00 29.70
C LEU A 163 16.18 -12.19 30.11
N LYS A 164 16.61 -11.29 29.25
CA LYS A 164 17.82 -10.51 29.47
C LYS A 164 17.50 -9.05 29.75
N VAL A 165 18.05 -8.51 30.83
CA VAL A 165 17.89 -7.13 31.25
C VAL A 165 19.25 -6.45 31.18
N ASP A 166 19.24 -5.16 30.87
CA ASP A 166 20.47 -4.37 30.74
C ASP A 166 20.62 -3.49 31.99
N GLN A 167 21.64 -3.77 32.79
CA GLN A 167 21.94 -3.00 34.00
C GLN A 167 23.00 -1.92 33.76
N SER A 168 23.40 -1.68 32.51
CA SER A 168 24.37 -0.65 32.22
C SER A 168 23.89 0.73 32.69
N ALA A 169 24.87 1.55 33.10
CA ALA A 169 24.69 2.86 33.74
C ALA A 169 24.32 2.75 35.21
N LEU A 170 23.29 1.96 35.52
CA LEU A 170 22.92 1.72 36.91
C LEU A 170 24.02 1.00 37.66
N THR A 171 24.57 -0.07 37.07
CA THR A 171 25.70 -0.77 37.67
C THR A 171 26.97 -0.68 36.82
N GLY A 172 26.90 -0.13 35.61
CA GLY A 172 28.09 0.09 34.82
C GLY A 172 28.71 -1.15 34.20
N GLU A 173 27.91 -2.18 33.92
CA GLU A 173 28.40 -3.38 33.26
C GLU A 173 27.68 -3.52 31.92
N SER A 174 28.48 -3.55 30.84
CA SER A 174 27.93 -3.49 29.48
C SER A 174 27.03 -4.68 29.15
N LEU A 175 27.42 -5.89 29.54
CA LEU A 175 26.67 -7.07 29.12
C LEU A 175 25.35 -7.22 29.89
N PRO A 176 24.23 -7.31 29.20
CA PRO A 176 22.96 -7.66 29.86
C PRO A 176 23.03 -9.02 30.54
N VAL A 177 22.22 -9.20 31.58
CA VAL A 177 22.28 -10.37 32.44
C VAL A 177 20.98 -11.14 32.31
N THR A 178 21.09 -12.45 32.11
CA THR A 178 19.93 -13.35 32.10
C THR A 178 19.23 -13.36 33.46
N LYS A 179 17.90 -13.26 33.43
CA LYS A 179 17.09 -13.24 34.64
C LYS A 179 16.00 -14.30 34.56
N HIS A 180 15.92 -15.14 35.58
CA HIS A 180 15.08 -16.34 35.62
C HIS A 180 13.96 -16.14 36.62
N PRO A 181 12.83 -16.89 36.47
CA PRO A 181 11.79 -16.91 37.52
C PRO A 181 12.32 -16.89 38.95
N GLY A 182 11.73 -16.03 39.79
CA GLY A 182 12.16 -15.86 41.16
C GLY A 182 13.29 -14.87 41.35
N GLN A 183 14.11 -14.65 40.33
CA GLN A 183 15.23 -13.72 40.44
C GLN A 183 14.74 -12.28 40.48
N GLU A 184 15.50 -11.42 41.16
CA GLU A 184 15.14 -10.02 41.34
C GLU A 184 15.67 -9.16 40.19
N VAL A 185 14.86 -8.19 39.79
CA VAL A 185 15.25 -7.13 38.85
C VAL A 185 14.93 -5.79 39.49
N PHE A 186 15.53 -4.73 38.93
CA PHE A 186 15.59 -3.43 39.58
C PHE A 186 15.04 -2.35 38.64
N SER A 187 14.60 -1.25 39.23
CA SER A 187 14.08 -0.13 38.46
C SER A 187 15.14 0.43 37.53
N GLY A 188 14.68 0.91 36.37
CA GLY A 188 15.51 1.57 35.38
C GLY A 188 16.15 0.62 34.40
N SER A 189 16.12 -0.68 34.67
CA SER A 189 16.59 -1.70 33.75
C SER A 189 15.72 -1.75 32.50
N THR A 190 16.33 -2.18 31.39
CA THR A 190 15.64 -2.31 30.11
C THR A 190 15.81 -3.75 29.63
N CYS A 191 14.70 -4.41 29.31
CA CYS A 191 14.72 -5.76 28.75
C CYS A 191 15.34 -5.76 27.36
N LYS A 192 16.49 -6.40 27.21
CA LYS A 192 17.03 -6.64 25.87
C LYS A 192 16.24 -7.73 25.16
N GLN A 193 15.72 -8.71 25.90
CA GLN A 193 15.14 -9.91 25.31
C GLN A 193 13.98 -10.39 26.17
N GLY A 194 13.26 -11.39 25.63
CA GLY A 194 12.20 -12.12 26.32
C GLY A 194 11.04 -11.36 26.91
N GLU A 195 10.09 -12.12 27.48
CA GLU A 195 8.85 -11.58 28.04
C GLU A 195 8.38 -12.47 29.19
N ILE A 196 8.02 -11.86 30.32
CA ILE A 196 7.65 -12.59 31.53
C ILE A 196 6.69 -11.76 32.36
N GLU A 197 5.95 -12.44 33.23
CA GLU A 197 5.24 -11.77 34.32
C GLU A 197 6.15 -11.70 35.55
N ALA A 198 5.87 -10.73 36.42
CA ALA A 198 6.71 -10.50 37.58
C ALA A 198 5.91 -9.84 38.70
N VAL A 199 6.46 -9.91 39.90
CA VAL A 199 5.89 -9.30 41.10
C VAL A 199 6.80 -8.15 41.50
N VAL A 200 6.29 -6.92 41.38
CA VAL A 200 7.04 -5.74 41.83
C VAL A 200 7.21 -5.76 43.34
N ILE A 201 8.39 -5.33 43.80
CA ILE A 201 8.79 -5.41 45.20
C ILE A 201 8.66 -4.07 45.89
N ALA A 202 9.41 -3.06 45.43
CA ALA A 202 9.41 -1.76 46.08
C ALA A 202 9.71 -0.67 45.06
N THR A 203 9.07 0.49 45.29
CA THR A 203 9.24 1.69 44.48
C THR A 203 10.68 2.16 44.31
N GLY A 204 10.90 2.98 43.27
CA GLY A 204 12.23 3.46 42.92
C GLY A 204 12.97 4.17 44.05
N VAL A 205 12.25 4.85 44.93
CA VAL A 205 12.87 5.42 46.13
C VAL A 205 13.52 4.34 46.98
N HIS A 206 12.88 3.18 47.08
CA HIS A 206 13.47 2.08 47.85
C HIS A 206 14.47 1.28 47.03
N THR A 207 14.34 1.28 45.71
CA THR A 207 15.33 0.67 44.83
C THR A 207 16.73 1.25 45.10
N PHE A 208 17.73 0.42 44.84
CA PHE A 208 19.13 0.75 45.12
C PHE A 208 19.57 2.05 44.44
N PHE A 209 19.06 2.32 43.23
CA PHE A 209 19.29 3.61 42.58
C PHE A 209 18.82 4.78 43.43
N GLY A 210 17.63 4.67 44.02
CA GLY A 210 17.16 5.72 44.91
C GLY A 210 17.93 5.80 46.22
N LYS A 211 18.30 4.63 46.76
CA LYS A 211 19.18 4.57 47.94
C LYS A 211 20.56 5.19 47.67
N ALA A 212 21.14 4.89 46.50
CA ALA A 212 22.44 5.45 46.14
C ALA A 212 22.44 6.98 46.07
N ALA A 213 21.38 7.57 45.51
CA ALA A 213 21.29 9.04 45.42
C ALA A 213 21.27 9.78 46.74
N HIS A 214 22.36 10.48 47.06
CA HIS A 214 22.50 11.24 48.29
C HIS A 214 22.14 12.71 48.10
N LEU A 215 23.14 13.55 47.81
CA LEU A 215 22.93 14.98 47.64
C LEU A 215 22.84 15.35 46.16
N VAL A 216 21.76 16.05 45.80
CA VAL A 216 21.55 16.52 44.44
C VAL A 216 22.65 17.48 44.00
N ASP A 217 23.08 17.35 42.74
CA ASP A 217 24.09 18.21 42.15
C ASP A 217 23.69 18.50 40.70
N SER A 218 24.29 19.55 40.14
CA SER A 218 23.98 20.04 38.80
C SER A 218 23.77 18.93 37.78
N THR A 219 22.62 18.98 37.11
CA THR A 219 22.25 18.01 36.08
C THR A 219 21.97 18.73 34.77
N ASN A 220 22.73 18.35 33.73
CA ASN A 220 22.69 19.03 32.43
C ASN A 220 23.00 20.52 32.57
N GLN A 221 24.12 20.80 33.25
CA GLN A 221 24.52 22.18 33.53
C GLN A 221 24.79 22.97 32.26
N VAL A 222 25.33 22.32 31.22
CA VAL A 222 25.89 22.97 30.04
C VAL A 222 24.86 23.16 28.92
N GLY A 223 23.58 22.95 29.22
CA GLY A 223 22.53 23.09 28.23
C GLY A 223 22.58 24.35 27.38
N HIS A 224 22.63 24.14 26.06
CA HIS A 224 23.03 25.17 25.10
C HIS A 224 22.09 26.38 25.09
N PHE A 225 20.78 26.14 25.20
CA PHE A 225 19.81 27.23 25.16
C PHE A 225 20.08 28.30 26.21
N GLN A 226 20.36 27.89 27.44
CA GLN A 226 20.69 28.86 28.50
C GLN A 226 21.96 29.64 28.19
N LYS A 227 22.99 28.98 27.64
CA LYS A 227 24.22 29.67 27.27
C LYS A 227 24.04 30.72 26.18
N VAL A 228 23.32 30.39 25.10
CA VAL A 228 23.01 31.42 24.10
C VAL A 228 22.13 32.52 24.67
N LEU A 229 21.17 32.16 25.52
CA LEU A 229 20.36 33.17 26.20
C LEU A 229 21.20 34.12 27.03
N THR A 230 22.17 33.59 27.78
CA THR A 230 23.13 34.43 28.49
C THR A 230 23.98 35.28 27.55
N ALA A 231 24.42 34.72 26.42
CA ALA A 231 25.19 35.50 25.45
C ALA A 231 24.44 36.70 24.91
N ILE A 232 23.15 36.55 24.60
CA ILE A 232 22.34 37.71 24.25
C ILE A 232 22.30 38.71 25.40
N GLY A 233 22.14 38.22 26.62
CA GLY A 233 22.27 39.06 27.80
C GLY A 233 23.63 39.72 27.94
N ASN A 234 24.70 38.96 27.68
CA ASN A 234 26.05 39.51 27.76
C ASN A 234 26.29 40.67 26.80
N PHE A 235 25.85 40.54 25.54
CA PHE A 235 26.07 41.62 24.56
C PHE A 235 25.37 42.93 24.91
N CYS A 236 24.10 42.88 25.33
CA CYS A 236 23.41 44.11 25.76
C CYS A 236 24.06 44.74 27.00
N ILE A 237 24.42 43.94 27.99
CA ILE A 237 25.17 44.45 29.14
C ILE A 237 26.51 45.07 28.74
N CYS A 238 27.23 44.43 27.82
CA CYS A 238 28.44 45.05 27.27
C CYS A 238 28.17 46.40 26.61
N SER A 239 27.08 46.51 25.84
CA SER A 239 26.73 47.79 25.23
C SER A 239 26.48 48.89 26.26
N ILE A 240 25.74 48.58 27.33
CA ILE A 240 25.58 49.53 28.43
C ILE A 240 26.93 49.89 29.07
N ALA A 241 27.78 48.90 29.31
CA ALA A 241 29.12 49.18 29.84
C ALA A 241 29.94 50.06 28.88
N ILE A 242 29.90 49.76 27.59
CA ILE A 242 30.51 50.64 26.59
C ILE A 242 29.88 52.03 26.61
N GLY A 243 28.55 52.09 26.69
CA GLY A 243 27.89 53.39 26.75
C GLY A 243 28.15 54.18 28.02
N MET A 244 27.97 53.54 29.18
CA MET A 244 27.93 54.25 30.46
C MET A 244 29.25 54.20 31.20
N VAL A 245 29.77 52.99 31.46
CA VAL A 245 30.96 52.82 32.29
C VAL A 245 32.17 53.49 31.64
N ILE A 246 32.28 53.43 30.32
CA ILE A 246 33.23 54.25 29.59
C ILE A 246 32.75 55.66 29.26
N GLU A 247 32.11 55.82 28.11
CA GLU A 247 31.98 57.13 27.46
C GLU A 247 31.28 58.19 28.32
N ILE A 248 30.15 57.85 28.94
CA ILE A 248 29.51 58.81 29.84
C ILE A 248 30.42 59.17 31.02
N ILE A 249 31.03 58.16 31.63
CA ILE A 249 32.04 58.43 32.65
C ILE A 249 33.22 59.21 32.08
N VAL A 250 33.64 58.85 30.87
CA VAL A 250 34.71 59.58 30.17
C VAL A 250 34.36 61.06 29.95
N MET A 251 33.11 61.37 29.58
CA MET A 251 32.77 62.77 29.33
C MET A 251 32.64 63.61 30.59
N TYR A 252 32.45 63.01 31.77
CA TYR A 252 32.36 63.83 32.99
C TYR A 252 33.60 64.69 33.25
N PRO A 253 34.84 64.19 33.16
CA PRO A 253 35.97 65.05 33.57
C PRO A 253 36.69 65.68 32.38
N ILE A 254 36.55 65.08 31.19
CA ILE A 254 37.13 65.69 30.00
C ILE A 254 36.51 67.06 29.75
N GLN A 255 35.20 67.16 29.92
CA GLN A 255 34.48 68.42 29.76
C GLN A 255 34.15 69.06 31.10
N ARG A 256 34.55 68.42 32.20
CA ARG A 256 34.30 68.87 33.57
C ARG A 256 32.81 69.17 33.79
N ARG A 257 32.01 68.13 33.63
CA ARG A 257 30.56 68.21 33.75
C ARG A 257 30.13 68.26 35.22
N LYS A 258 28.83 68.48 35.40
CA LYS A 258 28.17 68.18 36.67
C LYS A 258 28.37 66.72 37.05
N TYR A 259 28.52 66.47 38.34
CA TYR A 259 28.79 65.12 38.85
C TYR A 259 27.53 64.48 39.42
N ARG A 260 27.12 64.93 40.60
CA ARG A 260 26.04 64.27 41.34
C ARG A 260 24.77 64.16 40.50
N ASP A 261 24.42 65.20 39.76
CA ASP A 261 23.16 65.22 39.03
C ASP A 261 23.33 64.77 37.58
N GLY A 262 24.53 64.33 37.20
CA GLY A 262 24.75 63.74 35.90
C GLY A 262 24.43 62.26 35.82
N ILE A 263 24.35 61.60 36.98
CA ILE A 263 24.17 60.15 37.07
C ILE A 263 22.88 59.67 36.42
N ASP A 264 21.88 60.56 36.27
CA ASP A 264 20.67 60.23 35.52
C ASP A 264 20.98 59.72 34.12
N ASN A 265 22.00 60.28 33.47
CA ASN A 265 22.45 59.75 32.18
C ASN A 265 22.92 58.30 32.28
N LEU A 266 23.65 57.95 33.33
CA LEU A 266 23.94 56.54 33.58
C LEU A 266 22.68 55.71 33.84
N LEU A 267 21.77 56.22 34.67
CA LEU A 267 20.55 55.49 35.02
C LEU A 267 19.64 55.21 33.83
N VAL A 268 19.45 56.18 32.93
CA VAL A 268 18.66 55.91 31.72
C VAL A 268 19.27 54.78 30.88
N LEU A 269 20.59 54.75 30.74
CA LEU A 269 21.24 53.62 30.06
C LEU A 269 20.96 52.29 30.74
N LEU A 270 21.06 52.22 32.07
CA LEU A 270 20.65 51.02 32.78
C LEU A 270 19.18 50.71 32.63
N ILE A 271 18.31 51.67 32.96
CA ILE A 271 16.89 51.36 33.12
C ILE A 271 16.26 50.95 31.79
N GLY A 272 16.65 51.60 30.69
CA GLY A 272 16.14 51.24 29.38
C GLY A 272 16.94 50.20 28.62
N GLY A 273 18.24 50.12 28.89
CA GLY A 273 19.09 49.21 28.14
C GLY A 273 18.89 47.74 28.49
N ILE A 274 18.72 47.44 29.77
CA ILE A 274 18.62 46.05 30.21
C ILE A 274 17.28 45.43 29.85
N PRO A 275 17.25 44.29 28.89
CA PRO A 275 15.97 43.65 28.50
C PRO A 275 15.63 42.45 29.40
N ILE A 276 15.07 42.74 30.58
CA ILE A 276 14.61 41.68 31.45
C ILE A 276 13.40 40.93 30.88
N ALA A 277 12.73 41.53 29.90
CA ALA A 277 11.77 40.79 29.07
C ALA A 277 12.45 39.66 28.29
N MET A 278 13.68 39.89 27.82
CA MET A 278 14.28 38.97 26.85
C MET A 278 14.39 37.53 27.32
N PRO A 279 14.80 37.21 28.55
CA PRO A 279 14.86 35.79 28.90
C PRO A 279 13.49 35.15 29.05
N THR A 280 12.52 35.89 29.59
CA THR A 280 11.16 35.37 29.74
C THR A 280 10.50 35.06 28.40
N VAL A 281 10.57 35.99 27.45
CA VAL A 281 9.92 35.82 26.16
C VAL A 281 10.46 34.61 25.41
N LEU A 282 11.78 34.47 25.35
CA LEU A 282 12.37 33.29 24.72
C LEU A 282 12.02 32.00 25.46
N SER A 283 12.06 32.03 26.80
CA SER A 283 11.67 30.86 27.59
C SER A 283 10.24 30.40 27.31
N VAL A 284 9.29 31.32 27.29
CA VAL A 284 7.89 30.94 27.03
C VAL A 284 7.62 30.63 25.56
N THR A 285 8.39 31.19 24.63
CA THR A 285 8.19 30.91 23.21
C THR A 285 8.42 29.43 22.86
N MET A 286 9.48 28.83 23.40
CA MET A 286 9.66 27.39 23.27
C MET A 286 8.55 26.59 23.94
N ALA A 287 8.12 27.00 25.13
CA ALA A 287 7.05 26.28 25.82
C ALA A 287 5.72 26.28 25.05
N ILE A 288 5.32 27.41 24.48
CA ILE A 288 4.14 27.41 23.60
C ILE A 288 4.39 26.63 22.31
N GLY A 289 5.62 26.64 21.79
CA GLY A 289 5.94 25.82 20.63
C GLY A 289 5.81 24.33 20.88
N SER A 290 6.28 23.86 22.04
CA SER A 290 6.09 22.46 22.40
C SER A 290 4.62 22.07 22.51
N HIS A 291 3.78 22.93 23.07
CA HIS A 291 2.33 22.70 23.03
C HIS A 291 1.79 22.65 21.61
N ARG A 292 2.25 23.56 20.74
CA ARG A 292 1.92 23.45 19.32
C ARG A 292 2.36 22.12 18.71
N LEU A 293 3.58 21.67 19.02
CA LEU A 293 4.01 20.33 18.62
C LEU A 293 3.16 19.24 19.24
N SER A 294 2.73 19.40 20.50
CA SER A 294 1.79 18.45 21.07
C SER A 294 0.50 18.38 20.27
N GLN A 295 -0.02 19.53 19.84
CA GLN A 295 -1.10 19.55 18.86
C GLN A 295 -0.67 18.91 17.55
N GLN A 296 0.54 19.24 17.08
CA GLN A 296 1.04 18.71 15.81
C GLN A 296 1.13 17.19 15.84
N GLY A 297 1.63 16.63 16.93
CA GLY A 297 1.79 15.19 17.00
C GLY A 297 3.18 14.79 17.48
N ALA A 298 3.97 15.77 17.92
CA ALA A 298 5.35 15.52 18.33
C ALA A 298 5.55 16.04 19.75
N ILE A 299 5.97 15.14 20.65
CA ILE A 299 6.16 15.45 22.05
C ILE A 299 7.64 15.74 22.25
N THR A 300 7.98 17.00 22.49
CA THR A 300 9.36 17.42 22.73
C THR A 300 9.78 16.99 24.13
N LYS A 301 10.31 15.77 24.23
CA LYS A 301 10.89 15.29 25.47
C LYS A 301 12.03 16.18 25.94
N ARG A 302 12.92 16.56 25.03
CA ARG A 302 13.76 17.74 25.22
C ARG A 302 13.05 18.99 24.70
N MET A 303 12.91 20.00 25.56
CA MET A 303 12.27 21.25 25.18
C MET A 303 13.15 22.07 24.24
N THR A 304 14.46 21.85 24.26
CA THR A 304 15.41 22.64 23.50
C THR A 304 15.71 22.07 22.11
N ALA A 305 14.99 21.02 21.71
CA ALA A 305 15.17 20.41 20.39
C ALA A 305 14.67 21.28 19.25
N ILE A 306 13.90 22.32 19.54
CA ILE A 306 13.44 23.26 18.52
C ILE A 306 14.61 23.86 17.75
N GLU A 307 15.67 24.25 18.45
CA GLU A 307 16.87 24.77 17.79
C GLU A 307 17.51 23.75 16.84
N GLU A 308 17.68 22.51 17.30
CA GLU A 308 18.20 21.46 16.44
C GLU A 308 17.24 21.09 15.31
N MET A 309 15.95 20.97 15.60
CA MET A 309 14.95 20.72 14.56
C MET A 309 14.92 21.82 13.51
N ALA A 310 14.99 23.09 13.93
CA ALA A 310 15.10 24.19 12.97
C ALA A 310 16.37 24.10 12.14
N GLY A 311 17.49 23.69 12.74
CA GLY A 311 18.75 23.61 12.03
C GLY A 311 18.99 22.33 11.26
N MET A 312 18.11 21.34 11.41
CA MET A 312 18.29 20.03 10.81
C MET A 312 18.58 20.11 9.31
N ASP A 313 19.56 19.33 8.88
CA ASP A 313 20.08 19.34 7.52
C ASP A 313 19.87 18.02 6.79
N VAL A 314 19.85 16.89 7.49
CA VAL A 314 19.68 15.56 6.91
C VAL A 314 18.86 14.71 7.86
N LEU A 315 17.87 13.99 7.32
CA LEU A 315 17.00 13.12 8.11
C LEU A 315 17.16 11.68 7.67
N CYS A 316 17.72 10.84 8.54
CA CYS A 316 17.91 9.42 8.29
C CYS A 316 16.69 8.66 8.77
N SER A 317 15.89 8.13 7.84
CA SER A 317 14.54 7.66 8.13
C SER A 317 14.45 6.15 7.91
N ASP A 318 14.09 5.42 8.97
CA ASP A 318 13.84 3.99 8.86
C ASP A 318 12.68 3.74 7.89
N LYS A 319 12.98 3.02 6.80
CA LYS A 319 11.98 2.73 5.78
C LYS A 319 10.79 1.96 6.34
N THR A 320 11.05 0.92 7.12
CA THR A 320 9.98 0.13 7.72
C THR A 320 9.10 0.95 8.67
N GLY A 321 9.72 1.75 9.54
CA GLY A 321 8.91 2.52 10.49
C GLY A 321 8.22 3.72 9.86
N THR A 322 8.97 4.59 9.18
CA THR A 322 8.46 5.90 8.80
C THR A 322 8.05 5.99 7.35
N LEU A 323 8.82 5.39 6.44
CA LEU A 323 8.51 5.48 5.01
C LEU A 323 7.37 4.55 4.58
N THR A 324 7.12 3.45 5.28
CA THR A 324 6.21 2.42 4.80
C THR A 324 5.13 2.11 5.83
N LEU A 325 4.00 1.64 5.32
CA LEU A 325 2.78 1.51 6.12
C LEU A 325 2.97 0.49 7.25
N ASN A 326 3.57 -0.66 6.96
CA ASN A 326 3.60 -1.81 7.87
C ASN A 326 2.21 -2.40 8.10
N LYS A 327 1.46 -2.59 7.01
CA LYS A 327 0.44 -3.64 6.94
C LYS A 327 0.81 -4.52 5.75
N LEU A 328 1.82 -5.36 5.99
CA LEU A 328 2.42 -6.22 4.98
C LEU A 328 1.38 -7.15 4.35
N SER A 329 1.59 -7.46 3.07
CA SER A 329 0.62 -8.24 2.28
C SER A 329 1.36 -9.17 1.34
N VAL A 330 0.83 -10.38 1.17
CA VAL A 330 1.44 -11.44 0.37
C VAL A 330 0.48 -11.84 -0.74
N ASP A 331 0.96 -11.79 -1.98
CA ASP A 331 0.28 -12.46 -3.08
C ASP A 331 0.75 -13.90 -3.15
N LYS A 332 -0.17 -14.85 -2.94
CA LYS A 332 0.21 -16.24 -2.70
C LYS A 332 0.69 -16.93 -3.96
N ASN A 333 0.46 -16.32 -5.13
CA ASN A 333 0.99 -16.84 -6.38
C ASN A 333 2.50 -17.02 -6.34
N LEU A 334 3.22 -16.08 -5.75
CA LEU A 334 4.67 -16.16 -5.70
C LEU A 334 5.21 -16.82 -4.44
N VAL A 335 4.33 -17.36 -3.59
CA VAL A 335 4.78 -18.20 -2.48
C VAL A 335 5.30 -19.51 -3.04
N GLU A 336 6.52 -19.87 -2.65
CA GLU A 336 7.17 -21.10 -3.09
C GLU A 336 7.36 -22.00 -1.88
N VAL A 337 7.01 -23.28 -2.03
CA VAL A 337 7.02 -24.22 -0.93
C VAL A 337 8.12 -25.26 -1.14
N PHE A 338 8.54 -25.87 -0.04
CA PHE A 338 9.47 -26.98 -0.04
C PHE A 338 8.95 -28.02 0.95
N CYS A 339 9.52 -29.22 0.90
CA CYS A 339 9.04 -30.34 1.72
C CYS A 339 7.60 -30.67 1.32
N LYS A 340 7.40 -30.85 0.01
CA LYS A 340 6.07 -30.97 -0.56
C LYS A 340 5.23 -32.05 0.12
N GLY A 341 3.94 -31.76 0.21
CA GLY A 341 2.95 -32.41 1.05
C GLY A 341 2.29 -31.29 1.82
N VAL A 342 3.08 -30.25 2.08
CA VAL A 342 2.57 -28.91 2.34
C VAL A 342 2.27 -28.23 1.01
N GLU A 343 1.46 -27.17 1.05
CA GLU A 343 1.03 -26.56 -0.20
C GLU A 343 0.91 -25.05 -0.01
N LYS A 344 0.97 -24.34 -1.15
CA LYS A 344 1.06 -22.89 -1.17
C LYS A 344 -0.09 -22.23 -0.40
N ASP A 345 -1.29 -22.82 -0.47
CA ASP A 345 -2.43 -22.30 0.25
C ASP A 345 -2.39 -22.57 1.75
N GLN A 346 -1.56 -23.51 2.20
CA GLN A 346 -1.56 -23.91 3.61
C GLN A 346 -0.37 -23.36 4.39
N VAL A 347 0.71 -22.97 3.73
CA VAL A 347 1.86 -22.44 4.46
C VAL A 347 1.58 -21.08 5.10
N LEU A 348 0.62 -20.33 4.56
CA LEU A 348 0.11 -19.14 5.26
C LEU A 348 -0.49 -19.48 6.61
N LEU A 349 -1.20 -20.61 6.70
CA LEU A 349 -1.81 -21.03 7.97
C LEU A 349 -0.77 -21.26 9.06
N PHE A 350 0.35 -21.91 8.73
CA PHE A 350 1.42 -22.07 9.71
C PHE A 350 1.96 -20.72 10.18
N ALA A 351 2.13 -19.77 9.27
CA ALA A 351 2.50 -18.41 9.66
C ALA A 351 1.46 -17.77 10.56
N ALA A 352 0.17 -17.93 10.23
CA ALA A 352 -0.90 -17.48 11.12
C ALA A 352 -0.88 -18.18 12.48
N MET A 353 -0.61 -19.49 12.48
CA MET A 353 -0.41 -20.21 13.74
C MET A 353 0.73 -19.63 14.58
N ALA A 354 1.85 -19.31 13.95
CA ALA A 354 2.99 -18.78 14.71
C ALA A 354 2.92 -17.26 14.93
N SER A 355 1.72 -16.68 14.86
CA SER A 355 1.52 -15.27 15.13
C SER A 355 0.63 -15.11 16.36
N ARG A 356 0.95 -14.14 17.21
CA ARG A 356 0.04 -13.77 18.28
C ARG A 356 -1.25 -13.18 17.71
N VAL A 357 -2.35 -13.43 18.40
CA VAL A 357 -3.68 -13.16 17.86
C VAL A 357 -4.42 -12.04 18.58
N GLU A 358 -3.95 -11.59 19.74
CA GLU A 358 -4.66 -10.55 20.50
C GLU A 358 -3.92 -9.22 20.45
N ASN A 359 -2.80 -9.09 21.16
CA ASN A 359 -1.94 -7.91 21.02
C ASN A 359 -0.84 -8.29 20.06
N GLN A 360 -0.85 -7.68 18.88
CA GLN A 360 -0.23 -8.26 17.70
C GLN A 360 0.91 -7.39 17.20
N ASP A 361 2.02 -8.04 16.85
CA ASP A 361 3.00 -7.42 15.96
C ASP A 361 2.35 -7.18 14.60
N ALA A 362 2.84 -6.16 13.90
CA ALA A 362 2.19 -5.74 12.65
C ALA A 362 2.17 -6.87 11.63
N ILE A 363 3.29 -7.58 11.48
CA ILE A 363 3.34 -8.77 10.63
C ILE A 363 2.44 -9.89 11.17
N ASP A 364 2.44 -10.09 12.50
CA ASP A 364 1.55 -11.08 13.10
C ASP A 364 0.08 -10.77 12.84
N ALA A 365 -0.32 -9.52 13.02
CA ALA A 365 -1.68 -9.10 12.74
C ALA A 365 -2.09 -9.33 11.29
N ALA A 366 -1.20 -9.03 10.34
CA ALA A 366 -1.49 -9.29 8.93
C ALA A 366 -1.70 -10.78 8.65
N MET A 367 -0.80 -11.64 9.14
CA MET A 367 -0.90 -13.05 8.80
C MET A 367 -2.04 -13.76 9.53
N VAL A 368 -2.44 -13.26 10.70
CA VAL A 368 -3.67 -13.74 11.33
C VAL A 368 -4.86 -13.51 10.41
N GLY A 369 -4.89 -12.36 9.72
CA GLY A 369 -5.97 -12.01 8.81
C GLY A 369 -5.79 -12.46 7.39
N MET A 370 -4.59 -12.92 7.02
CA MET A 370 -4.27 -13.20 5.63
C MET A 370 -4.99 -14.44 5.10
N LEU A 371 -5.44 -15.32 6.00
CA LEU A 371 -6.22 -16.50 5.63
C LEU A 371 -7.72 -16.27 5.67
N ALA A 372 -8.15 -15.00 5.76
CA ALA A 372 -9.54 -14.54 5.58
C ALA A 372 -10.40 -14.71 6.82
N ASP A 373 -10.29 -15.84 7.51
CA ASP A 373 -11.09 -16.06 8.72
C ASP A 373 -10.18 -16.21 9.92
N PRO A 374 -10.09 -15.23 10.81
CA PRO A 374 -9.10 -15.28 11.89
C PRO A 374 -9.31 -16.46 12.84
N LYS A 375 -10.53 -17.01 12.91
CA LYS A 375 -10.77 -18.19 13.72
C LYS A 375 -9.91 -19.37 13.26
N GLU A 376 -9.75 -19.53 11.95
CA GLU A 376 -9.01 -20.65 11.38
C GLU A 376 -7.58 -20.73 11.91
N ALA A 377 -6.96 -19.57 12.16
CA ALA A 377 -5.60 -19.53 12.72
C ALA A 377 -5.50 -20.27 14.05
N ARG A 378 -6.53 -20.18 14.88
CA ARG A 378 -6.49 -20.75 16.23
C ARG A 378 -7.41 -21.94 16.43
N ALA A 379 -8.22 -22.28 15.43
CA ALA A 379 -9.34 -23.21 15.58
C ALA A 379 -8.94 -24.62 16.04
N GLY A 380 -9.19 -24.91 17.31
CA GLY A 380 -8.95 -26.23 17.89
C GLY A 380 -7.52 -26.69 17.99
N ILE A 381 -6.55 -25.77 17.90
CA ILE A 381 -5.15 -26.18 17.82
C ILE A 381 -4.58 -26.49 19.20
N ARG A 382 -5.12 -25.88 20.26
CA ARG A 382 -4.75 -26.15 21.66
C ARG A 382 -3.24 -25.95 21.87
N GLU A 383 -2.85 -24.68 21.73
CA GLU A 383 -1.48 -24.26 21.97
C GLU A 383 -1.06 -24.51 23.42
N VAL A 384 0.19 -24.92 23.61
CA VAL A 384 0.74 -25.14 24.94
C VAL A 384 1.86 -24.17 25.29
N HIS A 385 2.55 -23.60 24.31
CA HIS A 385 3.56 -22.57 24.55
C HIS A 385 3.77 -21.75 23.29
N PHE A 386 4.15 -20.49 23.48
CA PHE A 386 4.50 -19.60 22.37
C PHE A 386 5.83 -18.93 22.64
N LEU A 387 6.73 -18.99 21.66
CA LEU A 387 8.05 -18.37 21.72
C LEU A 387 8.01 -17.04 20.97
N PRO A 388 8.16 -15.90 21.65
CA PRO A 388 7.96 -14.61 20.99
C PRO A 388 9.23 -14.06 20.34
N PHE A 389 9.02 -13.07 19.48
CA PHE A 389 10.10 -12.50 18.68
C PHE A 389 11.21 -11.93 19.56
N ASN A 390 12.46 -12.13 19.10
CA ASN A 390 13.64 -11.70 19.81
C ASN A 390 14.65 -11.29 18.74
N PRO A 391 15.25 -10.10 18.85
CA PRO A 391 16.05 -9.59 17.72
C PRO A 391 17.28 -10.40 17.41
N VAL A 392 17.85 -11.10 18.39
CA VAL A 392 19.00 -11.96 18.09
C VAL A 392 18.56 -13.27 17.45
N ASP A 393 17.31 -13.68 17.66
CA ASP A 393 16.80 -14.95 17.14
C ASP A 393 16.00 -14.76 15.86
N LYS A 394 15.28 -13.65 15.75
CA LYS A 394 14.47 -13.33 14.56
C LYS A 394 13.44 -14.41 14.26
N ARG A 395 12.77 -14.91 15.29
CA ARG A 395 11.97 -16.12 15.14
C ARG A 395 10.82 -16.10 16.13
N THR A 396 9.70 -16.68 15.71
CA THR A 396 8.57 -17.01 16.58
C THR A 396 8.26 -18.49 16.42
N ALA A 397 7.65 -19.10 17.44
CA ALA A 397 7.21 -20.48 17.28
C ALA A 397 6.02 -20.78 18.19
N LEU A 398 5.13 -21.64 17.71
CA LEU A 398 3.96 -22.10 18.45
C LEU A 398 4.04 -23.60 18.64
N THR A 399 3.86 -24.05 19.88
CA THR A 399 3.84 -25.48 20.23
C THR A 399 2.42 -25.90 20.62
N TYR A 400 1.95 -27.02 20.06
CA TYR A 400 0.55 -27.38 20.19
C TYR A 400 0.38 -28.90 20.16
N ILE A 401 -0.74 -29.34 20.75
CA ILE A 401 -1.03 -30.76 20.99
C ILE A 401 -2.33 -31.11 20.25
N ASP A 402 -2.25 -31.98 19.25
CA ASP A 402 -3.35 -32.18 18.33
C ASP A 402 -3.62 -33.66 18.09
N GLY A 403 -4.79 -33.93 17.50
CA GLY A 403 -5.22 -35.28 17.16
C GLY A 403 -5.37 -36.19 18.36
N SER A 404 -4.55 -37.24 18.41
CA SER A 404 -4.57 -38.22 19.48
C SER A 404 -3.53 -37.89 20.56
N GLY A 405 -2.95 -36.72 20.50
CA GLY A 405 -1.99 -36.25 21.47
C GLY A 405 -0.59 -36.09 20.90
N ASN A 406 -0.48 -35.92 19.58
CA ASN A 406 0.79 -35.54 18.98
C ASN A 406 1.19 -34.15 19.44
N TRP A 407 2.48 -33.94 19.65
CA TRP A 407 3.01 -32.62 19.99
C TRP A 407 3.73 -32.07 18.76
N HIS A 408 3.16 -31.05 18.15
CA HIS A 408 3.69 -30.44 16.94
C HIS A 408 4.13 -29.01 17.24
N ARG A 409 5.01 -28.49 16.38
CA ARG A 409 5.46 -27.12 16.54
C ARG A 409 5.69 -26.49 15.17
N VAL A 410 5.25 -25.24 15.02
CA VAL A 410 5.39 -24.47 13.79
C VAL A 410 6.05 -23.14 14.14
N SER A 411 6.73 -22.55 13.16
CA SER A 411 7.55 -21.39 13.45
C SER A 411 7.62 -20.44 12.27
N LYS A 412 7.75 -19.15 12.57
CA LYS A 412 8.07 -18.12 11.60
C LYS A 412 9.41 -17.49 11.98
N GLY A 413 10.13 -16.98 10.99
CA GLY A 413 11.23 -16.10 11.31
C GLY A 413 11.92 -15.61 10.05
N ALA A 414 12.98 -14.85 10.29
CA ALA A 414 13.86 -14.43 9.20
C ALA A 414 14.48 -15.67 8.55
N PRO A 415 14.57 -15.72 7.22
CA PRO A 415 14.84 -17.01 6.57
C PRO A 415 16.24 -17.52 6.83
N GLU A 416 17.24 -16.63 6.90
CA GLU A 416 18.59 -17.05 7.23
C GLU A 416 18.67 -17.71 8.60
N GLN A 417 17.99 -17.15 9.60
CA GLN A 417 17.90 -17.79 10.91
C GLN A 417 17.08 -19.08 10.86
N ILE A 418 15.94 -19.07 10.15
CA ILE A 418 15.16 -20.30 9.97
C ILE A 418 15.97 -21.37 9.25
N LEU A 419 16.79 -20.97 8.28
CA LEU A 419 17.64 -21.92 7.56
C LEU A 419 18.67 -22.59 8.48
N GLU A 420 18.93 -22.03 9.65
CA GLU A 420 19.86 -22.59 10.61
C GLU A 420 19.17 -23.36 11.74
N LEU A 421 17.82 -23.39 11.75
CA LEU A 421 17.12 -24.22 12.72
C LEU A 421 17.46 -25.70 12.55
N ALA A 422 17.45 -26.18 11.31
CA ALA A 422 18.19 -27.38 10.91
C ALA A 422 19.02 -27.00 9.69
N LYS A 423 20.35 -26.95 9.86
CA LYS A 423 21.21 -26.46 8.81
C LYS A 423 21.04 -27.32 7.56
N ALA A 424 20.38 -26.76 6.54
CA ALA A 424 19.87 -27.58 5.46
C ALA A 424 20.97 -27.91 4.46
N SER A 425 20.63 -28.77 3.51
CA SER A 425 21.48 -29.02 2.36
C SER A 425 21.74 -27.72 1.62
N ASN A 426 22.96 -27.58 1.08
CA ASN A 426 23.31 -26.34 0.41
C ASN A 426 22.60 -26.21 -0.94
N ASP A 427 22.11 -27.32 -1.50
CA ASP A 427 21.15 -27.24 -2.60
C ASP A 427 19.88 -26.51 -2.19
N LEU A 428 19.33 -26.86 -1.01
CA LEU A 428 18.19 -26.13 -0.45
C LEU A 428 18.54 -24.67 -0.17
N SER A 429 19.71 -24.43 0.43
CA SER A 429 20.17 -23.07 0.72
C SER A 429 20.24 -22.19 -0.54
N LYS A 430 20.85 -22.71 -1.61
CA LYS A 430 20.86 -22.00 -2.88
C LYS A 430 19.46 -21.75 -3.47
N LYS A 431 18.58 -22.75 -3.42
CA LYS A 431 17.20 -22.54 -3.86
C LYS A 431 16.43 -21.48 -3.07
N VAL A 432 16.47 -21.56 -1.73
CA VAL A 432 15.77 -20.54 -0.93
C VAL A 432 16.36 -19.14 -1.13
N LEU A 433 17.68 -19.00 -1.13
CA LEU A 433 18.29 -17.70 -1.39
C LEU A 433 17.96 -17.12 -2.76
N SER A 434 17.90 -17.97 -3.79
CA SER A 434 17.49 -17.49 -5.11
C SER A 434 16.09 -16.89 -5.14
N ILE A 435 15.09 -17.56 -4.55
CA ILE A 435 13.77 -16.96 -4.44
C ILE A 435 13.74 -15.76 -3.49
N ILE A 436 14.48 -15.80 -2.38
CA ILE A 436 14.61 -14.62 -1.52
C ILE A 436 15.15 -13.41 -2.30
N ASP A 437 16.24 -13.60 -3.03
CA ASP A 437 16.75 -12.53 -3.90
C ASP A 437 15.78 -12.18 -5.03
N LYS A 438 15.06 -13.16 -5.56
CA LYS A 438 14.01 -12.83 -6.53
C LYS A 438 12.90 -11.99 -5.91
N TYR A 439 12.47 -12.32 -4.69
CA TYR A 439 11.51 -11.44 -4.00
C TYR A 439 12.08 -10.05 -3.77
N ALA A 440 13.37 -9.95 -3.43
CA ALA A 440 14.00 -8.65 -3.28
C ALA A 440 14.04 -7.86 -4.58
N GLU A 441 14.37 -8.51 -5.69
CA GLU A 441 14.22 -7.87 -6.99
C GLU A 441 12.78 -7.48 -7.28
N ARG A 442 11.82 -8.34 -6.94
CA ARG A 442 10.41 -7.94 -6.98
C ARG A 442 10.13 -6.77 -6.05
N GLY A 443 10.76 -6.75 -4.88
CA GLY A 443 10.68 -5.61 -4.00
C GLY A 443 9.99 -5.96 -2.70
N LEU A 444 10.02 -7.25 -2.35
CA LEU A 444 9.18 -7.82 -1.31
C LEU A 444 10.07 -8.47 -0.27
N ARG A 445 9.74 -8.26 1.01
CA ARG A 445 10.52 -8.91 2.04
C ARG A 445 10.08 -10.37 2.21
N SER A 446 10.96 -11.17 2.81
CA SER A 446 10.82 -12.61 2.88
C SER A 446 10.67 -13.05 4.33
N LEU A 447 9.64 -13.86 4.60
CA LEU A 447 9.51 -14.58 5.86
C LEU A 447 9.39 -16.06 5.56
N ALA A 448 10.08 -16.88 6.35
CA ALA A 448 10.12 -18.32 6.15
C ALA A 448 9.36 -19.02 7.29
N VAL A 449 8.63 -20.07 6.93
CA VAL A 449 7.95 -20.91 7.91
C VAL A 449 8.67 -22.24 8.01
N ALA A 450 8.55 -22.86 9.18
CA ALA A 450 9.18 -24.16 9.43
C ALA A 450 8.27 -24.95 10.36
N ARG A 451 8.46 -26.27 10.34
CA ARG A 451 7.62 -27.17 11.10
C ARG A 451 8.47 -28.31 11.66
N GLN A 452 8.13 -28.76 12.86
CA GLN A 452 8.72 -29.96 13.42
C GLN A 452 7.71 -30.66 14.31
N VAL A 453 8.05 -31.87 14.71
CA VAL A 453 7.30 -32.64 15.70
C VAL A 453 8.30 -32.97 16.81
N VAL A 454 7.81 -33.04 18.04
CA VAL A 454 8.66 -33.41 19.17
C VAL A 454 8.25 -34.80 19.64
N PRO A 455 9.11 -35.81 19.51
CA PRO A 455 8.73 -37.17 19.91
C PRO A 455 8.61 -37.32 21.42
N GLU A 456 9.34 -36.53 22.20
CA GLU A 456 9.43 -36.72 23.64
C GLU A 456 8.32 -35.98 24.39
N LYS A 457 7.34 -35.44 23.65
CA LYS A 457 6.08 -34.94 24.21
C LYS A 457 6.26 -34.06 25.44
N THR A 458 7.21 -33.13 25.36
CA THR A 458 7.60 -32.33 26.52
C THR A 458 8.02 -30.94 26.05
N LYS A 459 7.73 -29.95 26.88
CA LYS A 459 8.03 -28.56 26.53
C LYS A 459 9.53 -28.33 26.32
N GLU A 460 10.37 -28.94 27.15
CA GLU A 460 11.77 -28.57 27.20
C GLU A 460 12.67 -29.44 26.33
N SER A 461 12.11 -30.44 25.62
CA SER A 461 12.99 -31.25 24.79
C SER A 461 12.91 -30.78 23.33
N PRO A 462 14.05 -30.49 22.69
CA PRO A 462 14.10 -30.36 21.23
C PRO A 462 13.27 -31.39 20.46
N GLY A 463 12.50 -30.92 19.49
CA GLY A 463 11.81 -31.79 18.57
C GLY A 463 12.69 -32.39 17.48
N ALA A 464 12.03 -33.06 16.54
CA ALA A 464 12.68 -33.58 15.35
C ALA A 464 13.29 -32.46 14.50
N PRO A 465 14.43 -32.71 13.84
CA PRO A 465 14.99 -31.78 12.85
C PRO A 465 13.96 -31.08 11.95
N TRP A 466 14.00 -29.74 11.96
CA TRP A 466 12.98 -28.92 11.33
C TRP A 466 12.84 -29.17 9.83
N GLU A 467 11.59 -29.18 9.37
CA GLU A 467 11.26 -29.06 7.95
C GLU A 467 11.32 -27.58 7.54
N PHE A 468 12.02 -27.28 6.45
CA PHE A 468 11.97 -25.94 5.88
C PHE A 468 10.75 -25.88 4.97
N VAL A 469 9.60 -25.55 5.58
CA VAL A 469 8.31 -25.67 4.89
C VAL A 469 8.22 -24.73 3.68
N GLY A 470 8.72 -23.51 3.81
CA GLY A 470 8.64 -22.57 2.71
C GLY A 470 8.81 -21.15 3.17
N LEU A 471 8.84 -20.23 2.19
CA LEU A 471 8.98 -18.82 2.50
C LEU A 471 8.20 -17.98 1.48
N LEU A 472 7.61 -16.88 1.97
CA LEU A 472 6.56 -16.08 1.35
C LEU A 472 6.98 -14.63 1.15
N PRO A 473 6.47 -13.96 0.10
CA PRO A 473 6.88 -12.58 -0.20
C PRO A 473 5.92 -11.53 0.37
N LEU A 474 6.44 -10.58 1.13
CA LEU A 474 5.65 -9.55 1.81
C LEU A 474 5.96 -8.16 1.26
N PHE A 475 4.92 -7.42 0.87
CA PHE A 475 5.06 -6.06 0.37
C PHE A 475 5.10 -5.04 1.51
N ASP A 476 5.89 -3.97 1.30
CA ASP A 476 6.08 -2.95 2.33
C ASP A 476 4.80 -2.24 2.80
N PRO A 477 3.83 -1.89 1.93
CA PRO A 477 3.93 -0.82 0.94
C PRO A 477 4.17 0.62 1.48
N PRO A 478 4.61 1.53 0.59
CA PRO A 478 4.72 2.96 0.94
C PRO A 478 3.43 3.60 1.47
N ARG A 479 3.63 4.59 2.36
CA ARG A 479 2.57 5.51 2.73
C ARG A 479 2.24 6.46 1.56
N HIS A 480 1.02 6.98 1.57
CA HIS A 480 0.60 7.91 0.52
C HIS A 480 1.43 9.20 0.49
N ASP A 481 1.71 9.79 1.65
CA ASP A 481 2.32 11.12 1.70
C ASP A 481 3.82 11.12 1.95
N SER A 482 4.43 9.97 2.21
CA SER A 482 5.90 9.91 2.30
C SER A 482 6.56 10.26 0.98
N ALA A 483 5.99 9.82 -0.14
CA ALA A 483 6.48 10.23 -1.45
C ALA A 483 6.46 11.74 -1.66
N GLU A 484 5.40 12.42 -1.24
CA GLU A 484 5.43 13.88 -1.19
C GLU A 484 6.44 14.42 -0.18
N THR A 485 6.50 13.81 1.00
CA THR A 485 7.29 14.36 2.11
C THR A 485 8.79 14.47 1.80
N ILE A 486 9.37 13.47 1.13
CA ILE A 486 10.76 13.61 0.65
C ILE A 486 10.93 14.83 -0.24
N ARG A 487 10.01 15.06 -1.18
CA ARG A 487 10.08 16.25 -2.02
C ARG A 487 9.95 17.52 -1.18
N ARG A 488 8.97 17.55 -0.29
CA ARG A 488 8.78 18.67 0.63
C ARG A 488 9.99 18.92 1.51
N ALA A 489 10.55 17.86 2.11
CA ALA A 489 11.81 17.98 2.85
C ALA A 489 12.95 18.52 1.98
N LEU A 490 13.07 18.04 0.75
CA LEU A 490 14.11 18.54 -0.13
C LEU A 490 13.96 20.03 -0.41
N ASN A 491 12.73 20.47 -0.69
CA ASN A 491 12.45 21.90 -0.81
C ASN A 491 12.79 22.67 0.47
N LEU A 492 12.54 22.08 1.63
CA LEU A 492 12.88 22.73 2.89
C LEU A 492 14.30 22.42 3.35
N GLY A 493 15.13 21.87 2.46
CA GLY A 493 16.55 21.72 2.72
C GLY A 493 16.94 20.66 3.72
N VAL A 494 16.11 19.64 3.93
CA VAL A 494 16.50 18.46 4.69
C VAL A 494 16.53 17.27 3.75
N ASN A 495 17.68 16.63 3.64
CA ASN A 495 17.84 15.45 2.78
C ASN A 495 17.37 14.22 3.54
N VAL A 496 16.34 13.56 3.03
CA VAL A 496 15.87 12.32 3.64
C VAL A 496 16.70 11.15 3.10
N LYS A 497 17.32 10.40 4.00
CA LYS A 497 18.13 9.24 3.64
C LYS A 497 17.46 8.00 4.23
N MET A 498 17.20 7.02 3.36
CA MET A 498 16.67 5.74 3.81
C MET A 498 17.64 5.00 4.72
N ILE A 499 17.08 4.39 5.77
CA ILE A 499 17.80 3.40 6.58
C ILE A 499 16.94 2.15 6.60
N THR A 500 17.53 1.00 6.29
CA THR A 500 16.84 -0.27 6.54
C THR A 500 17.84 -1.41 6.67
N GLY A 501 17.46 -2.41 7.46
CA GLY A 501 18.19 -3.66 7.51
C GLY A 501 17.95 -4.59 6.34
N ASP A 502 16.87 -4.36 5.59
CA ASP A 502 16.64 -5.06 4.33
C ASP A 502 17.82 -4.90 3.37
N GLN A 503 18.08 -5.97 2.61
CA GLN A 503 19.04 -5.92 1.52
C GLN A 503 18.71 -4.83 0.49
N LEU A 504 19.77 -4.36 -0.16
CA LEU A 504 19.75 -3.14 -0.98
C LEU A 504 18.68 -3.17 -2.05
N ALA A 505 18.51 -4.31 -2.73
CA ALA A 505 17.49 -4.47 -3.75
C ALA A 505 16.09 -4.13 -3.27
N ILE A 506 15.70 -4.55 -2.06
CA ILE A 506 14.45 -4.08 -1.47
C ILE A 506 14.45 -2.56 -1.29
N GLY A 507 15.52 -2.01 -0.73
CA GLY A 507 15.56 -0.59 -0.45
C GLY A 507 15.52 0.28 -1.69
N LYS A 508 16.32 -0.05 -2.70
CA LYS A 508 16.23 0.62 -3.99
C LYS A 508 14.87 0.46 -4.67
N GLU A 509 14.34 -0.76 -4.68
CA GLU A 509 13.03 -0.98 -5.32
C GLU A 509 11.91 -0.23 -4.62
N THR A 510 11.82 -0.33 -3.29
CA THR A 510 10.93 0.56 -2.55
C THR A 510 11.31 2.03 -2.74
N GLY A 511 12.60 2.34 -2.58
CA GLY A 511 13.05 3.71 -2.77
C GLY A 511 12.72 4.32 -4.12
N ARG A 512 12.80 3.53 -5.19
CA ARG A 512 12.42 4.07 -6.49
C ARG A 512 10.93 4.38 -6.57
N ARG A 513 10.07 3.52 -6.02
CA ARG A 513 8.64 3.87 -6.04
C ARG A 513 8.31 4.92 -4.99
N LEU A 514 9.07 4.96 -3.88
CA LEU A 514 8.98 6.09 -2.96
C LEU A 514 9.38 7.39 -3.65
N GLY A 515 10.45 7.35 -4.42
CA GLY A 515 10.91 8.46 -5.21
C GLY A 515 12.22 9.05 -4.74
N MET A 516 13.05 8.28 -4.03
CA MET A 516 14.13 8.81 -3.22
C MET A 516 15.46 8.83 -3.98
N GLY A 517 15.51 8.24 -5.18
CA GLY A 517 16.77 7.99 -5.85
C GLY A 517 17.49 6.77 -5.33
N THR A 518 18.27 6.12 -6.19
CA THR A 518 18.80 4.79 -5.93
C THR A 518 20.30 4.79 -5.69
N ASN A 519 20.90 5.96 -5.47
CA ASN A 519 22.31 6.09 -5.13
C ASN A 519 22.52 5.79 -3.65
N MET A 520 22.37 4.50 -3.31
CA MET A 520 22.39 4.07 -1.92
C MET A 520 23.22 2.79 -1.83
N TYR A 521 23.68 2.49 -0.61
CA TYR A 521 24.77 1.54 -0.42
C TYR A 521 24.50 0.64 0.78
N PRO A 522 24.97 -0.61 0.73
CA PRO A 522 25.12 -1.38 1.98
C PRO A 522 26.00 -0.66 3.00
N SER A 523 25.47 -0.53 4.22
CA SER A 523 26.21 0.07 5.32
C SER A 523 27.51 -0.71 5.63
N SER A 524 27.45 -2.04 5.56
CA SER A 524 28.63 -2.85 5.86
C SER A 524 29.80 -2.53 4.95
N ALA A 525 29.55 -2.22 3.68
CA ALA A 525 30.61 -1.77 2.78
C ALA A 525 31.26 -0.48 3.28
N LEU A 526 30.46 0.45 3.81
CA LEU A 526 30.95 1.76 4.20
C LEU A 526 31.25 1.89 5.69
N LEU A 527 30.91 0.89 6.50
CA LEU A 527 31.35 0.83 7.88
C LEU A 527 32.87 0.78 7.99
N GLY A 528 33.42 1.66 8.82
CA GLY A 528 34.86 1.84 8.96
C GLY A 528 35.66 2.10 7.70
N THR A 529 36.97 1.86 7.77
CA THR A 529 37.87 2.08 6.65
C THR A 529 38.56 0.79 6.19
N HIS A 530 38.17 -0.36 6.70
CA HIS A 530 38.90 -1.60 6.50
C HIS A 530 38.25 -2.49 5.45
N LYS A 531 37.15 -2.06 4.85
CA LYS A 531 36.36 -2.89 3.94
C LYS A 531 36.61 -2.54 2.48
N ASP A 532 37.57 -1.67 2.20
CA ASP A 532 37.93 -1.22 0.86
C ASP A 532 36.71 -0.70 0.08
N ALA A 533 36.42 -1.33 -1.06
CA ALA A 533 35.34 -0.91 -1.96
C ALA A 533 35.60 0.47 -2.55
N ASN A 534 36.85 0.72 -2.96
CA ASN A 534 37.27 1.96 -3.62
C ASN A 534 37.22 3.16 -2.68
N LEU A 535 37.66 2.94 -1.43
CA LEU A 535 37.69 4.00 -0.43
C LEU A 535 38.59 5.17 -0.86
N ALA A 536 39.73 4.86 -1.48
CA ALA A 536 40.62 5.89 -2.01
C ALA A 536 39.95 6.77 -3.07
N SER A 537 39.17 6.17 -3.98
CA SER A 537 38.48 6.97 -4.99
C SER A 537 37.48 7.94 -4.38
N ILE A 538 36.67 7.47 -3.44
CA ILE A 538 35.77 8.35 -2.69
C ILE A 538 35.85 7.96 -1.22
N PRO A 539 36.33 8.83 -0.33
CA PRO A 539 36.28 8.54 1.10
C PRO A 539 34.89 8.10 1.53
N VAL A 540 34.85 7.17 2.48
CA VAL A 540 33.57 6.65 2.97
C VAL A 540 32.71 7.76 3.55
N GLU A 541 33.33 8.68 4.30
CA GLU A 541 32.60 9.85 4.80
C GLU A 541 32.05 10.70 3.66
N GLU A 542 32.85 10.95 2.63
CA GLU A 542 32.36 11.67 1.45
C GLU A 542 31.26 10.91 0.73
N LEU A 543 31.46 9.60 0.54
CA LEU A 543 30.46 8.74 -0.08
C LEU A 543 29.16 8.68 0.74
N ILE A 544 29.27 8.55 2.06
CA ILE A 544 28.10 8.56 2.94
C ILE A 544 27.28 9.83 2.80
N GLU A 545 27.93 10.99 2.77
CA GLU A 545 27.21 12.23 2.50
C GLU A 545 26.50 12.21 1.15
N LYS A 546 27.17 11.74 0.10
CA LYS A 546 26.52 11.58 -1.20
C LYS A 546 25.40 10.53 -1.18
N ALA A 547 25.59 9.44 -0.45
CA ALA A 547 24.63 8.34 -0.48
C ALA A 547 23.22 8.77 -0.10
N ASP A 548 22.24 8.21 -0.81
CA ASP A 548 20.82 8.55 -0.64
C ASP A 548 20.11 7.61 0.32
N GLY A 549 20.84 6.74 1.00
CA GLY A 549 20.26 5.74 1.87
C GLY A 549 21.22 4.61 2.12
N PHE A 550 20.95 3.87 3.20
CA PHE A 550 21.83 2.79 3.65
C PHE A 550 21.03 1.52 3.89
N ALA A 551 21.47 0.42 3.28
CA ALA A 551 20.80 -0.86 3.42
C ALA A 551 21.60 -1.79 4.33
N GLY A 552 20.91 -2.81 4.85
CA GLY A 552 21.54 -3.80 5.71
C GLY A 552 22.09 -3.19 6.98
N VAL A 553 21.49 -2.11 7.46
CA VAL A 553 21.98 -1.35 8.61
C VAL A 553 21.79 -2.18 9.88
N PHE A 554 22.89 -2.58 10.49
CA PHE A 554 22.88 -3.13 11.83
C PHE A 554 23.03 -1.99 12.83
N PRO A 555 22.82 -2.24 14.13
CA PRO A 555 22.76 -1.10 15.06
C PRO A 555 24.10 -0.43 15.27
N GLU A 556 25.20 -1.20 15.25
CA GLU A 556 26.53 -0.60 15.27
C GLU A 556 26.75 0.30 14.06
N HIS A 557 26.29 -0.15 12.88
CA HIS A 557 26.36 0.68 11.68
C HIS A 557 25.54 1.96 11.80
N LYS A 558 24.33 1.85 12.35
CA LYS A 558 23.45 3.01 12.46
C LYS A 558 24.06 4.14 13.29
N TYR A 559 24.65 3.79 14.45
CA TYR A 559 25.42 4.78 15.21
C TYR A 559 26.56 5.37 14.39
N GLU A 560 27.31 4.53 13.67
CA GLU A 560 28.39 5.03 12.83
C GLU A 560 27.90 5.95 11.71
N ILE A 561 26.79 5.58 11.06
CA ILE A 561 26.24 6.40 9.97
C ILE A 561 25.88 7.82 10.42
N VAL A 562 25.15 7.95 11.53
CA VAL A 562 24.92 9.29 12.08
C VAL A 562 26.22 9.97 12.50
N LYS A 563 27.13 9.23 13.15
CA LYS A 563 28.39 9.80 13.58
C LYS A 563 29.21 10.35 12.39
N LYS A 564 29.31 9.58 11.31
CA LYS A 564 29.99 10.09 10.11
C LYS A 564 29.31 11.32 9.53
N LEU A 565 27.98 11.31 9.44
CA LEU A 565 27.24 12.48 8.97
C LEU A 565 27.40 13.68 9.91
N GLN A 566 27.30 13.44 11.22
CA GLN A 566 27.51 14.48 12.22
C GLN A 566 28.92 15.07 12.16
N GLU A 567 29.92 14.21 12.01
CA GLU A 567 31.28 14.70 11.74
C GLU A 567 31.36 15.51 10.44
N ARG A 568 30.60 15.14 9.41
CA ARG A 568 30.50 16.00 8.24
C ARG A 568 29.62 17.24 8.43
N LYS A 569 29.58 17.76 9.67
CA LYS A 569 28.96 19.04 10.03
C LYS A 569 27.44 19.08 9.92
N HIS A 570 26.84 18.15 9.17
CA HIS A 570 25.40 18.13 9.03
C HIS A 570 24.71 17.92 10.37
N ILE A 571 23.57 18.57 10.55
CA ILE A 571 22.72 18.35 11.73
C ILE A 571 21.77 17.23 11.35
N VAL A 572 21.89 16.10 12.05
CA VAL A 572 21.31 14.83 11.60
C VAL A 572 20.09 14.50 12.46
N GLY A 573 18.93 14.47 11.81
CA GLY A 573 17.76 13.84 12.41
C GLY A 573 17.81 12.36 12.10
N MET A 574 17.43 11.55 13.09
CA MET A 574 17.43 10.11 12.87
C MET A 574 16.28 9.44 13.62
N THR A 575 15.48 8.68 12.88
CA THR A 575 14.35 7.96 13.43
C THR A 575 14.85 6.67 14.10
N GLY A 576 14.07 6.19 15.06
CA GLY A 576 14.39 4.92 15.70
C GLY A 576 13.16 4.27 16.26
N ASP A 577 13.28 2.96 16.52
CA ASP A 577 12.14 2.16 16.96
C ASP A 577 12.46 1.12 18.02
N GLY A 578 13.68 0.59 18.09
CA GLY A 578 13.96 -0.59 18.89
C GLY A 578 14.97 -0.36 20.01
N VAL A 579 15.21 -1.46 20.74
CA VAL A 579 16.09 -1.45 21.90
C VAL A 579 17.51 -1.02 21.52
N ASN A 580 17.98 -1.40 20.33
CA ASN A 580 19.35 -1.09 19.93
C ASN A 580 19.46 0.17 19.09
N ASP A 581 18.34 0.89 18.88
CA ASP A 581 18.39 2.22 18.30
C ASP A 581 18.83 3.26 19.32
N ALA A 582 18.75 2.94 20.61
CA ALA A 582 19.01 3.91 21.67
C ALA A 582 20.35 4.62 21.58
N PRO A 583 21.48 3.98 21.29
CA PRO A 583 22.72 4.77 21.21
C PRO A 583 22.77 5.67 19.98
N ALA A 584 22.22 5.21 18.86
CA ALA A 584 22.10 6.08 17.68
C ALA A 584 21.20 7.27 17.96
N LEU A 585 20.05 7.02 18.58
CA LEU A 585 19.16 8.11 19.02
C LEU A 585 19.84 9.04 20.01
N LYS A 586 20.54 8.50 20.99
CA LYS A 586 21.23 9.35 21.96
C LYS A 586 22.27 10.23 21.28
N LYS A 587 23.09 9.66 20.40
CA LYS A 587 24.16 10.41 19.78
C LYS A 587 23.70 11.28 18.61
N ALA A 588 22.55 10.96 18.00
CA ALA A 588 21.98 11.84 16.98
C ALA A 588 21.69 13.23 17.53
N ASP A 589 21.82 14.23 16.65
CA ASP A 589 21.46 15.61 16.99
C ASP A 589 19.98 15.73 17.35
N ILE A 590 19.11 15.06 16.59
CA ILE A 590 17.71 14.86 16.97
C ILE A 590 17.44 13.37 16.91
N GLY A 591 17.27 12.74 18.06
CA GLY A 591 16.69 11.42 18.11
C GLY A 591 15.18 11.46 18.03
N ILE A 592 14.61 10.75 17.07
CA ILE A 592 13.17 10.78 16.80
C ILE A 592 12.65 9.37 17.02
N ALA A 593 11.87 9.19 18.08
CA ALA A 593 11.21 7.90 18.31
C ALA A 593 9.91 7.83 17.53
N VAL A 594 9.76 6.77 16.73
CA VAL A 594 8.52 6.54 16.00
C VAL A 594 7.39 6.25 16.99
N ALA A 595 6.15 6.49 16.52
CA ALA A 595 5.00 6.46 17.42
C ALA A 595 4.90 5.13 18.16
N ASP A 596 5.18 4.02 17.48
CA ASP A 596 5.13 2.70 18.09
C ASP A 596 6.50 2.21 18.57
N ALA A 597 7.47 3.12 18.71
CA ALA A 597 8.77 2.77 19.24
C ALA A 597 8.68 2.18 20.65
N THR A 598 9.66 1.34 20.99
CA THR A 598 9.82 0.87 22.36
C THR A 598 10.06 2.04 23.30
N ASP A 599 9.61 1.88 24.54
CA ASP A 599 9.81 2.89 25.57
C ASP A 599 11.28 3.20 25.82
N ALA A 600 12.15 2.19 25.70
CA ALA A 600 13.60 2.43 25.70
C ALA A 600 14.03 3.39 24.59
N ALA A 601 13.51 3.21 23.38
CA ALA A 601 13.73 4.20 22.33
C ALA A 601 13.15 5.57 22.68
N ARG A 602 11.92 5.60 23.22
CA ARG A 602 11.34 6.87 23.67
C ARG A 602 12.19 7.55 24.75
N GLY A 603 12.74 6.79 25.69
CA GLY A 603 13.61 7.39 26.68
C GLY A 603 14.89 7.97 26.11
N ALA A 604 15.48 7.27 25.14
CA ALA A 604 16.77 7.69 24.58
C ALA A 604 16.64 8.86 23.61
N SER A 605 15.46 9.10 23.05
CA SER A 605 15.29 10.07 21.98
C SER A 605 14.98 11.46 22.51
N ASP A 606 15.57 12.47 21.87
CA ASP A 606 15.32 13.86 22.20
C ASP A 606 13.85 14.24 21.99
N ILE A 607 13.24 13.77 20.91
CA ILE A 607 11.84 14.04 20.62
C ILE A 607 11.11 12.74 20.31
N VAL A 608 9.88 12.64 20.77
CA VAL A 608 9.07 11.43 20.63
C VAL A 608 7.81 11.78 19.85
N LEU A 609 7.65 11.16 18.70
CA LEU A 609 6.41 11.29 17.94
C LEU A 609 5.28 10.53 18.63
N THR A 610 4.06 11.06 18.50
CA THR A 610 2.87 10.31 18.88
C THR A 610 1.99 10.04 17.66
N GLU A 611 2.51 10.31 16.46
CA GLU A 611 1.77 10.20 15.22
C GLU A 611 2.78 9.73 14.18
N PRO A 612 2.39 8.78 13.31
CA PRO A 612 3.39 8.06 12.53
C PRO A 612 3.65 8.67 11.16
N GLY A 613 4.87 8.45 10.69
CA GLY A 613 5.27 8.68 9.31
C GLY A 613 6.28 9.81 9.18
N LEU A 614 7.00 9.78 8.05
CA LEU A 614 7.96 10.83 7.71
C LEU A 614 7.26 12.19 7.60
N SER A 615 6.02 12.19 7.10
CA SER A 615 5.23 13.41 6.96
C SER A 615 5.07 14.17 8.27
N VAL A 616 4.86 13.45 9.38
CA VAL A 616 4.81 14.08 10.69
C VAL A 616 6.13 14.76 11.06
N ILE A 617 7.27 14.11 10.79
CA ILE A 617 8.56 14.72 11.07
C ILE A 617 8.79 16.00 10.28
N ILE A 618 8.51 15.99 8.98
CA ILE A 618 8.66 17.22 8.18
C ILE A 618 7.73 18.33 8.64
N SER A 619 6.48 17.99 8.94
CA SER A 619 5.58 19.00 9.50
C SER A 619 6.10 19.58 10.80
N ALA A 620 6.60 18.72 11.69
CA ALA A 620 7.26 19.19 12.92
C ALA A 620 8.50 20.03 12.66
N VAL A 621 9.36 19.62 11.72
CA VAL A 621 10.48 20.46 11.31
C VAL A 621 10.02 21.81 10.76
N LEU A 622 9.03 21.80 9.87
CA LEU A 622 8.49 23.04 9.33
C LEU A 622 7.87 23.94 10.40
N THR A 623 7.05 23.36 11.28
CA THR A 623 6.51 24.10 12.42
C THR A 623 7.60 24.60 13.38
N SER A 624 8.60 23.77 13.67
CA SER A 624 9.71 24.20 14.53
C SER A 624 10.48 25.40 13.98
N ARG A 625 10.76 25.43 12.68
CA ARG A 625 11.32 26.64 12.07
C ARG A 625 10.44 27.88 12.23
N ALA A 626 9.12 27.74 12.07
CA ALA A 626 8.23 28.87 12.33
C ALA A 626 8.28 29.37 13.77
N ILE A 627 8.34 28.47 14.74
CA ILE A 627 8.62 28.86 16.12
C ILE A 627 10.00 29.48 16.28
N PHE A 628 11.02 28.86 15.67
CA PHE A 628 12.39 29.35 15.78
C PHE A 628 12.57 30.75 15.19
N GLN A 629 11.85 31.07 14.11
CA GLN A 629 11.94 32.40 13.50
C GLN A 629 11.71 33.56 14.48
N ARG A 630 10.70 33.46 15.35
CA ARG A 630 10.41 34.59 16.23
C ARG A 630 11.38 34.74 17.39
N MET A 631 12.08 33.69 17.79
CA MET A 631 13.17 33.84 18.75
C MET A 631 14.30 34.70 18.19
N LYS A 632 14.69 34.47 16.94
CA LYS A 632 15.63 35.36 16.27
C LYS A 632 15.11 36.78 16.11
N ASN A 633 13.87 36.93 15.61
CA ASN A 633 13.30 38.27 15.43
C ASN A 633 13.16 39.06 16.72
N TYR A 634 12.71 38.42 17.82
CA TYR A 634 12.76 39.10 19.10
C TYR A 634 14.19 39.45 19.53
N THR A 635 15.13 38.54 19.33
CA THR A 635 16.52 38.83 19.66
C THR A 635 17.06 40.02 18.86
N ILE A 636 16.73 40.08 17.57
CA ILE A 636 17.02 41.28 16.79
C ILE A 636 16.35 42.50 17.41
N TYR A 637 15.06 42.38 17.74
CA TYR A 637 14.33 43.47 18.38
C TYR A 637 14.95 43.88 19.72
N ALA A 638 15.20 42.90 20.60
CA ALA A 638 15.75 43.18 21.92
C ALA A 638 17.13 43.84 21.84
N VAL A 639 18.01 43.33 20.99
CA VAL A 639 19.29 44.00 20.74
C VAL A 639 19.09 45.39 20.13
N SER A 640 18.22 45.50 19.12
CA SER A 640 17.97 46.78 18.47
C SER A 640 17.42 47.86 19.40
N ILE A 641 16.43 47.53 20.24
CA ILE A 641 15.97 48.49 21.23
C ILE A 641 17.09 48.86 22.21
N THR A 642 17.89 47.89 22.64
CA THR A 642 19.02 48.17 23.51
C THR A 642 20.00 49.17 22.89
N ILE A 643 20.38 48.95 21.64
CA ILE A 643 21.32 49.84 20.96
C ILE A 643 20.76 51.24 20.80
N ARG A 644 19.50 51.38 20.38
CA ARG A 644 18.93 52.72 20.19
C ARG A 644 18.84 53.50 21.49
N ILE A 645 18.43 52.85 22.58
CA ILE A 645 18.39 53.51 23.89
C ILE A 645 19.79 53.91 24.36
N VAL A 646 20.74 52.96 24.29
CA VAL A 646 22.11 53.23 24.73
C VAL A 646 22.78 54.33 23.91
N PHE A 647 22.69 54.25 22.58
CA PHE A 647 23.22 55.33 21.75
C PHE A 647 22.48 56.65 21.91
N GLY A 648 21.15 56.63 21.92
CA GLY A 648 20.42 57.88 21.82
C GLY A 648 20.55 58.92 22.93
N PHE A 649 20.23 58.52 24.17
CA PHE A 649 20.24 59.47 25.28
C PHE A 649 21.64 59.97 25.63
N MET A 650 22.65 59.10 25.61
CA MET A 650 24.02 59.56 25.82
C MET A 650 24.52 60.47 24.70
N LEU A 651 24.17 60.18 23.44
CA LEU A 651 24.63 61.02 22.33
C LEU A 651 24.09 62.45 22.39
N ILE A 652 22.80 62.63 22.71
CA ILE A 652 22.30 63.99 22.96
C ILE A 652 23.00 64.63 24.15
N ALA A 653 23.24 63.86 25.22
CA ALA A 653 24.02 64.36 26.35
C ALA A 653 25.44 64.74 25.95
N LEU A 654 26.08 63.93 25.10
CA LEU A 654 27.40 64.29 24.60
C LEU A 654 27.39 65.60 23.83
N ILE A 655 26.42 65.78 22.92
CA ILE A 655 26.45 66.92 22.02
C ILE A 655 25.76 68.15 22.63
N TRP A 656 24.59 67.97 23.23
CA TRP A 656 23.79 69.11 23.69
C TRP A 656 23.56 69.11 25.20
N GLU A 657 24.34 68.32 25.95
CA GLU A 657 24.35 68.31 27.42
C GLU A 657 22.93 68.18 28.00
N PHE A 658 22.11 67.37 27.35
CA PHE A 658 20.68 67.25 27.68
C PHE A 658 20.46 65.98 28.49
N ASP A 659 20.07 66.16 29.76
CA ASP A 659 19.79 65.06 30.66
C ASP A 659 18.37 64.56 30.45
N PHE A 660 18.22 63.29 30.09
CA PHE A 660 16.89 62.74 29.86
C PHE A 660 16.29 62.23 31.16
N SER A 661 14.95 62.22 31.22
CA SER A 661 14.23 61.74 32.41
C SER A 661 14.35 60.23 32.55
N ALA A 662 14.90 59.79 33.68
CA ALA A 662 14.93 58.37 34.02
C ALA A 662 13.53 57.75 34.14
N PHE A 663 12.60 58.48 34.77
CA PHE A 663 11.24 57.98 34.92
C PHE A 663 10.54 57.76 33.58
N MET A 664 10.72 58.68 32.62
CA MET A 664 10.17 58.48 31.29
C MET A 664 10.69 57.21 30.61
N VAL A 665 11.99 56.94 30.70
CA VAL A 665 12.53 55.67 30.20
C VAL A 665 11.94 54.48 30.95
N LEU A 666 11.78 54.61 32.26
CA LEU A 666 11.09 53.59 33.05
C LEU A 666 9.66 53.34 32.57
N ILE A 667 8.92 54.40 32.25
CA ILE A 667 7.63 54.27 31.59
C ILE A 667 7.72 53.55 30.25
N ILE A 668 8.72 53.87 29.43
CA ILE A 668 8.93 53.14 28.18
C ILE A 668 9.16 51.65 28.42
N ALA A 669 9.99 51.31 29.40
CA ALA A 669 10.26 49.91 29.73
C ALA A 669 9.02 49.14 30.16
N ILE A 670 8.20 49.72 31.04
CA ILE A 670 6.94 49.09 31.43
C ILE A 670 5.98 48.92 30.25
N LEU A 671 5.83 49.96 29.42
CA LEU A 671 5.01 49.82 28.22
C LEU A 671 5.55 48.76 27.26
N ASN A 672 6.86 48.73 27.04
CA ASN A 672 7.46 47.65 26.27
C ASN A 672 7.22 46.28 26.91
N ASP A 673 7.51 46.15 28.21
CA ASP A 673 7.31 44.90 28.93
C ASP A 673 5.86 44.42 28.89
N GLY A 674 4.90 45.34 28.99
CA GLY A 674 3.50 44.98 28.87
C GLY A 674 3.07 44.53 27.50
N THR A 675 3.81 44.88 26.44
CA THR A 675 3.40 44.59 25.09
C THR A 675 4.18 43.47 24.41
N ILE A 676 5.31 43.01 24.98
CA ILE A 676 6.16 42.07 24.26
C ILE A 676 5.74 40.61 24.45
N MET A 677 4.66 40.32 25.17
CA MET A 677 4.16 38.96 25.20
C MET A 677 3.20 38.69 24.05
N THR A 678 3.03 39.68 23.17
CA THR A 678 2.56 39.45 21.81
C THR A 678 3.53 38.56 21.05
N ILE A 679 4.84 38.81 21.21
CA ILE A 679 5.86 38.29 20.31
C ILE A 679 5.84 36.77 20.26
N SER A 680 5.68 36.12 21.41
CA SER A 680 5.57 34.67 21.44
C SER A 680 4.40 34.18 20.58
N LYS A 681 3.31 34.93 20.56
CA LYS A 681 2.07 34.51 19.92
C LYS A 681 1.93 35.04 18.49
N ASP A 682 2.99 35.58 17.91
CA ASP A 682 3.02 35.97 16.51
C ASP A 682 2.90 34.76 15.58
N ARG A 683 2.84 35.03 14.28
CA ARG A 683 2.54 34.06 13.22
C ARG A 683 3.54 34.22 12.08
N VAL A 684 4.82 34.41 12.40
CA VAL A 684 5.86 34.52 11.40
C VAL A 684 5.97 33.24 10.56
N LYS A 685 6.26 33.42 9.25
CA LYS A 685 6.41 32.30 8.34
C LYS A 685 7.79 31.65 8.53
N PRO A 686 7.86 30.31 8.48
CA PRO A 686 9.16 29.64 8.63
C PRO A 686 10.19 30.03 7.57
N SER A 687 11.45 30.07 8.00
CA SER A 687 12.57 30.12 7.08
C SER A 687 12.62 28.83 6.26
N PRO A 688 12.87 28.90 4.96
CA PRO A 688 12.91 27.67 4.15
C PRO A 688 14.19 26.87 4.35
N THR A 689 15.35 27.51 4.24
CA THR A 689 16.59 26.88 4.65
C THR A 689 16.57 26.60 6.16
N PRO A 690 17.19 25.51 6.61
CA PRO A 690 17.60 25.44 8.01
C PRO A 690 18.38 26.67 8.43
N ASP A 691 18.35 26.96 9.74
CA ASP A 691 19.10 28.07 10.32
C ASP A 691 19.58 27.67 11.71
N SER A 692 20.79 28.10 12.06
CA SER A 692 21.47 27.59 13.25
C SER A 692 21.57 28.62 14.37
N TRP A 693 20.83 29.73 14.28
CA TRP A 693 20.84 30.80 15.30
C TRP A 693 22.19 31.53 15.34
N LYS A 694 22.62 32.01 14.18
CA LYS A 694 23.81 32.86 14.13
C LYS A 694 23.59 34.17 14.88
N LEU A 695 24.14 34.26 16.10
CA LEU A 695 24.00 35.45 16.94
C LEU A 695 24.59 36.69 16.28
N LYS A 696 25.73 36.53 15.62
CA LYS A 696 26.39 37.68 14.99
C LYS A 696 25.50 38.35 13.94
N GLU A 697 24.83 37.57 13.10
CA GLU A 697 23.89 38.14 12.14
C GLU A 697 22.70 38.85 12.80
N ILE A 698 22.09 38.23 13.81
CA ILE A 698 20.98 38.92 14.50
C ILE A 698 21.47 40.14 15.27
N PHE A 699 22.62 40.07 15.93
CA PHE A 699 23.21 41.26 16.55
C PHE A 699 23.51 42.34 15.52
N ALA A 700 24.11 41.98 14.39
CA ALA A 700 24.34 42.94 13.31
C ALA A 700 23.04 43.53 12.78
N THR A 701 22.01 42.70 12.58
CA THR A 701 20.71 43.21 12.17
C THR A 701 20.12 44.19 13.19
N GLY A 702 20.21 43.86 14.47
CA GLY A 702 19.67 44.74 15.51
C GLY A 702 20.42 46.04 15.69
N VAL A 703 21.75 45.98 15.76
CA VAL A 703 22.55 47.18 15.99
C VAL A 703 22.37 48.23 14.90
N VAL A 704 22.37 47.82 13.63
CA VAL A 704 22.14 48.80 12.55
C VAL A 704 20.73 49.40 12.62
N LEU A 705 19.72 48.57 12.91
CA LEU A 705 18.37 49.11 13.11
C LEU A 705 18.29 50.05 14.31
N GLY A 706 18.94 49.69 15.42
CA GLY A 706 18.96 50.56 16.58
C GLY A 706 19.76 51.83 16.37
N GLY A 707 20.90 51.73 15.69
CA GLY A 707 21.68 52.91 15.36
C GLY A 707 20.95 53.91 14.47
N TYR A 708 20.26 53.41 13.44
CA TYR A 708 19.40 54.26 12.63
C TYR A 708 18.32 54.96 13.46
N GLN A 709 17.65 54.21 14.34
CA GLN A 709 16.65 54.80 15.21
C GLN A 709 17.25 55.84 16.16
N ALA A 710 18.40 55.55 16.75
CA ALA A 710 19.13 56.54 17.54
C ALA A 710 19.53 57.77 16.73
N ILE A 711 20.03 57.57 15.51
CA ILE A 711 20.34 58.70 14.63
C ILE A 711 19.10 59.54 14.32
N MET A 712 17.97 58.91 14.01
CA MET A 712 16.75 59.67 13.80
C MET A 712 16.20 60.31 15.07
N THR A 713 16.45 59.72 16.23
CA THR A 713 16.17 60.39 17.50
C THR A 713 17.02 61.65 17.68
N VAL A 714 18.32 61.55 17.41
CA VAL A 714 19.22 62.70 17.47
C VAL A 714 18.82 63.79 16.48
N ILE A 715 18.49 63.40 15.24
CA ILE A 715 17.96 64.36 14.27
C ILE A 715 16.69 65.04 14.77
N PHE A 716 15.77 64.28 15.36
CA PHE A 716 14.58 64.90 15.97
C PHE A 716 14.93 65.91 17.06
N PHE A 717 15.85 65.57 17.96
CA PHE A 717 16.26 66.50 19.00
C PHE A 717 16.87 67.78 18.43
N TRP A 718 17.81 67.65 17.50
CA TRP A 718 18.43 68.82 16.87
C TRP A 718 17.40 69.68 16.14
N ALA A 719 16.47 69.05 15.42
CA ALA A 719 15.43 69.78 14.70
C ALA A 719 14.59 70.66 15.63
N ALA A 720 14.37 70.24 16.86
CA ALA A 720 13.57 70.99 17.83
C ALA A 720 14.41 71.63 18.93
N HIS A 721 15.69 71.86 18.69
CA HIS A 721 16.52 72.53 19.68
C HIS A 721 17.42 73.61 19.09
N LYS A 722 18.57 73.22 18.53
CA LYS A 722 19.47 74.20 17.93
C LYS A 722 18.85 74.93 16.75
N THR A 723 18.17 74.19 15.86
CA THR A 723 17.56 74.81 14.69
C THR A 723 16.05 74.99 14.85
N ASP A 724 15.48 75.80 13.95
CA ASP A 724 14.11 76.26 14.02
C ASP A 724 13.19 75.40 13.17
N PHE A 725 13.76 74.41 12.47
CA PHE A 725 13.07 73.71 11.38
C PHE A 725 11.76 73.07 11.84
N PHE A 726 11.76 72.43 13.00
CA PHE A 726 10.58 71.71 13.46
C PHE A 726 9.36 72.62 13.63
N SER A 727 9.56 73.85 14.11
CA SER A 727 8.46 74.79 14.26
C SER A 727 8.36 75.77 13.10
N ASP A 728 9.36 75.82 12.23
CA ASP A 728 9.24 76.58 10.98
C ASP A 728 8.09 76.07 10.12
N THR A 729 7.95 74.75 9.99
CA THR A 729 6.80 74.15 9.29
C THR A 729 5.70 73.75 10.28
N PHE A 730 4.59 74.49 10.23
CA PHE A 730 3.38 74.18 11.00
C PHE A 730 3.65 74.12 12.50
N GLY A 731 4.25 75.20 13.03
CA GLY A 731 4.53 75.26 14.45
C GLY A 731 3.31 75.64 15.27
N VAL A 732 2.50 74.65 15.64
CA VAL A 732 1.41 74.89 16.59
C VAL A 732 1.98 75.35 17.93
N ARG A 733 3.05 74.73 18.38
CA ARG A 733 3.93 75.31 19.38
C ARG A 733 5.32 75.48 18.79
N SER A 734 6.20 76.13 19.56
CA SER A 734 7.59 76.27 19.17
C SER A 734 8.45 76.22 20.42
N ILE A 735 9.48 75.37 20.40
CA ILE A 735 10.32 75.14 21.56
C ILE A 735 11.75 74.93 21.10
N ARG A 736 12.69 75.35 21.94
CA ARG A 736 14.11 75.08 21.76
C ARG A 736 14.67 74.65 23.11
N ASP A 737 14.69 75.57 24.07
CA ASP A 737 15.26 75.35 25.38
C ASP A 737 14.20 75.02 26.44
N ASN A 738 12.96 74.76 26.03
CA ASN A 738 11.88 74.37 26.94
C ASN A 738 12.01 72.88 27.24
N ASN A 739 13.03 72.55 28.04
CA ASN A 739 13.49 71.18 28.21
C ASN A 739 12.41 70.22 28.69
N HIS A 740 11.60 70.62 29.68
CA HIS A 740 10.55 69.71 30.15
C HIS A 740 9.50 69.40 29.08
N GLU A 741 9.08 70.41 28.31
CA GLU A 741 8.29 70.12 27.11
C GLU A 741 9.10 69.37 26.06
N LEU A 742 10.35 69.76 25.84
CA LEU A 742 11.17 69.11 24.81
C LEU A 742 11.37 67.61 25.03
N MET A 743 11.67 67.19 26.26
CA MET A 743 11.90 65.76 26.46
C MET A 743 10.62 64.94 26.48
N GLY A 744 9.47 65.55 26.71
CA GLY A 744 8.20 64.87 26.48
C GLY A 744 7.99 64.51 25.03
N ALA A 745 8.35 65.42 24.12
CA ALA A 745 8.36 65.10 22.69
C ALA A 745 9.35 63.99 22.35
N VAL A 746 10.56 64.06 22.92
CA VAL A 746 11.56 63.00 22.70
C VAL A 746 11.04 61.64 23.20
N TYR A 747 10.42 61.61 24.38
CA TYR A 747 9.78 60.39 24.85
C TYR A 747 8.77 59.82 23.87
N LEU A 748 7.87 60.66 23.36
CA LEU A 748 6.85 60.20 22.43
C LEU A 748 7.44 59.67 21.12
N GLN A 749 8.42 60.37 20.56
CA GLN A 749 9.10 59.91 19.35
C GLN A 749 9.80 58.56 19.54
N VAL A 750 10.56 58.42 20.63
CA VAL A 750 11.23 57.16 20.94
C VAL A 750 10.26 56.01 21.13
N SER A 751 9.16 56.23 21.86
CA SER A 751 8.21 55.15 22.13
C SER A 751 7.57 54.58 20.88
N ILE A 752 7.09 55.43 19.97
CA ILE A 752 6.42 54.93 18.76
C ILE A 752 7.38 54.13 17.88
N ILE A 753 8.58 54.67 17.64
CA ILE A 753 9.58 53.96 16.84
C ILE A 753 10.01 52.65 17.49
N SER A 754 10.18 52.64 18.82
CA SER A 754 10.47 51.39 19.52
C SER A 754 9.37 50.34 19.36
N GLN A 755 8.10 50.74 19.47
CA GLN A 755 7.01 49.79 19.23
C GLN A 755 6.95 49.36 17.77
N ALA A 756 7.13 50.29 16.83
CA ALA A 756 7.12 49.97 15.41
C ALA A 756 8.19 48.97 15.01
N LEU A 757 9.36 49.01 15.67
CA LEU A 757 10.45 48.07 15.39
C LEU A 757 10.03 46.60 15.48
N ILE A 758 9.04 46.26 16.31
CA ILE A 758 8.52 44.90 16.30
C ILE A 758 8.00 44.50 14.92
N PHE A 759 7.26 45.40 14.27
CA PHE A 759 6.78 45.14 12.92
C PHE A 759 7.90 44.98 11.91
N VAL A 760 8.96 45.78 12.03
CA VAL A 760 10.14 45.60 11.18
C VAL A 760 10.84 44.27 11.46
N THR A 761 11.15 43.99 12.73
CA THR A 761 11.93 42.79 13.05
C THR A 761 11.20 41.50 12.73
N ARG A 762 9.89 41.43 13.00
CA ARG A 762 9.14 40.22 12.65
C ARG A 762 9.11 39.97 11.14
N SER A 763 9.04 41.03 10.35
CA SER A 763 8.85 40.88 8.91
C SER A 763 10.16 40.64 8.19
N ARG A 764 10.13 39.72 7.22
CA ARG A 764 11.29 39.46 6.38
C ARG A 764 11.26 40.29 5.11
N SER A 765 10.05 40.56 4.58
CA SER A 765 9.84 41.51 3.51
C SER A 765 9.40 42.85 4.09
N TRP A 766 8.65 43.64 3.31
CA TRP A 766 8.13 44.90 3.83
C TRP A 766 7.21 44.65 5.03
N SER A 767 7.35 45.52 6.03
CA SER A 767 6.53 45.42 7.24
C SER A 767 5.05 45.59 6.94
N PHE A 768 4.70 46.52 6.05
CA PHE A 768 3.33 46.66 5.58
C PHE A 768 2.82 45.40 4.87
N VAL A 769 3.64 44.80 4.02
CA VAL A 769 3.21 43.63 3.25
C VAL A 769 2.86 42.45 4.17
N GLU A 770 3.68 42.17 5.17
CA GLU A 770 3.39 41.08 6.10
C GLU A 770 2.43 41.54 7.20
N ARG A 771 1.22 40.97 7.18
CA ARG A 771 0.14 41.42 8.04
C ARG A 771 0.49 41.24 9.51
N PRO A 772 0.18 42.21 10.37
CA PRO A 772 0.60 42.13 11.79
C PRO A 772 -0.22 41.15 12.63
N GLY A 773 -1.52 41.07 12.35
CA GLY A 773 -2.50 40.50 13.26
C GLY A 773 -2.94 41.45 14.35
N ALA A 774 -4.14 41.16 14.87
CA ALA A 774 -4.81 42.06 15.80
C ALA A 774 -4.04 42.31 17.10
N LEU A 775 -3.48 41.26 17.69
CA LEU A 775 -2.83 41.40 19.00
C LEU A 775 -1.67 42.38 18.96
N LEU A 776 -0.80 42.28 17.95
CA LEU A 776 0.31 43.22 17.81
C LEU A 776 -0.17 44.66 17.58
N MET A 777 -1.15 44.86 16.70
CA MET A 777 -1.74 46.18 16.53
C MET A 777 -2.37 46.71 17.80
N ILE A 778 -3.16 45.89 18.49
CA ILE A 778 -3.75 46.33 19.76
C ILE A 778 -2.67 46.67 20.80
N ALA A 779 -1.65 45.83 20.91
CA ALA A 779 -0.53 46.15 21.79
C ALA A 779 0.19 47.43 21.39
N PHE A 780 0.44 47.62 20.09
CA PHE A 780 0.98 48.89 19.60
C PHE A 780 0.06 50.07 19.85
N LEU A 781 -1.21 49.96 19.42
CA LEU A 781 -2.14 51.10 19.53
C LEU A 781 -2.42 51.49 20.98
N ILE A 782 -2.69 50.52 21.85
CA ILE A 782 -2.93 50.82 23.27
C ILE A 782 -1.71 51.44 23.92
N ALA A 783 -0.53 50.87 23.70
CA ALA A 783 0.69 51.44 24.26
C ALA A 783 0.97 52.84 23.74
N GLN A 784 0.82 53.07 22.44
CA GLN A 784 1.07 54.40 21.87
C GLN A 784 -0.04 55.41 22.10
N LEU A 785 -1.28 54.96 22.30
CA LEU A 785 -2.30 55.87 22.84
C LEU A 785 -1.93 56.38 24.22
N ILE A 786 -1.53 55.46 25.11
CA ILE A 786 -1.04 55.85 26.43
C ILE A 786 0.20 56.74 26.33
N ALA A 787 1.16 56.36 25.48
CA ALA A 787 2.33 57.20 25.28
C ALA A 787 1.97 58.59 24.75
N THR A 788 1.06 58.68 23.79
CA THR A 788 0.57 59.98 23.33
C THR A 788 -0.08 60.79 24.44
N LEU A 789 -0.97 60.17 25.21
CA LEU A 789 -1.65 60.84 26.32
C LEU A 789 -0.70 61.38 27.38
N ILE A 790 0.31 60.60 27.77
CA ILE A 790 1.35 61.11 28.67
C ILE A 790 2.08 62.30 28.06
N ALA A 791 2.47 62.20 26.79
CA ALA A 791 3.17 63.31 26.14
C ALA A 791 2.33 64.59 26.06
N VAL A 792 1.06 64.48 25.69
CA VAL A 792 0.17 65.65 25.65
C VAL A 792 -0.14 66.22 27.05
N TYR A 793 -0.40 65.39 28.05
CA TYR A 793 -1.01 65.90 29.27
C TYR A 793 -0.18 65.84 30.55
N ALA A 794 1.00 65.23 30.56
CA ALA A 794 1.71 65.03 31.83
C ALA A 794 2.55 66.26 32.19
N ASN A 795 2.03 67.06 33.13
CA ASN A 795 2.79 68.13 33.78
C ASN A 795 3.35 67.58 35.10
N TRP A 796 4.52 66.96 35.04
CA TRP A 796 5.13 66.36 36.23
C TRP A 796 6.54 66.90 36.43
N GLU A 797 6.72 67.77 37.44
CA GLU A 797 8.02 68.31 37.74
C GLU A 797 8.98 67.22 38.21
N PHE A 798 8.45 66.23 38.93
CA PHE A 798 9.24 65.07 39.35
C PHE A 798 9.87 64.36 38.16
N ALA A 799 9.09 64.15 37.11
CA ALA A 799 9.58 63.44 35.93
C ALA A 799 10.15 64.37 34.87
N LYS A 800 10.30 65.66 35.19
CA LYS A 800 10.92 66.65 34.32
C LYS A 800 10.17 66.80 33.00
N ILE A 801 8.85 66.59 33.01
CA ILE A 801 8.08 66.48 31.79
C ILE A 801 6.89 67.43 31.88
N ARG A 802 6.62 68.15 30.78
CA ARG A 802 5.51 69.08 30.70
C ARG A 802 4.70 68.77 29.46
N GLY A 803 3.37 68.71 29.60
CA GLY A 803 2.48 68.36 28.52
C GLY A 803 2.59 69.23 27.29
N ILE A 804 2.81 68.62 26.13
CA ILE A 804 3.01 69.33 24.87
C ILE A 804 1.94 68.87 23.87
N GLY A 805 1.16 69.83 23.38
CA GLY A 805 -0.12 69.61 22.71
C GLY A 805 -0.26 68.54 21.63
N TRP A 806 -1.51 68.14 21.40
CA TRP A 806 -1.85 67.14 20.40
C TRP A 806 -1.37 67.51 19.00
N GLY A 807 -1.48 68.79 18.64
CA GLY A 807 -0.97 69.23 17.34
C GLY A 807 0.51 69.00 17.17
N TRP A 808 1.30 69.36 18.18
CA TRP A 808 2.72 69.03 18.17
C TRP A 808 2.95 67.52 18.15
N ALA A 809 2.22 66.80 19.01
CA ALA A 809 2.31 65.34 19.05
C ALA A 809 1.96 64.68 17.71
N GLY A 810 0.95 65.21 17.02
CA GLY A 810 0.67 64.77 15.66
C GLY A 810 1.84 64.89 14.70
N VAL A 811 2.60 65.98 14.80
CA VAL A 811 3.85 66.10 14.04
C VAL A 811 4.87 65.03 14.45
N ILE A 812 4.98 64.75 15.75
CA ILE A 812 5.83 63.66 16.20
C ILE A 812 5.35 62.32 15.64
N TRP A 813 4.04 62.08 15.66
CA TRP A 813 3.48 60.90 15.00
C TRP A 813 3.82 60.86 13.51
N LEU A 814 3.64 61.99 12.82
CA LEU A 814 4.01 62.08 11.40
C LEU A 814 5.50 61.85 11.18
N TYR A 815 6.35 62.48 11.99
CA TYR A 815 7.79 62.26 11.90
C TYR A 815 8.17 60.80 12.11
N SER A 816 7.56 60.15 13.11
CA SER A 816 7.77 58.72 13.33
C SER A 816 7.31 57.86 12.16
N ILE A 817 6.15 58.18 11.58
CA ILE A 817 5.67 57.48 10.38
C ILE A 817 6.65 57.55 9.21
N VAL A 818 7.17 58.74 8.92
CA VAL A 818 8.10 58.82 7.79
C VAL A 818 9.51 58.29 8.12
N THR A 819 9.89 58.33 9.39
CA THR A 819 11.10 57.63 9.84
C THR A 819 10.98 56.11 9.68
N TYR A 820 9.81 55.56 9.98
CA TYR A 820 9.56 54.12 9.97
C TYR A 820 9.82 53.44 8.61
N PHE A 821 9.38 54.03 7.50
CA PHE A 821 9.51 53.32 6.22
C PHE A 821 10.92 52.91 5.82
N PRO A 822 11.97 53.74 5.96
CA PRO A 822 13.31 53.25 5.60
C PRO A 822 13.94 52.27 6.59
N LEU A 823 13.26 51.90 7.68
CA LEU A 823 13.75 50.84 8.55
C LEU A 823 13.83 49.50 7.81
N ASP A 824 12.81 49.20 7.00
CA ASP A 824 12.84 48.01 6.14
C ASP A 824 13.99 48.04 5.14
N VAL A 825 14.24 49.17 4.50
CA VAL A 825 15.38 49.27 3.59
C VAL A 825 16.69 49.00 4.31
N PHE A 826 16.86 49.59 5.50
CA PHE A 826 17.99 49.26 6.36
C PHE A 826 18.00 47.78 6.76
N LYS A 827 16.83 47.25 7.13
CA LYS A 827 16.72 45.82 7.44
C LYS A 827 17.10 44.93 6.27
N PHE A 828 16.62 45.24 5.06
CA PHE A 828 17.04 44.51 3.87
C PHE A 828 18.55 44.62 3.64
N ALA A 829 19.10 45.82 3.77
CA ALA A 829 20.53 46.05 3.55
C ALA A 829 21.43 45.25 4.49
N ILE A 830 21.11 45.19 5.78
CA ILE A 830 21.94 44.42 6.70
C ILE A 830 21.83 42.92 6.46
N ARG A 831 20.63 42.41 6.13
CA ARG A 831 20.48 40.97 5.99
C ARG A 831 20.62 40.52 4.55
N TYR A 832 20.90 41.44 3.63
CA TYR A 832 21.46 41.06 2.33
C TYR A 832 22.81 40.38 2.49
N ILE A 833 23.66 40.89 3.38
CA ILE A 833 25.01 40.36 3.54
C ILE A 833 25.09 39.37 4.70
N VAL B 1 -48.05 -26.64 -5.08
CA VAL B 1 -47.10 -27.36 -4.24
C VAL B 1 -47.50 -27.21 -2.77
N ASP B 2 -46.78 -27.93 -1.90
CA ASP B 2 -47.17 -27.98 -0.49
C ASP B 2 -46.79 -26.72 0.28
N LEU B 3 -45.83 -25.95 -0.24
CA LEU B 3 -45.46 -24.69 0.39
C LEU B 3 -46.28 -23.58 -0.25
N GLU B 4 -45.76 -22.97 -1.32
CA GLU B 4 -46.48 -22.01 -2.14
C GLU B 4 -46.87 -20.81 -1.26
N LYS B 5 -48.15 -20.50 -1.11
CA LYS B 5 -48.60 -19.36 -0.33
C LYS B 5 -48.95 -19.72 1.11
N ILE B 6 -48.67 -20.95 1.54
CA ILE B 6 -48.94 -21.37 2.91
C ILE B 6 -47.59 -21.57 3.61
N PRO B 7 -47.26 -20.75 4.63
CA PRO B 7 -45.90 -20.80 5.18
C PRO B 7 -45.66 -22.04 6.04
N ILE B 8 -46.59 -22.28 6.99
CA ILE B 8 -46.65 -23.47 7.85
C ILE B 8 -45.27 -23.90 8.33
N GLU B 9 -44.51 -22.94 8.85
CA GLU B 9 -43.15 -23.19 9.33
C GLU B 9 -43.10 -24.21 10.47
N GLU B 10 -44.03 -24.09 11.43
CA GLU B 10 -44.01 -24.90 12.65
C GLU B 10 -44.03 -26.41 12.40
N VAL B 11 -44.87 -26.89 11.49
CA VAL B 11 -44.88 -28.33 11.21
C VAL B 11 -43.75 -28.76 10.27
N PHE B 12 -43.41 -27.94 9.28
CA PHE B 12 -42.37 -28.31 8.33
C PHE B 12 -40.99 -28.50 8.96
N GLN B 13 -40.57 -27.61 9.86
CA GLN B 13 -39.34 -27.88 10.61
C GLN B 13 -39.48 -29.10 11.51
N GLN B 14 -40.56 -29.19 12.28
CA GLN B 14 -40.63 -30.23 13.31
C GLN B 14 -41.00 -31.61 12.76
N LEU B 15 -41.65 -31.69 11.60
CA LEU B 15 -42.11 -32.97 11.10
C LEU B 15 -41.63 -33.25 9.67
N LYS B 16 -41.91 -32.33 8.74
CA LYS B 16 -41.63 -32.58 7.33
C LYS B 16 -40.15 -32.84 7.07
N CYS B 17 -39.26 -32.05 7.69
CA CYS B 17 -37.85 -32.40 7.70
C CYS B 17 -37.41 -32.96 9.05
N SER B 18 -38.24 -32.86 10.08
CA SER B 18 -37.97 -33.41 11.41
C SER B 18 -36.66 -32.90 12.01
N ARG B 19 -36.29 -31.65 11.73
CA ARG B 19 -34.97 -31.14 12.09
C ARG B 19 -35.02 -29.63 12.17
N GLU B 20 -34.06 -29.08 12.90
CA GLU B 20 -33.88 -27.65 13.10
C GLU B 20 -32.83 -27.06 12.17
N GLY B 21 -32.37 -27.85 11.20
CA GLY B 21 -31.45 -27.38 10.18
C GLY B 21 -30.00 -27.66 10.45
N LEU B 22 -29.69 -28.58 11.37
CA LEU B 22 -28.34 -28.87 11.80
C LEU B 22 -27.81 -30.18 11.21
N THR B 23 -28.62 -30.81 10.36
CA THR B 23 -28.46 -32.15 9.79
C THR B 23 -27.02 -32.67 9.69
N THR B 24 -26.77 -33.83 10.28
CA THR B 24 -25.46 -34.47 10.22
C THR B 24 -25.25 -35.16 8.87
N GLN B 25 -23.98 -35.36 8.52
CA GLN B 25 -23.62 -35.79 7.18
C GLN B 25 -24.25 -37.13 6.80
N GLU B 26 -24.26 -38.10 7.72
CA GLU B 26 -25.00 -39.33 7.49
C GLU B 26 -26.49 -39.06 7.30
N GLY B 27 -27.05 -38.16 8.10
CA GLY B 27 -28.44 -37.77 7.89
C GLY B 27 -28.67 -37.10 6.55
N GLU B 28 -27.76 -36.23 6.14
CA GLU B 28 -27.82 -35.64 4.80
C GLU B 28 -27.79 -36.70 3.71
N ASP B 29 -26.88 -37.67 3.82
CA ASP B 29 -26.86 -38.79 2.90
C ASP B 29 -28.14 -39.62 2.98
N ARG B 30 -28.60 -39.92 4.19
CA ARG B 30 -29.85 -40.67 4.34
C ARG B 30 -31.04 -39.91 3.76
N ILE B 31 -31.08 -38.59 3.94
CA ILE B 31 -32.19 -37.79 3.43
C ILE B 31 -31.88 -37.29 2.03
N GLN B 32 -30.84 -37.84 1.40
CA GLN B 32 -30.48 -37.46 0.04
C GLN B 32 -31.37 -38.19 -0.97
N ILE B 33 -32.64 -38.41 -0.60
CA ILE B 33 -33.60 -39.05 -1.50
C ILE B 33 -34.23 -38.05 -2.46
N PHE B 34 -33.90 -36.77 -2.32
CA PHE B 34 -34.30 -35.74 -3.27
C PHE B 34 -33.23 -35.52 -4.33
N GLY B 35 -32.15 -36.29 -4.27
CA GLY B 35 -31.06 -36.27 -5.21
C GLY B 35 -30.10 -35.10 -5.10
N PRO B 36 -29.17 -35.02 -6.05
CA PRO B 36 -28.08 -34.05 -5.93
C PRO B 36 -28.21 -32.84 -6.86
N ASN B 37 -29.44 -32.53 -7.30
CA ASN B 37 -29.73 -31.27 -7.99
C ASN B 37 -29.10 -31.22 -9.38
N LYS B 38 -28.31 -32.23 -9.75
CA LYS B 38 -27.26 -32.06 -10.75
C LYS B 38 -27.80 -31.68 -12.12
N LEU B 39 -28.89 -32.31 -12.56
CA LEU B 39 -29.30 -32.31 -13.97
C LEU B 39 -28.22 -32.95 -14.84
N GLU B 40 -28.01 -34.24 -14.59
CA GLU B 40 -26.73 -34.91 -14.78
C GLU B 40 -26.17 -34.81 -16.19
N GLU B 41 -27.05 -34.70 -17.21
CA GLU B 41 -26.66 -34.53 -18.62
C GLU B 41 -26.28 -35.86 -19.28
N LYS B 42 -25.48 -36.66 -18.59
CA LYS B 42 -25.20 -38.03 -19.05
C LYS B 42 -26.50 -38.80 -19.27
N LYS B 43 -26.53 -39.58 -20.36
CA LYS B 43 -27.77 -40.17 -20.82
C LYS B 43 -27.49 -41.47 -21.57
N GLU B 44 -28.52 -42.31 -21.63
CA GLU B 44 -28.51 -43.66 -22.19
C GLU B 44 -28.46 -43.71 -23.71
N SER B 45 -28.73 -42.60 -24.39
CA SER B 45 -28.65 -42.55 -25.85
C SER B 45 -27.28 -42.09 -26.35
N LYS B 46 -26.40 -41.64 -25.46
CA LYS B 46 -25.07 -41.14 -25.84
C LYS B 46 -23.97 -42.00 -25.22
N LEU B 47 -24.26 -43.29 -25.00
CA LEU B 47 -23.26 -44.29 -24.64
C LEU B 47 -22.05 -44.27 -25.57
N LEU B 48 -20.97 -44.92 -25.11
CA LEU B 48 -19.68 -44.89 -25.80
C LEU B 48 -19.75 -45.38 -27.25
N LYS B 49 -20.64 -46.33 -27.54
CA LYS B 49 -20.86 -46.77 -28.91
C LYS B 49 -21.32 -45.64 -29.82
N PHE B 50 -22.25 -44.81 -29.36
CA PHE B 50 -22.57 -43.58 -30.11
C PHE B 50 -21.37 -42.65 -30.24
N LEU B 51 -20.65 -42.42 -29.13
CA LEU B 51 -19.54 -41.47 -29.13
C LEU B 51 -18.44 -41.88 -30.11
N GLY B 52 -18.07 -43.17 -30.10
CA GLY B 52 -17.10 -43.67 -31.06
C GLY B 52 -17.56 -43.61 -32.52
N PHE B 53 -18.81 -43.98 -32.77
CA PHE B 53 -19.39 -43.81 -34.10
C PHE B 53 -19.47 -42.36 -34.56
N MET B 54 -19.96 -41.45 -33.71
CA MET B 54 -20.27 -40.11 -34.19
C MET B 54 -19.02 -39.37 -34.68
N TRP B 55 -19.16 -38.71 -35.83
CA TRP B 55 -18.05 -37.98 -36.46
C TRP B 55 -18.60 -37.01 -37.49
N ASN B 56 -17.71 -36.15 -37.98
CA ASN B 56 -18.07 -34.98 -38.78
C ASN B 56 -18.28 -35.29 -40.26
N PRO B 57 -18.80 -34.30 -41.03
CA PRO B 57 -18.73 -34.31 -42.51
C PRO B 57 -17.46 -34.81 -43.16
N LEU B 58 -16.30 -34.38 -42.68
CA LEU B 58 -15.04 -34.87 -43.25
C LEU B 58 -14.93 -36.39 -43.15
N SER B 59 -15.29 -36.95 -42.00
CA SER B 59 -15.38 -38.41 -41.87
C SER B 59 -16.47 -39.01 -42.76
N TRP B 60 -17.61 -38.33 -42.91
CA TRP B 60 -18.57 -38.73 -43.93
C TRP B 60 -18.00 -38.70 -45.33
N VAL B 61 -17.22 -37.67 -45.68
CA VAL B 61 -16.48 -37.68 -46.94
C VAL B 61 -15.45 -38.80 -47.03
N MET B 62 -14.75 -39.08 -45.93
CA MET B 62 -13.94 -40.30 -45.84
C MET B 62 -14.75 -41.58 -45.99
N GLU B 63 -15.94 -41.63 -45.39
CA GLU B 63 -16.85 -42.75 -45.63
C GLU B 63 -17.27 -42.86 -47.09
N MET B 64 -17.54 -41.72 -47.74
CA MET B 64 -17.81 -41.74 -49.18
C MET B 64 -16.63 -42.25 -50.00
N ALA B 65 -15.41 -41.83 -49.67
CA ALA B 65 -14.22 -42.37 -50.33
C ALA B 65 -14.10 -43.88 -50.16
N ALA B 66 -14.30 -44.39 -48.96
CA ALA B 66 -14.34 -45.84 -48.76
C ALA B 66 -15.46 -46.51 -49.54
N ILE B 67 -16.66 -45.93 -49.50
CA ILE B 67 -17.79 -46.41 -50.31
C ILE B 67 -17.47 -46.35 -51.80
N MET B 68 -16.90 -45.24 -52.27
CA MET B 68 -16.44 -45.18 -53.65
C MET B 68 -15.37 -46.23 -53.99
N ALA B 69 -14.44 -46.49 -53.06
CA ALA B 69 -13.44 -47.52 -53.30
C ALA B 69 -14.03 -48.91 -53.49
N ILE B 70 -14.94 -49.33 -52.62
CA ILE B 70 -15.66 -50.58 -52.85
C ILE B 70 -16.57 -50.50 -54.08
N ALA B 71 -17.37 -49.43 -54.19
CA ALA B 71 -18.31 -49.31 -55.31
C ALA B 71 -17.62 -49.17 -56.67
N LEU B 72 -16.63 -48.28 -56.80
CA LEU B 72 -16.13 -47.92 -58.12
C LEU B 72 -14.66 -48.20 -58.37
N ALA B 73 -13.89 -48.67 -57.39
CA ALA B 73 -12.49 -48.96 -57.62
C ALA B 73 -12.27 -50.46 -57.86
N ASN B 74 -13.36 -51.22 -58.04
CA ASN B 74 -13.31 -52.57 -58.57
C ASN B 74 -13.15 -52.51 -60.09
N GLY B 75 -11.96 -52.07 -60.50
CA GLY B 75 -11.56 -52.15 -61.89
C GLY B 75 -10.19 -52.78 -61.99
N ASP B 76 -9.54 -52.92 -60.84
CA ASP B 76 -8.18 -53.45 -60.73
C ASP B 76 -8.19 -54.79 -60.01
N GLY B 77 -9.34 -55.47 -60.02
CA GLY B 77 -9.62 -56.71 -59.35
C GLY B 77 -9.80 -56.64 -57.83
N ARG B 78 -9.87 -57.83 -57.26
CA ARG B 78 -10.19 -58.00 -55.84
C ARG B 78 -9.25 -57.34 -54.83
N PRO B 79 -7.92 -57.37 -54.96
CA PRO B 79 -7.08 -56.93 -53.83
C PRO B 79 -7.13 -55.43 -53.56
N PRO B 80 -7.16 -54.55 -54.57
CA PRO B 80 -7.34 -53.13 -54.22
C PRO B 80 -8.73 -52.83 -53.71
N ASP B 81 -9.74 -53.47 -54.30
CA ASP B 81 -11.12 -53.36 -53.86
C ASP B 81 -11.32 -53.75 -52.40
N TRP B 82 -10.76 -54.90 -51.99
CA TRP B 82 -10.74 -55.29 -50.58
C TRP B 82 -9.92 -54.35 -49.70
N GLN B 83 -8.67 -54.10 -50.05
CA GLN B 83 -7.76 -53.37 -49.16
C GLN B 83 -8.16 -51.92 -48.90
N ASP B 84 -8.55 -51.19 -49.93
CA ASP B 84 -8.92 -49.78 -49.73
C ASP B 84 -10.13 -49.60 -48.83
N PHE B 85 -11.19 -50.41 -49.02
CA PHE B 85 -12.34 -50.29 -48.14
C PHE B 85 -12.02 -50.57 -46.68
N VAL B 86 -11.31 -51.67 -46.40
CA VAL B 86 -10.88 -51.93 -45.03
C VAL B 86 -9.83 -50.92 -44.54
N GLY B 87 -8.91 -50.51 -45.42
CA GLY B 87 -7.87 -49.57 -45.02
C GLY B 87 -8.37 -48.22 -44.58
N ILE B 88 -9.27 -47.61 -45.36
CA ILE B 88 -9.87 -46.33 -44.97
C ILE B 88 -10.66 -46.47 -43.67
N ILE B 89 -11.47 -47.52 -43.55
CA ILE B 89 -12.18 -47.79 -42.30
C ILE B 89 -11.22 -48.05 -41.14
N CYS B 90 -10.12 -48.78 -41.39
CA CYS B 90 -9.09 -48.92 -40.35
C CYS B 90 -8.54 -47.57 -39.87
N LEU B 91 -8.27 -46.65 -40.78
CA LEU B 91 -7.89 -45.29 -40.37
C LEU B 91 -8.96 -44.61 -39.54
N LEU B 92 -10.22 -44.64 -40.00
CA LEU B 92 -11.31 -44.04 -39.24
C LEU B 92 -11.47 -44.66 -37.86
N VAL B 93 -11.41 -46.00 -37.76
CA VAL B 93 -11.47 -46.66 -36.46
C VAL B 93 -10.34 -46.22 -35.54
N ILE B 94 -9.12 -46.16 -36.07
CA ILE B 94 -7.99 -45.61 -35.32
C ILE B 94 -8.18 -44.14 -34.99
N ASN B 95 -8.66 -43.35 -35.94
CA ASN B 95 -8.93 -41.94 -35.69
C ASN B 95 -9.91 -41.72 -34.52
N SER B 96 -11.02 -42.47 -34.50
CA SER B 96 -11.95 -42.38 -33.37
C SER B 96 -11.32 -42.81 -32.05
N THR B 97 -10.54 -43.89 -32.06
CA THR B 97 -9.89 -44.36 -30.84
C THR B 97 -8.97 -43.31 -30.22
N ILE B 98 -8.13 -42.68 -31.04
CA ILE B 98 -7.24 -41.62 -30.52
C ILE B 98 -7.98 -40.32 -30.25
N SER B 99 -8.96 -39.96 -31.08
CA SER B 99 -9.69 -38.70 -30.88
C SER B 99 -10.42 -38.65 -29.55
N PHE B 100 -11.18 -39.69 -29.23
CA PHE B 100 -12.05 -39.66 -28.05
C PHE B 100 -11.38 -40.05 -26.74
N ILE B 101 -10.30 -40.83 -26.76
CA ILE B 101 -9.49 -41.01 -25.55
C ILE B 101 -8.86 -39.69 -25.10
N GLU B 102 -8.32 -38.91 -26.05
CA GLU B 102 -7.72 -37.63 -25.70
C GLU B 102 -8.75 -36.65 -25.14
N GLU B 103 -9.91 -36.55 -25.79
CA GLU B 103 -11.02 -35.79 -25.23
C GLU B 103 -11.51 -36.34 -23.89
N ASN B 104 -11.61 -37.65 -23.76
CA ASN B 104 -11.90 -38.25 -22.45
C ASN B 104 -10.85 -37.85 -21.40
N ASN B 105 -9.58 -37.95 -21.76
CA ASN B 105 -8.51 -37.55 -20.83
C ASN B 105 -8.60 -36.06 -20.48
N ALA B 106 -8.80 -35.21 -21.49
CA ALA B 106 -9.03 -33.78 -21.25
C ALA B 106 -10.28 -33.52 -20.41
N GLY B 107 -11.38 -34.23 -20.71
CA GLY B 107 -12.57 -34.10 -19.88
C GLY B 107 -12.39 -34.54 -18.44
N ASN B 108 -11.63 -35.62 -18.24
CA ASN B 108 -11.30 -36.05 -16.88
C ASN B 108 -10.52 -34.99 -16.12
N ALA B 109 -9.54 -34.36 -16.76
CA ALA B 109 -8.87 -33.19 -16.19
C ALA B 109 -9.82 -32.00 -16.00
N ALA B 110 -10.72 -31.76 -16.96
CA ALA B 110 -11.61 -30.60 -16.89
C ALA B 110 -12.73 -30.73 -15.86
N ALA B 111 -13.03 -31.93 -15.37
CA ALA B 111 -14.00 -32.08 -14.29
C ALA B 111 -13.61 -31.30 -13.04
N ALA B 112 -12.33 -31.35 -12.66
CA ALA B 112 -11.83 -30.51 -11.57
C ALA B 112 -12.00 -29.01 -11.84
N LEU B 113 -11.73 -28.59 -13.07
CA LEU B 113 -11.94 -27.18 -13.44
C LEU B 113 -13.40 -26.76 -13.29
N MET B 114 -14.34 -27.58 -13.75
CA MET B 114 -15.76 -27.33 -13.49
C MET B 114 -16.08 -27.33 -11.99
N ALA B 115 -15.53 -28.28 -11.24
CA ALA B 115 -15.72 -28.30 -9.79
C ALA B 115 -15.20 -27.03 -9.12
N GLY B 116 -14.06 -26.50 -9.57
CA GLY B 116 -13.54 -25.26 -9.02
C GLY B 116 -14.48 -24.07 -9.13
N LEU B 117 -15.27 -24.00 -10.20
CA LEU B 117 -16.22 -22.90 -10.38
C LEU B 117 -17.66 -23.26 -10.02
N ALA B 118 -17.90 -24.49 -9.56
CA ALA B 118 -19.27 -24.93 -9.32
C ALA B 118 -19.96 -24.06 -8.25
N PRO B 119 -21.25 -23.72 -8.46
CA PRO B 119 -22.05 -23.04 -7.44
C PRO B 119 -21.88 -23.55 -6.01
N LYS B 120 -21.87 -22.64 -5.03
CA LYS B 120 -21.64 -22.98 -3.64
C LYS B 120 -22.79 -22.47 -2.77
N THR B 121 -23.11 -23.26 -1.74
CA THR B 121 -24.11 -22.93 -0.73
C THR B 121 -23.43 -22.79 0.62
N LYS B 122 -24.03 -21.98 1.49
CA LYS B 122 -23.46 -21.63 2.78
C LYS B 122 -24.45 -21.98 3.88
N VAL B 123 -24.16 -23.03 4.64
CA VAL B 123 -25.16 -23.78 5.39
C VAL B 123 -24.56 -24.19 6.73
N LEU B 124 -25.40 -24.13 7.77
CA LEU B 124 -25.00 -24.45 9.14
C LEU B 124 -24.92 -25.96 9.32
N ARG B 125 -23.72 -26.48 9.54
CA ARG B 125 -23.49 -27.92 9.65
C ARG B 125 -22.82 -28.22 10.99
N ASP B 126 -23.53 -28.99 11.83
CA ASP B 126 -23.04 -29.45 13.13
C ASP B 126 -22.46 -28.31 13.96
N GLY B 127 -23.18 -27.18 13.99
CA GLY B 127 -22.75 -26.01 14.72
C GLY B 127 -21.65 -25.22 14.05
N LYS B 128 -21.29 -25.56 12.81
CA LYS B 128 -20.28 -24.84 12.05
C LYS B 128 -20.91 -24.42 10.73
N TRP B 129 -20.96 -23.12 10.49
CA TRP B 129 -21.52 -22.61 9.25
C TRP B 129 -20.52 -22.84 8.12
N SER B 130 -20.92 -23.62 7.12
CA SER B 130 -19.99 -24.27 6.21
C SER B 130 -20.32 -23.89 4.77
N GLU B 131 -19.30 -23.49 4.02
CA GLU B 131 -19.43 -23.26 2.59
C GLU B 131 -19.20 -24.57 1.85
N GLN B 132 -20.23 -25.02 1.12
CA GLN B 132 -20.20 -26.32 0.46
C GLN B 132 -20.86 -26.22 -0.91
N GLU B 133 -20.64 -27.24 -1.73
CA GLU B 133 -21.26 -27.28 -3.05
C GLU B 133 -22.78 -27.30 -2.93
N ALA B 134 -23.43 -26.46 -3.75
CA ALA B 134 -24.89 -26.31 -3.70
C ALA B 134 -25.62 -27.58 -4.11
N ALA B 135 -24.99 -28.42 -4.93
CA ALA B 135 -25.55 -29.72 -5.28
C ALA B 135 -25.73 -30.62 -4.06
N ILE B 136 -24.77 -30.62 -3.14
CA ILE B 136 -24.80 -31.53 -1.99
C ILE B 136 -26.02 -31.31 -1.11
N LEU B 137 -26.38 -30.05 -0.86
CA LEU B 137 -27.35 -29.73 0.18
C LEU B 137 -28.73 -30.31 -0.09
N VAL B 138 -29.38 -30.75 0.98
CA VAL B 138 -30.70 -31.37 0.97
C VAL B 138 -31.73 -30.38 1.53
N PRO B 139 -32.97 -30.39 1.00
CA PRO B 139 -34.11 -29.70 1.67
C PRO B 139 -34.16 -29.81 3.19
N GLY B 140 -34.53 -28.71 3.84
CA GLY B 140 -34.78 -28.66 5.26
C GLY B 140 -33.75 -27.84 6.04
N ASP B 141 -32.61 -27.58 5.43
CA ASP B 141 -31.47 -26.97 6.10
C ASP B 141 -31.53 -25.44 6.03
N ILE B 142 -30.96 -24.80 7.04
CA ILE B 142 -30.91 -23.34 7.12
C ILE B 142 -29.69 -22.86 6.36
N VAL B 143 -29.91 -22.02 5.35
CA VAL B 143 -28.84 -21.48 4.51
C VAL B 143 -28.70 -19.97 4.73
N SER B 144 -27.47 -19.50 4.64
CA SER B 144 -27.16 -18.08 4.65
C SER B 144 -27.08 -17.61 3.21
N ILE B 145 -27.79 -16.54 2.89
CA ILE B 145 -27.89 -16.03 1.52
C ILE B 145 -27.35 -14.61 1.49
N LYS B 146 -26.24 -14.41 0.78
CA LYS B 146 -25.54 -13.14 0.71
C LYS B 146 -26.06 -12.27 -0.44
N LEU B 147 -25.50 -11.05 -0.51
CA LEU B 147 -25.87 -10.11 -1.56
C LEU B 147 -25.62 -10.69 -2.96
N GLY B 148 -24.48 -11.35 -3.16
CA GLY B 148 -24.07 -11.81 -4.47
C GLY B 148 -24.49 -13.22 -4.80
N ASP B 149 -25.04 -13.93 -3.82
CA ASP B 149 -25.31 -15.36 -3.95
C ASP B 149 -26.29 -15.65 -5.08
N ILE B 150 -26.07 -16.79 -5.74
CA ILE B 150 -27.09 -17.47 -6.54
C ILE B 150 -27.83 -18.43 -5.62
N ILE B 151 -29.15 -18.35 -5.63
CA ILE B 151 -29.98 -19.19 -4.77
C ILE B 151 -29.79 -20.67 -5.11
N PRO B 152 -29.33 -21.48 -4.15
CA PRO B 152 -28.91 -22.85 -4.49
C PRO B 152 -30.08 -23.78 -4.79
N ALA B 153 -31.12 -23.73 -3.96
CA ALA B 153 -32.26 -24.63 -4.02
C ALA B 153 -33.50 -23.81 -3.71
N ASP B 154 -34.67 -24.34 -4.05
CA ASP B 154 -35.89 -23.68 -3.60
C ASP B 154 -35.92 -23.64 -2.09
N ALA B 155 -36.44 -22.54 -1.56
CA ALA B 155 -36.32 -22.26 -0.13
C ALA B 155 -37.45 -21.35 0.30
N ARG B 156 -37.66 -21.30 1.60
CA ARG B 156 -38.54 -20.33 2.23
C ARG B 156 -37.68 -19.43 3.11
N LEU B 157 -37.86 -18.12 2.99
CA LEU B 157 -37.11 -17.17 3.79
C LEU B 157 -37.41 -17.32 5.28
N LEU B 158 -36.36 -17.20 6.09
CA LEU B 158 -36.43 -17.56 7.50
C LEU B 158 -36.68 -16.31 8.33
N GLU B 159 -35.65 -15.49 8.51
CA GLU B 159 -35.77 -14.25 9.28
C GLU B 159 -34.66 -13.29 8.88
N GLY B 160 -34.84 -12.03 9.24
CA GLY B 160 -34.01 -10.94 8.79
C GLY B 160 -34.80 -9.94 7.94
N ASP B 161 -34.10 -8.87 7.57
CA ASP B 161 -34.73 -7.87 6.70
C ASP B 161 -35.07 -8.48 5.34
N PRO B 162 -36.22 -8.11 4.76
CA PRO B 162 -36.47 -8.32 3.33
C PRO B 162 -35.30 -8.03 2.39
N LEU B 163 -35.23 -8.81 1.31
CA LEU B 163 -34.20 -8.65 0.28
C LEU B 163 -34.87 -8.83 -1.07
N LYS B 164 -34.14 -8.53 -2.14
CA LYS B 164 -34.67 -8.61 -3.49
C LYS B 164 -33.91 -9.64 -4.30
N VAL B 165 -34.64 -10.40 -5.12
CA VAL B 165 -34.09 -11.44 -5.98
C VAL B 165 -34.47 -11.13 -7.42
N ASP B 166 -33.50 -11.22 -8.32
CA ASP B 166 -33.71 -10.90 -9.72
C ASP B 166 -34.18 -12.14 -10.46
N GLN B 167 -35.42 -12.11 -10.96
CA GLN B 167 -36.03 -13.24 -11.66
C GLN B 167 -35.86 -13.15 -13.17
N SER B 168 -35.03 -12.24 -13.66
CA SER B 168 -34.58 -12.28 -15.05
C SER B 168 -33.85 -13.59 -15.36
N ALA B 169 -34.11 -14.12 -16.56
CA ALA B 169 -33.66 -15.42 -17.05
C ALA B 169 -34.51 -16.55 -16.47
N LEU B 170 -34.71 -16.54 -15.15
CA LEU B 170 -35.59 -17.52 -14.54
C LEU B 170 -37.01 -17.41 -15.08
N THR B 171 -37.51 -16.18 -15.22
CA THR B 171 -38.79 -15.94 -15.88
C THR B 171 -38.85 -14.66 -16.70
N GLY B 172 -38.02 -13.66 -16.43
CA GLY B 172 -37.89 -12.50 -17.27
C GLY B 172 -38.40 -11.19 -16.69
N GLU B 173 -38.47 -11.08 -15.37
CA GLU B 173 -38.82 -9.81 -14.72
C GLU B 173 -37.81 -8.72 -15.05
N SER B 174 -38.31 -7.49 -15.14
CA SER B 174 -37.50 -6.34 -15.50
C SER B 174 -37.07 -5.53 -14.28
N LEU B 175 -37.43 -5.99 -13.08
CA LEU B 175 -37.10 -5.39 -11.81
C LEU B 175 -36.94 -6.54 -10.84
N PRO B 176 -35.92 -6.54 -9.98
CA PRO B 176 -35.87 -7.54 -8.91
C PRO B 176 -37.09 -7.44 -7.99
N VAL B 177 -37.56 -8.60 -7.54
CA VAL B 177 -38.78 -8.70 -6.74
C VAL B 177 -38.43 -8.77 -5.27
N THR B 178 -39.08 -7.94 -4.47
CA THR B 178 -38.90 -7.94 -3.02
C THR B 178 -39.42 -9.22 -2.38
N LYS B 179 -38.59 -9.85 -1.56
CA LYS B 179 -38.90 -11.12 -0.91
C LYS B 179 -38.71 -10.98 0.58
N HIS B 180 -39.70 -11.43 1.35
CA HIS B 180 -39.81 -11.17 2.77
C HIS B 180 -39.79 -12.45 3.59
N PRO B 181 -39.41 -12.36 4.89
CA PRO B 181 -39.54 -13.51 5.80
C PRO B 181 -40.81 -14.34 5.61
N GLY B 182 -40.65 -15.66 5.50
CA GLY B 182 -41.76 -16.56 5.26
C GLY B 182 -42.16 -16.75 3.82
N GLN B 183 -41.55 -16.01 2.90
CA GLN B 183 -41.89 -16.09 1.49
C GLN B 183 -40.99 -17.10 0.79
N GLU B 184 -41.53 -17.74 -0.25
CA GLU B 184 -40.82 -18.78 -0.96
C GLU B 184 -39.91 -18.17 -2.01
N VAL B 185 -38.69 -18.71 -2.12
CA VAL B 185 -37.71 -18.26 -3.10
C VAL B 185 -37.22 -19.48 -3.89
N PHE B 186 -36.73 -19.21 -5.09
CA PHE B 186 -36.53 -20.24 -6.12
C PHE B 186 -35.06 -20.33 -6.49
N SER B 187 -34.61 -21.57 -6.72
CA SER B 187 -33.23 -21.85 -7.11
C SER B 187 -32.84 -21.10 -8.38
N GLY B 188 -31.56 -20.71 -8.43
CA GLY B 188 -30.98 -20.03 -9.57
C GLY B 188 -31.18 -18.54 -9.59
N SER B 189 -32.14 -18.01 -8.83
CA SER B 189 -32.32 -16.57 -8.72
C SER B 189 -31.07 -15.92 -8.11
N THR B 190 -30.84 -14.66 -8.45
CA THR B 190 -29.66 -13.94 -7.98
C THR B 190 -30.12 -12.80 -7.08
N CYS B 191 -29.57 -12.76 -5.87
CA CYS B 191 -29.85 -11.70 -4.91
C CYS B 191 -29.36 -10.33 -5.36
N LYS B 192 -30.12 -9.31 -4.96
CA LYS B 192 -29.75 -7.91 -5.09
C LYS B 192 -30.29 -7.17 -3.88
N GLN B 193 -29.52 -6.20 -3.40
CA GLN B 193 -29.97 -5.24 -2.40
C GLN B 193 -30.43 -5.89 -1.08
N GLY B 194 -29.70 -6.89 -0.61
CA GLY B 194 -30.01 -7.45 0.70
C GLY B 194 -29.37 -8.79 0.95
N GLU B 195 -29.54 -9.23 2.20
CA GLU B 195 -28.94 -10.44 2.75
C GLU B 195 -29.89 -11.07 3.76
N ILE B 196 -29.98 -12.41 3.77
CA ILE B 196 -31.00 -13.06 4.59
C ILE B 196 -30.60 -14.52 4.86
N GLU B 197 -31.34 -15.17 5.77
CA GLU B 197 -31.30 -16.61 5.97
C GLU B 197 -32.57 -17.25 5.41
N ALA B 198 -32.47 -18.51 5.01
CA ALA B 198 -33.61 -19.23 4.46
C ALA B 198 -33.49 -20.72 4.78
N VAL B 199 -34.61 -21.42 4.62
CA VAL B 199 -34.68 -22.87 4.77
C VAL B 199 -34.94 -23.46 3.40
N VAL B 200 -33.97 -24.22 2.87
CA VAL B 200 -34.15 -24.93 1.62
C VAL B 200 -35.26 -25.97 1.75
N ILE B 201 -36.06 -26.12 0.69
CA ILE B 201 -37.31 -26.85 0.79
C ILE B 201 -37.59 -27.70 -0.44
N ALA B 202 -36.96 -27.38 -1.57
CA ALA B 202 -37.00 -28.29 -2.71
C ALA B 202 -35.73 -28.19 -3.54
N THR B 203 -35.21 -29.34 -3.94
CA THR B 203 -34.05 -29.43 -4.81
C THR B 203 -34.30 -28.80 -6.18
N GLY B 204 -33.21 -28.31 -6.78
CA GLY B 204 -33.29 -27.59 -8.05
C GLY B 204 -34.10 -28.28 -9.12
N VAL B 205 -34.10 -29.62 -9.13
CA VAL B 205 -34.77 -30.39 -10.17
C VAL B 205 -36.28 -30.29 -10.05
N HIS B 206 -36.79 -29.96 -8.85
CA HIS B 206 -38.21 -29.75 -8.65
C HIS B 206 -38.63 -28.31 -8.88
N THR B 207 -37.67 -27.39 -8.93
CA THR B 207 -37.96 -26.01 -9.29
C THR B 207 -38.59 -25.91 -10.67
N PHE B 208 -39.55 -24.99 -10.80
CA PHE B 208 -40.35 -24.87 -12.03
C PHE B 208 -39.49 -24.66 -13.26
N PHE B 209 -38.42 -23.86 -13.13
CA PHE B 209 -37.49 -23.64 -14.21
C PHE B 209 -36.85 -24.94 -14.71
N GLY B 210 -36.46 -25.81 -13.79
CA GLY B 210 -35.78 -27.04 -14.16
C GLY B 210 -36.72 -28.20 -14.38
N LYS B 211 -37.87 -28.17 -13.70
CA LYS B 211 -38.87 -29.22 -13.83
C LYS B 211 -39.42 -29.32 -15.25
N ALA B 212 -39.67 -28.17 -15.90
CA ALA B 212 -40.24 -28.18 -17.24
C ALA B 212 -39.36 -28.94 -18.25
N ALA B 213 -40.03 -29.67 -19.14
CA ALA B 213 -39.37 -30.52 -20.14
C ALA B 213 -39.95 -30.27 -21.52
N HIS B 214 -39.09 -29.98 -22.48
CA HIS B 214 -39.51 -29.61 -23.84
C HIS B 214 -38.41 -30.01 -24.82
N LEU B 215 -38.68 -29.75 -26.11
CA LEU B 215 -37.72 -30.05 -27.17
C LEU B 215 -36.37 -29.37 -26.96
N VAL B 216 -35.33 -30.08 -27.39
CA VAL B 216 -33.94 -29.69 -27.15
C VAL B 216 -33.62 -28.33 -27.75
N ASP B 217 -32.81 -27.55 -27.02
CA ASP B 217 -32.27 -26.28 -27.49
C ASP B 217 -30.75 -26.34 -27.34
N SER B 218 -30.03 -26.17 -28.46
CA SER B 218 -28.58 -26.35 -28.45
C SER B 218 -27.87 -25.05 -28.11
N THR B 219 -27.34 -24.98 -26.89
CA THR B 219 -26.61 -23.81 -26.40
C THR B 219 -25.35 -23.52 -27.21
N ASN B 220 -25.24 -22.27 -27.69
CA ASN B 220 -24.05 -21.80 -28.42
C ASN B 220 -23.78 -22.62 -29.68
N GLN B 221 -24.85 -22.94 -30.41
CA GLN B 221 -24.72 -23.72 -31.64
C GLN B 221 -23.85 -23.02 -32.68
N VAL B 222 -24.01 -21.70 -32.83
CA VAL B 222 -23.36 -20.93 -33.89
C VAL B 222 -22.02 -20.34 -33.46
N GLY B 223 -21.49 -20.79 -32.32
CA GLY B 223 -20.21 -20.34 -31.82
C GLY B 223 -19.05 -20.23 -32.80
N HIS B 224 -18.29 -19.14 -32.66
CA HIS B 224 -17.26 -18.76 -33.62
C HIS B 224 -16.16 -19.83 -33.77
N PHE B 225 -15.78 -20.46 -32.67
CA PHE B 225 -14.79 -21.55 -32.74
C PHE B 225 -15.24 -22.68 -33.66
N GLN B 226 -16.50 -23.10 -33.55
CA GLN B 226 -17.03 -24.12 -34.46
C GLN B 226 -17.05 -23.65 -35.91
N LYS B 227 -17.46 -22.39 -36.15
CA LYS B 227 -17.45 -21.81 -37.50
C LYS B 227 -16.07 -21.77 -38.16
N VAL B 228 -15.04 -21.32 -37.44
CA VAL B 228 -13.69 -21.30 -38.02
C VAL B 228 -13.17 -22.70 -38.34
N LEU B 229 -13.40 -23.68 -37.46
CA LEU B 229 -13.04 -25.06 -37.80
C LEU B 229 -13.76 -25.55 -39.05
N THR B 230 -15.05 -25.25 -39.18
CA THR B 230 -15.78 -25.55 -40.42
C THR B 230 -15.19 -24.83 -41.63
N ALA B 231 -14.86 -23.54 -41.49
CA ALA B 231 -14.22 -22.81 -42.57
C ALA B 231 -12.87 -23.41 -42.96
N ILE B 232 -12.06 -23.82 -41.98
CA ILE B 232 -10.84 -24.56 -42.31
C ILE B 232 -11.18 -25.86 -43.04
N GLY B 233 -12.18 -26.58 -42.54
CA GLY B 233 -12.72 -27.72 -43.26
C GLY B 233 -13.22 -27.40 -44.66
N ASN B 234 -13.94 -26.29 -44.80
CA ASN B 234 -14.42 -25.85 -46.11
C ASN B 234 -13.28 -25.56 -47.08
N PHE B 235 -12.25 -24.84 -46.64
CA PHE B 235 -11.16 -24.48 -47.56
C PHE B 235 -10.40 -25.68 -48.11
N CYS B 236 -10.07 -26.65 -47.27
CA CYS B 236 -9.45 -27.89 -47.75
C CYS B 236 -10.36 -28.70 -48.67
N ILE B 237 -11.63 -28.86 -48.29
CA ILE B 237 -12.61 -29.53 -49.15
C ILE B 237 -12.78 -28.81 -50.50
N CYS B 238 -12.83 -27.48 -50.48
CA CYS B 238 -12.76 -26.72 -51.74
C CYS B 238 -11.52 -27.07 -52.54
N SER B 239 -10.36 -27.13 -51.88
CA SER B 239 -9.10 -27.43 -52.58
C SER B 239 -9.09 -28.81 -53.21
N ILE B 240 -9.62 -29.81 -52.51
CA ILE B 240 -9.78 -31.15 -53.09
C ILE B 240 -10.75 -31.15 -54.28
N ALA B 241 -11.94 -30.57 -54.09
CA ALA B 241 -12.95 -30.56 -55.16
C ALA B 241 -12.46 -29.92 -56.46
N ILE B 242 -11.77 -28.79 -56.37
CA ILE B 242 -11.05 -28.24 -57.52
C ILE B 242 -10.00 -29.21 -58.06
N GLY B 243 -9.28 -29.90 -57.17
CA GLY B 243 -8.36 -30.94 -57.63
C GLY B 243 -9.00 -32.09 -58.40
N MET B 244 -10.08 -32.65 -57.89
CA MET B 244 -10.73 -33.80 -58.54
C MET B 244 -11.79 -33.43 -59.59
N VAL B 245 -12.88 -32.81 -59.14
CA VAL B 245 -14.05 -32.58 -59.98
C VAL B 245 -13.76 -31.60 -61.11
N ILE B 246 -12.81 -30.69 -60.93
CA ILE B 246 -12.21 -30.01 -62.08
C ILE B 246 -11.05 -30.78 -62.71
N GLU B 247 -9.83 -30.53 -62.23
CA GLU B 247 -8.62 -30.84 -62.99
C GLU B 247 -8.51 -32.31 -63.40
N ILE B 248 -8.68 -33.25 -62.46
CA ILE B 248 -8.72 -34.66 -62.85
C ILE B 248 -9.93 -34.98 -63.72
N ILE B 249 -11.12 -34.57 -63.31
CA ILE B 249 -12.33 -34.90 -64.07
C ILE B 249 -12.33 -34.26 -65.45
N VAL B 250 -11.81 -33.04 -65.57
CA VAL B 250 -11.51 -32.50 -66.90
C VAL B 250 -10.49 -33.35 -67.66
N MET B 251 -9.42 -33.78 -66.99
CA MET B 251 -8.44 -34.68 -67.59
C MET B 251 -9.03 -36.06 -67.95
N TYR B 252 -9.88 -36.60 -67.08
CA TYR B 252 -10.29 -38.01 -67.15
C TYR B 252 -10.86 -38.47 -68.49
N PRO B 253 -11.82 -37.78 -69.15
CA PRO B 253 -12.43 -38.36 -70.36
C PRO B 253 -11.93 -37.71 -71.64
N ILE B 254 -11.28 -36.56 -71.52
CA ILE B 254 -10.64 -35.92 -72.67
C ILE B 254 -9.49 -36.75 -73.21
N GLN B 255 -8.64 -37.28 -72.33
CA GLN B 255 -7.63 -38.22 -72.79
C GLN B 255 -8.13 -39.65 -72.73
N ARG B 256 -9.26 -39.90 -72.07
CA ARG B 256 -9.97 -41.18 -72.10
C ARG B 256 -9.07 -42.32 -71.64
N ARG B 257 -8.26 -42.05 -70.61
CA ARG B 257 -7.14 -42.91 -70.27
C ARG B 257 -7.62 -44.30 -69.90
N LYS B 258 -8.72 -44.37 -69.15
CA LYS B 258 -9.19 -45.57 -68.47
C LYS B 258 -10.51 -45.20 -67.80
N TYR B 259 -11.16 -46.15 -67.15
CA TYR B 259 -12.40 -45.84 -66.45
C TYR B 259 -12.32 -46.17 -64.96
N ARG B 260 -12.52 -47.45 -64.61
CA ARG B 260 -12.56 -47.83 -63.20
C ARG B 260 -11.17 -47.87 -62.57
N ASP B 261 -10.11 -47.87 -63.38
CA ASP B 261 -8.77 -47.69 -62.83
C ASP B 261 -8.53 -46.23 -62.44
N GLY B 262 -9.22 -45.30 -63.10
CA GLY B 262 -9.02 -43.87 -62.90
C GLY B 262 -9.59 -43.32 -61.59
N ILE B 263 -10.42 -44.11 -60.91
CA ILE B 263 -10.97 -43.71 -59.61
C ILE B 263 -9.86 -43.59 -58.57
N ASP B 264 -8.79 -44.36 -58.71
CA ASP B 264 -7.66 -44.30 -57.79
C ASP B 264 -7.10 -42.89 -57.67
N ASN B 265 -7.02 -42.15 -58.77
CA ASN B 265 -6.62 -40.74 -58.72
C ASN B 265 -7.55 -39.91 -57.83
N LEU B 266 -8.86 -40.06 -57.99
CA LEU B 266 -9.81 -39.39 -57.11
C LEU B 266 -9.66 -39.85 -55.67
N LEU B 267 -9.55 -41.16 -55.46
CA LEU B 267 -9.40 -41.73 -54.14
C LEU B 267 -8.12 -41.28 -53.44
N VAL B 268 -7.02 -41.16 -54.18
CA VAL B 268 -5.81 -40.54 -53.65
C VAL B 268 -6.05 -39.12 -53.15
N LEU B 269 -6.75 -38.29 -53.93
CA LEU B 269 -7.13 -36.96 -53.46
C LEU B 269 -8.00 -36.99 -52.20
N LEU B 270 -9.04 -37.82 -52.20
CA LEU B 270 -9.89 -37.91 -51.01
C LEU B 270 -9.15 -38.44 -49.79
N ILE B 271 -8.33 -39.48 -49.96
CA ILE B 271 -7.76 -40.14 -48.79
C ILE B 271 -6.71 -39.28 -48.09
N GLY B 272 -5.93 -38.50 -48.84
CA GLY B 272 -4.86 -37.74 -48.22
C GLY B 272 -5.04 -36.24 -48.16
N GLY B 273 -5.82 -35.68 -49.09
CA GLY B 273 -6.03 -34.24 -49.09
C GLY B 273 -6.84 -33.75 -47.91
N ILE B 274 -7.86 -34.51 -47.51
CA ILE B 274 -8.72 -34.10 -46.39
C ILE B 274 -7.94 -34.16 -45.08
N PRO B 275 -7.99 -33.06 -44.22
CA PRO B 275 -7.30 -33.06 -42.91
C PRO B 275 -8.16 -33.72 -41.85
N ILE B 276 -8.29 -35.05 -41.92
CA ILE B 276 -8.97 -35.77 -40.86
C ILE B 276 -8.22 -35.64 -39.55
N ALA B 277 -8.97 -35.44 -38.46
CA ALA B 277 -8.51 -35.13 -37.11
C ALA B 277 -8.03 -33.69 -36.95
N MET B 278 -8.12 -32.85 -37.97
CA MET B 278 -7.81 -31.43 -37.79
C MET B 278 -8.71 -30.77 -36.75
N PRO B 279 -10.02 -31.03 -36.69
CA PRO B 279 -10.81 -30.36 -35.65
C PRO B 279 -10.56 -30.92 -34.26
N THR B 280 -10.27 -32.21 -34.16
CA THR B 280 -9.96 -32.83 -32.87
C THR B 280 -8.73 -32.20 -32.22
N VAL B 281 -7.65 -32.04 -32.99
CA VAL B 281 -6.42 -31.47 -32.46
C VAL B 281 -6.64 -30.04 -31.94
N LEU B 282 -7.33 -29.21 -32.72
CA LEU B 282 -7.69 -27.88 -32.25
C LEU B 282 -8.61 -27.92 -31.03
N SER B 283 -9.62 -28.81 -31.05
CA SER B 283 -10.51 -28.96 -29.90
C SER B 283 -9.79 -29.36 -28.62
N VAL B 284 -8.91 -30.36 -28.69
CA VAL B 284 -8.11 -30.73 -27.51
C VAL B 284 -7.08 -29.67 -27.13
N THR B 285 -6.50 -28.97 -28.11
CA THR B 285 -5.52 -27.93 -27.80
C THR B 285 -6.10 -26.80 -26.95
N MET B 286 -7.31 -26.34 -27.26
CA MET B 286 -8.02 -25.43 -26.35
C MET B 286 -8.29 -26.06 -24.99
N ALA B 287 -8.73 -27.32 -24.96
CA ALA B 287 -8.99 -27.98 -23.68
C ALA B 287 -7.75 -28.06 -22.80
N ILE B 288 -6.61 -28.43 -23.36
CA ILE B 288 -5.38 -28.46 -22.56
C ILE B 288 -4.81 -27.06 -22.30
N GLY B 289 -5.08 -26.10 -23.18
CA GLY B 289 -4.72 -24.72 -22.88
C GLY B 289 -5.50 -24.10 -21.73
N SER B 290 -6.81 -24.33 -21.71
CA SER B 290 -7.65 -23.90 -20.59
C SER B 290 -7.21 -24.49 -19.25
N HIS B 291 -6.88 -25.79 -19.23
CA HIS B 291 -6.31 -26.39 -18.03
C HIS B 291 -5.00 -25.74 -17.58
N ARG B 292 -4.09 -25.45 -18.51
CA ARG B 292 -2.90 -24.67 -18.15
C ARG B 292 -3.21 -23.27 -17.63
N LEU B 293 -4.23 -22.60 -18.20
CA LEU B 293 -4.72 -21.37 -17.56
C LEU B 293 -5.25 -21.61 -16.15
N SER B 294 -5.94 -22.73 -15.93
CA SER B 294 -6.32 -23.08 -14.56
C SER B 294 -5.10 -23.26 -13.67
N GLN B 295 -4.05 -23.89 -14.20
CA GLN B 295 -2.75 -23.87 -13.52
C GLN B 295 -2.21 -22.44 -13.37
N GLN B 296 -2.34 -21.64 -14.43
CA GLN B 296 -1.87 -20.26 -14.37
C GLN B 296 -2.56 -19.46 -13.27
N GLY B 297 -3.87 -19.68 -13.09
CA GLY B 297 -4.60 -18.99 -12.05
C GLY B 297 -5.88 -18.37 -12.56
N ALA B 298 -6.24 -18.68 -13.80
CA ALA B 298 -7.47 -18.17 -14.41
C ALA B 298 -8.32 -19.35 -14.87
N ILE B 299 -9.52 -19.45 -14.30
CA ILE B 299 -10.45 -20.53 -14.59
C ILE B 299 -11.42 -20.03 -15.66
N THR B 300 -11.29 -20.56 -16.87
CA THR B 300 -12.09 -20.08 -18.01
C THR B 300 -13.41 -20.85 -18.04
N LYS B 301 -14.50 -20.19 -17.64
CA LYS B 301 -15.82 -20.78 -17.74
C LYS B 301 -16.19 -21.11 -19.18
N ARG B 302 -15.92 -20.20 -20.10
CA ARG B 302 -15.97 -20.50 -21.52
C ARG B 302 -14.67 -21.15 -21.99
N MET B 303 -14.79 -22.34 -22.59
CA MET B 303 -13.65 -23.01 -23.19
C MET B 303 -13.05 -22.18 -24.33
N THR B 304 -13.88 -21.44 -25.06
CA THR B 304 -13.47 -20.79 -26.30
C THR B 304 -12.94 -19.37 -26.10
N ALA B 305 -12.76 -18.96 -24.84
CA ALA B 305 -12.34 -17.59 -24.54
C ALA B 305 -10.89 -17.34 -24.94
N ILE B 306 -10.14 -18.41 -25.18
CA ILE B 306 -8.72 -18.31 -25.55
C ILE B 306 -8.52 -17.41 -26.77
N GLU B 307 -9.37 -17.53 -27.78
CA GLU B 307 -9.31 -16.66 -28.95
C GLU B 307 -9.49 -15.18 -28.63
N GLU B 308 -10.51 -14.85 -27.83
CA GLU B 308 -10.71 -13.47 -27.40
C GLU B 308 -9.57 -12.97 -26.52
N MET B 309 -9.11 -13.78 -25.56
CA MET B 309 -7.95 -13.42 -24.76
C MET B 309 -6.71 -13.18 -25.60
N ALA B 310 -6.44 -14.05 -26.59
CA ALA B 310 -5.30 -13.85 -27.48
C ALA B 310 -5.41 -12.54 -28.26
N GLY B 311 -6.61 -12.20 -28.74
CA GLY B 311 -6.79 -10.98 -29.53
C GLY B 311 -6.92 -9.70 -28.74
N MET B 312 -7.27 -9.79 -27.46
CA MET B 312 -7.50 -8.65 -26.57
C MET B 312 -6.59 -7.45 -26.81
N ASP B 313 -7.22 -6.30 -27.04
CA ASP B 313 -6.55 -5.07 -27.44
C ASP B 313 -6.63 -3.99 -26.37
N VAL B 314 -7.60 -4.08 -25.47
CA VAL B 314 -7.81 -3.12 -24.39
C VAL B 314 -8.38 -3.87 -23.20
N LEU B 315 -7.95 -3.48 -22.00
CA LEU B 315 -8.45 -4.06 -20.76
C LEU B 315 -9.02 -2.96 -19.86
N CYS B 316 -10.30 -3.07 -19.54
CA CYS B 316 -10.98 -2.17 -18.60
C CYS B 316 -10.94 -2.82 -17.22
N SER B 317 -10.16 -2.23 -16.32
CA SER B 317 -9.88 -2.82 -15.01
C SER B 317 -10.51 -1.98 -13.90
N ASP B 318 -11.33 -2.61 -13.06
CA ASP B 318 -11.73 -1.99 -11.81
C ASP B 318 -10.49 -1.65 -10.98
N LYS B 319 -10.48 -0.44 -10.40
CA LYS B 319 -9.32 0.01 -9.65
C LYS B 319 -9.09 -0.84 -8.40
N THR B 320 -10.10 -0.93 -7.53
CA THR B 320 -9.95 -1.70 -6.30
C THR B 320 -9.73 -3.18 -6.58
N GLY B 321 -8.72 -3.75 -5.93
CA GLY B 321 -8.45 -5.17 -5.97
C GLY B 321 -7.54 -5.61 -7.10
N THR B 322 -7.95 -5.33 -8.33
CA THR B 322 -7.10 -5.63 -9.49
C THR B 322 -5.85 -4.77 -9.48
N LEU B 323 -5.99 -3.46 -9.25
CA LEU B 323 -4.86 -2.54 -9.28
C LEU B 323 -4.32 -2.24 -7.89
N THR B 324 -5.11 -2.49 -6.84
CA THR B 324 -4.79 -2.08 -5.49
C THR B 324 -4.74 -3.30 -4.60
N LEU B 325 -3.97 -3.20 -3.51
CA LEU B 325 -3.98 -4.27 -2.51
C LEU B 325 -5.37 -4.44 -1.92
N ASN B 326 -6.09 -3.33 -1.75
CA ASN B 326 -7.48 -3.28 -1.27
C ASN B 326 -7.49 -3.51 0.25
N LYS B 327 -6.38 -3.17 0.90
CA LYS B 327 -6.27 -3.20 2.35
C LYS B 327 -5.97 -1.78 2.80
N LEU B 328 -6.99 -1.13 3.37
CA LEU B 328 -7.03 0.32 3.45
C LEU B 328 -6.32 0.82 4.69
N SER B 329 -5.63 1.95 4.54
CA SER B 329 -4.91 2.59 5.64
C SER B 329 -5.48 3.98 5.87
N VAL B 330 -5.71 4.31 7.14
CA VAL B 330 -6.22 5.61 7.54
C VAL B 330 -5.19 6.25 8.45
N ASP B 331 -4.71 7.44 8.07
CA ASP B 331 -3.97 8.26 9.02
C ASP B 331 -4.96 9.19 9.72
N LYS B 332 -5.04 9.07 11.04
CA LYS B 332 -6.07 9.77 11.80
C LYS B 332 -5.76 11.25 11.95
N ASN B 333 -4.53 11.66 11.61
CA ASN B 333 -4.16 13.07 11.59
C ASN B 333 -5.07 13.89 10.68
N LEU B 334 -5.40 13.36 9.50
CA LEU B 334 -6.26 14.08 8.57
C LEU B 334 -7.74 13.70 8.69
N VAL B 335 -8.12 12.89 9.66
CA VAL B 335 -9.53 12.70 9.99
C VAL B 335 -10.07 14.00 10.55
N GLU B 336 -10.96 14.67 9.81
CA GLU B 336 -11.59 15.90 10.27
C GLU B 336 -12.95 15.57 10.88
N VAL B 337 -13.22 16.18 12.03
CA VAL B 337 -14.39 15.83 12.84
C VAL B 337 -15.23 17.08 13.10
N PHE B 338 -16.50 16.84 13.39
CA PHE B 338 -17.47 17.90 13.62
C PHE B 338 -18.14 17.65 14.96
N CYS B 339 -18.89 18.65 15.42
CA CYS B 339 -19.57 18.67 16.72
C CYS B 339 -18.59 19.04 17.85
N LYS B 340 -17.41 18.41 17.85
CA LYS B 340 -16.31 18.67 18.77
C LYS B 340 -16.56 18.09 20.15
N GLY B 341 -17.59 17.25 20.30
CA GLY B 341 -17.80 16.50 21.52
C GLY B 341 -17.05 15.19 21.52
N VAL B 342 -16.68 14.72 20.32
CA VAL B 342 -15.99 13.46 20.13
C VAL B 342 -14.69 13.72 19.40
N GLU B 343 -13.58 13.22 19.96
CA GLU B 343 -12.26 13.54 19.46
C GLU B 343 -11.92 12.70 18.22
N LYS B 344 -10.93 13.18 17.46
CA LYS B 344 -10.50 12.53 16.23
C LYS B 344 -10.09 11.08 16.44
N ASP B 345 -9.36 10.81 17.52
CA ASP B 345 -9.06 9.43 17.92
C ASP B 345 -10.33 8.63 18.24
N GLN B 346 -11.27 9.25 18.97
CA GLN B 346 -12.49 8.55 19.39
C GLN B 346 -13.36 8.10 18.21
N VAL B 347 -13.49 8.91 17.15
CA VAL B 347 -14.48 8.59 16.12
C VAL B 347 -14.15 7.33 15.32
N LEU B 348 -12.90 6.86 15.35
CA LEU B 348 -12.56 5.57 14.73
C LEU B 348 -13.35 4.41 15.32
N LEU B 349 -13.64 4.44 16.62
CA LEU B 349 -14.46 3.42 17.26
C LEU B 349 -15.86 3.32 16.64
N PHE B 350 -16.50 4.45 16.33
CA PHE B 350 -17.80 4.41 15.68
C PHE B 350 -17.76 3.70 14.33
N ALA B 351 -16.71 3.93 13.54
CA ALA B 351 -16.54 3.16 12.31
C ALA B 351 -16.35 1.67 12.60
N ALA B 352 -15.51 1.35 13.60
CA ALA B 352 -15.34 -0.03 14.05
C ALA B 352 -16.63 -0.64 14.59
N MET B 353 -17.41 0.16 15.32
CA MET B 353 -18.73 -0.27 15.79
C MET B 353 -19.64 -0.69 14.64
N ALA B 354 -19.65 0.05 13.54
CA ALA B 354 -20.50 -0.30 12.41
C ALA B 354 -19.82 -1.23 11.42
N SER B 355 -18.74 -1.91 11.83
CA SER B 355 -18.07 -2.91 11.03
C SER B 355 -18.31 -4.29 11.64
N ARG B 356 -18.66 -5.27 10.81
CA ARG B 356 -18.79 -6.64 11.28
C ARG B 356 -17.44 -7.21 11.67
N VAL B 357 -17.47 -8.11 12.67
CA VAL B 357 -16.25 -8.55 13.35
C VAL B 357 -15.78 -9.94 12.93
N GLU B 358 -16.55 -10.67 12.12
CA GLU B 358 -16.20 -12.05 11.83
C GLU B 358 -16.31 -12.34 10.34
N ASN B 359 -17.50 -12.16 9.76
CA ASN B 359 -17.67 -12.23 8.30
C ASN B 359 -17.30 -10.87 7.70
N GLN B 360 -16.05 -10.50 7.90
CA GLN B 360 -15.60 -9.12 7.75
C GLN B 360 -15.46 -8.72 6.30
N ASP B 361 -16.14 -7.63 5.91
CA ASP B 361 -15.78 -6.91 4.70
C ASP B 361 -14.36 -6.37 4.84
N ALA B 362 -13.68 -6.21 3.70
CA ALA B 362 -12.27 -5.82 3.71
C ALA B 362 -12.06 -4.46 4.39
N ILE B 363 -12.92 -3.49 4.10
CA ILE B 363 -12.94 -2.22 4.82
C ILE B 363 -13.27 -2.40 6.31
N ASP B 364 -14.25 -3.25 6.62
CA ASP B 364 -14.57 -3.55 8.02
C ASP B 364 -13.40 -4.16 8.77
N ALA B 365 -12.72 -5.13 8.15
CA ALA B 365 -11.54 -5.74 8.77
C ALA B 365 -10.42 -4.75 9.05
N ALA B 366 -10.15 -3.83 8.12
CA ALA B 366 -9.19 -2.75 8.37
C ALA B 366 -9.61 -1.83 9.51
N MET B 367 -10.87 -1.37 9.52
CA MET B 367 -11.33 -0.47 10.57
C MET B 367 -11.32 -1.12 11.96
N VAL B 368 -11.76 -2.37 12.06
CA VAL B 368 -11.71 -3.06 13.36
C VAL B 368 -10.27 -3.13 13.87
N GLY B 369 -9.32 -3.40 12.97
CA GLY B 369 -7.92 -3.47 13.38
C GLY B 369 -7.25 -2.14 13.57
N MET B 370 -7.84 -1.07 13.05
CA MET B 370 -7.19 0.24 13.03
C MET B 370 -6.87 0.74 14.44
N LEU B 371 -7.76 0.49 15.40
CA LEU B 371 -7.66 1.07 16.73
C LEU B 371 -6.81 0.26 17.69
N ALA B 372 -6.16 -0.79 17.22
CA ALA B 372 -5.08 -1.53 17.89
C ALA B 372 -5.60 -2.52 18.93
N ASP B 373 -6.90 -2.82 18.93
CA ASP B 373 -7.46 -3.86 19.79
C ASP B 373 -8.88 -4.14 19.31
N PRO B 374 -9.07 -5.17 18.49
CA PRO B 374 -10.42 -5.54 18.03
C PRO B 374 -11.48 -5.66 19.12
N LYS B 375 -11.08 -5.99 20.35
CA LYS B 375 -12.02 -6.02 21.47
C LYS B 375 -12.64 -4.65 21.74
N GLU B 376 -11.88 -3.58 21.56
CA GLU B 376 -12.43 -2.23 21.71
C GLU B 376 -13.61 -2.00 20.79
N ALA B 377 -13.51 -2.50 19.56
CA ALA B 377 -14.58 -2.32 18.57
C ALA B 377 -15.92 -2.88 19.04
N ARG B 378 -15.91 -4.00 19.77
CA ARG B 378 -17.14 -4.63 20.23
C ARG B 378 -17.38 -4.49 21.73
N ALA B 379 -16.63 -3.64 22.42
CA ALA B 379 -16.64 -3.59 23.88
C ALA B 379 -18.00 -3.25 24.48
N GLY B 380 -18.67 -4.26 25.07
CA GLY B 380 -19.91 -4.05 25.80
C GLY B 380 -21.10 -3.64 24.96
N ILE B 381 -21.02 -3.80 23.65
CA ILE B 381 -22.02 -3.23 22.73
C ILE B 381 -23.41 -3.80 23.00
N ARG B 382 -23.52 -5.12 23.16
CA ARG B 382 -24.79 -5.81 23.34
C ARG B 382 -25.74 -5.44 22.19
N GLU B 383 -25.24 -5.69 20.98
CA GLU B 383 -25.91 -5.30 19.74
C GLU B 383 -27.27 -5.95 19.59
N VAL B 384 -28.22 -5.17 19.06
CA VAL B 384 -29.59 -5.63 18.89
C VAL B 384 -30.02 -5.65 17.43
N HIS B 385 -29.37 -4.92 16.54
CA HIS B 385 -29.66 -4.97 15.11
C HIS B 385 -28.45 -4.48 14.32
N PHE B 386 -28.33 -4.97 13.08
CA PHE B 386 -27.29 -4.52 12.17
C PHE B 386 -27.85 -4.40 10.75
N LEU B 387 -27.49 -3.30 10.08
CA LEU B 387 -27.88 -3.02 8.71
C LEU B 387 -26.68 -3.20 7.79
N PRO B 388 -26.67 -4.19 6.90
CA PRO B 388 -25.49 -4.45 6.08
C PRO B 388 -25.47 -3.65 4.78
N PHE B 389 -24.28 -3.60 4.19
CA PHE B 389 -24.02 -2.78 3.01
C PHE B 389 -24.89 -3.16 1.82
N ASN B 390 -25.38 -2.15 1.10
CA ASN B 390 -26.20 -2.34 -0.08
C ASN B 390 -25.68 -1.39 -1.15
N PRO B 391 -25.29 -1.91 -2.33
CA PRO B 391 -24.82 -1.03 -3.42
C PRO B 391 -25.67 0.20 -3.71
N VAL B 392 -26.99 0.14 -3.54
CA VAL B 392 -27.83 1.30 -3.85
C VAL B 392 -28.09 2.16 -2.63
N ASP B 393 -27.63 1.74 -1.45
CA ASP B 393 -27.72 2.54 -0.23
C ASP B 393 -26.37 3.09 0.21
N LYS B 394 -25.33 2.26 0.11
CA LYS B 394 -23.96 2.64 0.48
C LYS B 394 -23.83 2.98 1.96
N ARG B 395 -24.40 2.14 2.81
CA ARG B 395 -24.46 2.46 4.24
C ARG B 395 -24.44 1.17 5.04
N THR B 396 -23.83 1.23 6.23
CA THR B 396 -23.99 0.24 7.27
C THR B 396 -24.49 0.94 8.53
N ALA B 397 -25.21 0.21 9.38
CA ALA B 397 -25.61 0.79 10.66
C ALA B 397 -25.75 -0.29 11.72
N LEU B 398 -25.40 0.09 12.96
CA LEU B 398 -25.50 -0.78 14.12
C LEU B 398 -26.43 -0.14 15.13
N THR B 399 -27.34 -0.93 15.70
CA THR B 399 -28.20 -0.48 16.80
C THR B 399 -27.91 -1.30 18.05
N TYR B 400 -27.74 -0.63 19.18
CA TYR B 400 -27.21 -1.29 20.36
C TYR B 400 -27.70 -0.59 21.63
N ILE B 401 -27.57 -1.31 22.74
CA ILE B 401 -28.16 -0.96 24.04
C ILE B 401 -27.03 -0.73 25.04
N ASP B 402 -27.02 0.45 25.67
CA ASP B 402 -25.91 0.79 26.54
C ASP B 402 -26.41 1.68 27.68
N GLY B 403 -25.50 1.97 28.61
CA GLY B 403 -25.84 2.73 29.81
C GLY B 403 -26.90 2.05 30.65
N SER B 404 -27.98 2.77 30.92
CA SER B 404 -29.09 2.28 31.73
C SER B 404 -30.17 1.62 30.89
N GLY B 405 -29.89 1.32 29.63
CA GLY B 405 -30.84 0.67 28.75
C GLY B 405 -31.28 1.59 27.62
N ASN B 406 -30.40 2.50 27.23
CA ASN B 406 -30.69 3.39 26.11
C ASN B 406 -30.31 2.68 24.82
N TRP B 407 -31.13 2.87 23.79
CA TRP B 407 -30.80 2.38 22.46
C TRP B 407 -30.00 3.43 21.70
N HIS B 408 -28.80 3.05 21.28
CA HIS B 408 -27.89 3.93 20.56
C HIS B 408 -27.67 3.35 19.18
N ARG B 409 -27.41 4.20 18.19
CA ARG B 409 -27.24 3.71 16.83
C ARG B 409 -26.16 4.50 16.13
N VAL B 410 -25.28 3.79 15.42
CA VAL B 410 -24.15 4.37 14.71
C VAL B 410 -24.09 3.78 13.31
N SER B 411 -23.47 4.53 12.40
CA SER B 411 -23.55 4.19 10.99
C SER B 411 -22.30 4.64 10.24
N LYS B 412 -21.94 3.86 9.22
CA LYS B 412 -20.94 4.22 8.23
C LYS B 412 -21.58 4.28 6.86
N GLY B 413 -21.07 5.15 5.99
CA GLY B 413 -21.42 5.05 4.59
C GLY B 413 -20.68 6.04 3.73
N ALA B 414 -21.03 6.03 2.45
CA ALA B 414 -20.51 7.01 1.51
C ALA B 414 -20.98 8.40 1.95
N PRO B 415 -20.12 9.43 1.83
CA PRO B 415 -20.34 10.63 2.65
C PRO B 415 -21.56 11.44 2.22
N GLU B 416 -21.77 11.63 0.91
CA GLU B 416 -22.99 12.27 0.46
C GLU B 416 -24.24 11.48 0.86
N GLN B 417 -24.17 10.16 0.78
CA GLN B 417 -25.27 9.33 1.26
C GLN B 417 -25.51 9.49 2.75
N ILE B 418 -24.42 9.52 3.54
CA ILE B 418 -24.51 9.88 4.95
C ILE B 418 -25.03 11.30 5.14
N LEU B 419 -24.60 12.22 4.29
CA LEU B 419 -25.04 13.61 4.36
C LEU B 419 -26.57 13.76 4.28
N GLU B 420 -27.25 12.85 3.59
CA GLU B 420 -28.70 12.88 3.51
C GLU B 420 -29.40 12.07 4.61
N LEU B 421 -28.67 11.46 5.54
CA LEU B 421 -29.29 10.90 6.74
C LEU B 421 -29.95 11.98 7.59
N ALA B 422 -29.24 13.08 7.82
CA ALA B 422 -29.80 14.30 8.38
C ALA B 422 -29.21 15.44 7.58
N LYS B 423 -30.07 16.15 6.85
CA LYS B 423 -29.60 17.03 5.78
C LYS B 423 -28.65 18.09 6.31
N ALA B 424 -27.54 18.28 5.59
CA ALA B 424 -26.55 19.31 5.87
C ALA B 424 -27.17 20.69 5.87
N SER B 425 -26.49 21.62 6.53
CA SER B 425 -26.95 22.99 6.68
C SER B 425 -26.50 23.87 5.52
N ASN B 426 -25.92 23.26 4.48
CA ASN B 426 -25.31 23.90 3.32
C ASN B 426 -23.92 24.42 3.66
N ASP B 427 -23.81 25.15 4.77
CA ASP B 427 -22.49 25.49 5.30
C ASP B 427 -21.70 24.23 5.65
N LEU B 428 -22.34 23.28 6.34
CA LEU B 428 -21.75 21.97 6.57
C LEU B 428 -21.51 21.20 5.27
N SER B 429 -22.46 21.26 4.34
CA SER B 429 -22.31 20.58 3.05
C SER B 429 -21.10 21.10 2.28
N LYS B 430 -20.93 22.42 2.22
CA LYS B 430 -19.73 22.99 1.61
C LYS B 430 -18.45 22.55 2.31
N LYS B 431 -18.45 22.53 3.65
CA LYS B 431 -17.30 22.03 4.39
C LYS B 431 -16.99 20.55 4.13
N VAL B 432 -17.99 19.66 4.19
CA VAL B 432 -17.74 18.25 3.91
C VAL B 432 -17.28 18.02 2.46
N LEU B 433 -17.95 18.65 1.49
CA LEU B 433 -17.52 18.51 0.10
C LEU B 433 -16.11 19.05 -0.15
N SER B 434 -15.75 20.18 0.47
CA SER B 434 -14.39 20.69 0.36
C SER B 434 -13.32 19.72 0.90
N ILE B 435 -13.53 19.16 2.09
CA ILE B 435 -12.60 18.13 2.58
C ILE B 435 -12.64 16.86 1.75
N ILE B 436 -13.81 16.43 1.28
CA ILE B 436 -13.88 15.28 0.38
C ILE B 436 -13.06 15.54 -0.89
N ASP B 437 -13.22 16.72 -1.48
CA ASP B 437 -12.37 17.12 -2.61
C ASP B 437 -10.90 17.20 -2.21
N LYS B 438 -10.60 17.74 -1.03
CA LYS B 438 -9.22 17.73 -0.53
C LYS B 438 -8.69 16.31 -0.32
N TYR B 439 -9.49 15.41 0.25
CA TYR B 439 -9.07 14.01 0.33
C TYR B 439 -8.81 13.41 -1.04
N ALA B 440 -9.67 13.69 -2.01
CA ALA B 440 -9.42 13.25 -3.38
C ALA B 440 -8.12 13.81 -3.95
N GLU B 441 -7.84 15.09 -3.71
CA GLU B 441 -6.52 15.63 -4.05
C GLU B 441 -5.40 14.94 -3.27
N ARG B 442 -5.61 14.67 -1.99
CA ARG B 442 -4.64 13.87 -1.24
C ARG B 442 -4.47 12.48 -1.87
N GLY B 443 -5.56 11.88 -2.30
CA GLY B 443 -5.50 10.60 -3.00
C GLY B 443 -6.41 9.58 -2.37
N LEU B 444 -7.24 10.01 -1.44
CA LEU B 444 -7.78 9.15 -0.40
C LEU B 444 -9.29 9.01 -0.56
N ARG B 445 -9.76 7.77 -0.52
CA ARG B 445 -11.18 7.47 -0.45
C ARG B 445 -11.81 8.06 0.80
N SER B 446 -13.08 8.44 0.70
CA SER B 446 -13.77 9.17 1.76
C SER B 446 -14.95 8.36 2.25
N LEU B 447 -15.09 8.27 3.58
CA LEU B 447 -16.20 7.56 4.22
C LEU B 447 -16.62 8.34 5.46
N ALA B 448 -17.92 8.47 5.68
CA ALA B 448 -18.46 9.28 6.76
C ALA B 448 -19.14 8.41 7.81
N VAL B 449 -19.09 8.88 9.06
CA VAL B 449 -19.70 8.20 10.20
C VAL B 449 -20.78 9.10 10.79
N ALA B 450 -21.86 8.48 11.26
CA ALA B 450 -22.99 9.21 11.81
C ALA B 450 -23.52 8.46 13.02
N ARG B 451 -24.29 9.18 13.85
CA ARG B 451 -24.75 8.64 15.12
C ARG B 451 -26.14 9.17 15.43
N GLN B 452 -26.96 8.33 16.05
CA GLN B 452 -28.23 8.76 16.60
C GLN B 452 -28.58 7.87 17.78
N VAL B 453 -29.62 8.26 18.51
CA VAL B 453 -30.21 7.42 19.54
C VAL B 453 -31.69 7.31 19.22
N VAL B 454 -32.29 6.22 19.66
CA VAL B 454 -33.73 6.04 19.44
C VAL B 454 -34.45 5.88 20.77
N PRO B 455 -35.20 6.90 21.20
CA PRO B 455 -35.86 6.80 22.51
C PRO B 455 -37.01 5.81 22.49
N GLU B 456 -37.60 5.59 21.31
CA GLU B 456 -38.69 4.63 21.17
C GLU B 456 -38.23 3.23 21.56
N LYS B 457 -36.97 2.90 21.27
CA LYS B 457 -36.40 1.60 21.62
C LYS B 457 -37.09 0.46 20.88
N THR B 458 -37.35 0.68 19.59
CA THR B 458 -38.03 -0.29 18.73
C THR B 458 -37.32 -0.32 17.38
N LYS B 459 -37.17 -1.54 16.85
CA LYS B 459 -36.37 -1.74 15.65
C LYS B 459 -36.90 -0.95 14.45
N GLU B 460 -38.22 -0.85 14.31
CA GLU B 460 -38.81 -0.22 13.14
C GLU B 460 -39.04 1.27 13.30
N SER B 461 -38.57 1.87 14.41
CA SER B 461 -38.66 3.31 14.53
C SER B 461 -37.34 3.94 14.09
N PRO B 462 -37.35 4.91 13.16
CA PRO B 462 -36.32 5.95 13.16
C PRO B 462 -36.02 6.50 14.55
N GLY B 463 -34.73 6.74 14.82
CA GLY B 463 -34.33 7.45 16.01
C GLY B 463 -34.48 8.96 15.90
N ALA B 464 -33.85 9.64 16.85
CA ALA B 464 -33.67 11.09 16.76
C ALA B 464 -32.79 11.43 15.55
N PRO B 465 -33.07 12.55 14.86
CA PRO B 465 -32.22 13.00 13.74
C PRO B 465 -30.72 12.78 13.90
N TRP B 466 -30.12 12.13 12.90
CA TRP B 466 -28.72 11.72 12.96
C TRP B 466 -27.76 12.89 13.17
N GLU B 467 -26.71 12.62 13.95
CA GLU B 467 -25.55 13.49 14.08
C GLU B 467 -24.53 13.14 13.00
N PHE B 468 -24.09 14.14 12.25
CA PHE B 468 -23.02 13.93 11.26
C PHE B 468 -21.68 14.15 11.95
N VAL B 469 -21.03 13.05 12.32
CA VAL B 469 -19.89 13.11 13.23
C VAL B 469 -18.61 13.54 12.52
N GLY B 470 -18.41 13.12 11.29
CA GLY B 470 -17.13 13.33 10.62
C GLY B 470 -16.89 12.30 9.53
N LEU B 471 -15.77 12.48 8.84
CA LEU B 471 -15.42 11.59 7.74
C LEU B 471 -13.90 11.46 7.62
N LEU B 472 -13.44 10.25 7.28
CA LEU B 472 -12.06 9.76 7.36
C LEU B 472 -11.47 9.42 5.99
N PRO B 473 -10.12 9.50 5.85
CA PRO B 473 -9.48 9.21 4.56
C PRO B 473 -8.89 7.81 4.45
N LEU B 474 -9.13 7.12 3.32
CA LEU B 474 -8.71 5.75 3.10
C LEU B 474 -7.76 5.65 1.90
N PHE B 475 -6.56 5.09 2.11
CA PHE B 475 -5.57 4.91 1.04
C PHE B 475 -5.79 3.58 0.34
N ASP B 476 -5.65 3.56 -0.99
CA ASP B 476 -6.06 2.39 -1.77
C ASP B 476 -5.38 1.06 -1.42
N PRO B 477 -4.03 0.96 -1.29
CA PRO B 477 -2.91 1.49 -2.06
C PRO B 477 -2.54 0.54 -3.24
N PRO B 478 -1.76 1.00 -4.22
CA PRO B 478 -1.37 0.11 -5.33
C PRO B 478 -0.62 -1.15 -4.92
N ARG B 479 -0.86 -2.24 -5.67
CA ARG B 479 0.01 -3.42 -5.64
C ARG B 479 1.36 -3.12 -6.29
N HIS B 480 2.39 -3.86 -5.87
CA HIS B 480 3.68 -3.80 -6.54
C HIS B 480 3.62 -4.26 -8.00
N ASP B 481 2.94 -5.39 -8.25
CA ASP B 481 2.90 -5.98 -9.59
C ASP B 481 2.12 -5.13 -10.59
N SER B 482 1.00 -4.54 -10.15
CA SER B 482 0.16 -3.75 -11.06
C SER B 482 0.91 -2.60 -11.70
N ALA B 483 1.78 -1.93 -10.95
CA ALA B 483 2.57 -0.83 -11.53
C ALA B 483 3.45 -1.30 -12.67
N GLU B 484 4.14 -2.42 -12.51
CA GLU B 484 4.84 -3.05 -13.63
C GLU B 484 3.89 -3.55 -14.72
N THR B 485 2.78 -4.17 -14.30
CA THR B 485 1.90 -4.88 -15.22
C THR B 485 1.32 -4.00 -16.32
N ILE B 486 0.93 -2.77 -16.00
CA ILE B 486 0.42 -1.85 -17.02
C ILE B 486 1.44 -1.60 -18.13
N ARG B 487 2.73 -1.48 -17.79
CA ARG B 487 3.76 -1.40 -18.83
C ARG B 487 3.89 -2.70 -19.60
N ARG B 488 3.84 -3.84 -18.90
CA ARG B 488 3.88 -5.14 -19.58
C ARG B 488 2.72 -5.31 -20.54
N ALA B 489 1.51 -4.96 -20.12
CA ALA B 489 0.35 -4.98 -20.99
C ALA B 489 0.52 -4.04 -22.19
N LEU B 490 0.98 -2.81 -21.94
CA LEU B 490 1.28 -1.90 -23.04
C LEU B 490 2.35 -2.45 -23.97
N ASN B 491 3.41 -3.03 -23.40
CA ASN B 491 4.43 -3.69 -24.21
C ASN B 491 3.85 -4.82 -25.05
N LEU B 492 2.90 -5.57 -24.51
CA LEU B 492 2.23 -6.63 -25.25
C LEU B 492 0.99 -6.14 -25.99
N GLY B 493 0.82 -4.83 -26.10
CA GLY B 493 -0.17 -4.25 -26.97
C GLY B 493 -1.61 -4.37 -26.52
N VAL B 494 -1.83 -4.49 -25.22
CA VAL B 494 -3.18 -4.47 -24.66
C VAL B 494 -3.25 -3.27 -23.72
N ASN B 495 -4.08 -2.29 -24.08
CA ASN B 495 -4.14 -1.02 -23.36
C ASN B 495 -4.99 -1.18 -22.10
N VAL B 496 -4.42 -0.84 -20.96
CA VAL B 496 -5.16 -0.90 -19.69
C VAL B 496 -5.84 0.45 -19.47
N LYS B 497 -7.14 0.40 -19.21
CA LYS B 497 -7.93 1.58 -18.88
C LYS B 497 -8.57 1.35 -17.53
N MET B 498 -8.39 2.31 -16.63
CA MET B 498 -9.06 2.25 -15.33
C MET B 498 -10.57 2.41 -15.44
N ILE B 499 -11.29 1.63 -14.65
CA ILE B 499 -12.69 1.88 -14.35
C ILE B 499 -12.77 2.07 -12.84
N THR B 500 -13.38 3.17 -12.40
CA THR B 500 -13.66 3.31 -10.98
C THR B 500 -14.85 4.22 -10.73
N GLY B 501 -15.55 3.94 -9.62
CA GLY B 501 -16.64 4.78 -9.14
C GLY B 501 -16.22 5.97 -8.32
N ASP B 502 -15.00 5.94 -7.77
CA ASP B 502 -14.40 7.06 -7.06
C ASP B 502 -14.36 8.36 -7.85
N GLN B 503 -14.24 9.47 -7.13
CA GLN B 503 -14.00 10.78 -7.74
C GLN B 503 -12.76 10.75 -8.63
N LEU B 504 -12.79 11.61 -9.65
CA LEU B 504 -11.73 11.66 -10.66
C LEU B 504 -10.36 11.93 -10.06
N ALA B 505 -10.27 12.86 -9.10
CA ALA B 505 -8.99 13.17 -8.47
C ALA B 505 -8.38 11.95 -7.77
N ILE B 506 -9.21 11.13 -7.13
CA ILE B 506 -8.71 9.87 -6.56
C ILE B 506 -8.13 8.98 -7.64
N GLY B 507 -8.85 8.85 -8.77
CA GLY B 507 -8.35 8.05 -9.88
C GLY B 507 -7.03 8.55 -10.45
N LYS B 508 -6.94 9.84 -10.76
CA LYS B 508 -5.70 10.42 -11.26
C LYS B 508 -4.55 10.30 -10.26
N GLU B 509 -4.81 10.59 -8.99
CA GLU B 509 -3.74 10.49 -7.98
C GLU B 509 -3.23 9.05 -7.82
N THR B 510 -4.14 8.09 -7.72
CA THR B 510 -3.74 6.68 -7.77
C THR B 510 -3.11 6.29 -9.11
N GLY B 511 -3.70 6.74 -10.21
CA GLY B 511 -3.15 6.44 -11.52
C GLY B 511 -1.73 6.91 -11.75
N ARG B 512 -1.39 8.10 -11.25
CA ARG B 512 -0.03 8.60 -11.40
C ARG B 512 1.01 7.74 -10.69
N ARG B 513 0.74 7.32 -9.46
CA ARG B 513 1.72 6.48 -8.78
C ARG B 513 1.70 5.06 -9.31
N LEU B 514 0.56 4.60 -9.80
CA LEU B 514 0.51 3.37 -10.58
C LEU B 514 1.37 3.49 -11.84
N GLY B 515 1.29 4.63 -12.52
CA GLY B 515 2.07 4.90 -13.71
C GLY B 515 1.25 4.87 -14.98
N MET B 516 -0.08 4.92 -14.85
CA MET B 516 -1.02 4.72 -15.95
C MET B 516 -1.22 5.95 -16.81
N GLY B 517 -0.93 7.13 -16.28
CA GLY B 517 -1.17 8.39 -16.96
C GLY B 517 -2.55 8.95 -16.63
N THR B 518 -2.67 10.28 -16.75
CA THR B 518 -3.79 11.01 -16.18
C THR B 518 -4.76 11.56 -17.23
N ASN B 519 -4.62 11.19 -18.49
CA ASN B 519 -5.60 11.58 -19.51
C ASN B 519 -6.84 10.69 -19.39
N MET B 520 -7.63 10.97 -18.36
CA MET B 520 -8.84 10.20 -18.10
C MET B 520 -9.98 11.15 -17.74
N TYR B 521 -11.21 10.66 -17.92
CA TYR B 521 -12.39 11.49 -17.98
C TYR B 521 -13.43 11.00 -16.97
N PRO B 522 -14.23 11.89 -16.39
CA PRO B 522 -15.49 11.47 -15.79
C PRO B 522 -16.44 10.89 -16.82
N SER B 523 -16.84 9.63 -16.61
CA SER B 523 -17.70 8.92 -17.55
C SER B 523 -19.06 9.60 -17.72
N SER B 524 -19.65 10.08 -16.63
CA SER B 524 -20.98 10.70 -16.69
C SER B 524 -21.03 11.90 -17.64
N ALA B 525 -20.02 12.78 -17.59
CA ALA B 525 -19.89 13.81 -18.61
C ALA B 525 -19.57 13.23 -19.98
N LEU B 526 -18.63 12.29 -20.04
CA LEU B 526 -18.14 11.80 -21.33
C LEU B 526 -19.23 11.09 -22.14
N LEU B 527 -20.12 10.32 -21.49
CA LEU B 527 -21.10 9.55 -22.25
C LEU B 527 -22.15 10.41 -22.95
N GLY B 528 -22.33 11.66 -22.56
CA GLY B 528 -22.97 12.63 -23.44
C GLY B 528 -24.48 12.63 -23.53
N THR B 529 -25.20 12.30 -22.45
CA THR B 529 -26.66 12.31 -22.51
C THR B 529 -27.28 12.75 -21.18
N HIS B 530 -27.11 11.95 -20.12
CA HIS B 530 -27.72 12.27 -18.83
C HIS B 530 -27.23 13.62 -18.32
N LYS B 531 -25.94 13.86 -18.41
CA LYS B 531 -25.35 15.15 -18.04
C LYS B 531 -24.68 15.83 -19.22
N ASP B 532 -23.96 15.06 -20.05
CA ASP B 532 -23.29 15.56 -21.24
C ASP B 532 -22.20 16.57 -20.88
N ALA B 533 -21.57 17.16 -21.90
CA ALA B 533 -20.39 17.98 -21.71
C ALA B 533 -20.30 18.95 -22.90
N ASN B 534 -19.45 19.96 -22.75
CA ASN B 534 -19.23 20.90 -23.83
C ASN B 534 -18.34 20.32 -24.92
N LEU B 535 -17.54 19.30 -24.59
CA LEU B 535 -16.61 18.69 -25.55
C LEU B 535 -17.35 17.64 -26.37
N ALA B 536 -18.02 18.11 -27.41
CA ALA B 536 -18.63 17.22 -28.39
C ALA B 536 -18.07 17.45 -29.79
N SER B 537 -17.13 18.39 -29.94
CA SER B 537 -16.40 18.53 -31.19
C SER B 537 -15.58 17.29 -31.50
N ILE B 538 -14.96 16.71 -30.47
CA ILE B 538 -14.37 15.38 -30.55
C ILE B 538 -15.44 14.37 -30.11
N PRO B 539 -15.89 13.47 -30.99
CA PRO B 539 -16.94 12.52 -30.61
C PRO B 539 -16.52 11.62 -29.46
N VAL B 540 -17.53 11.19 -28.69
CA VAL B 540 -17.30 10.46 -27.44
C VAL B 540 -16.50 9.19 -27.67
N GLU B 541 -16.73 8.51 -28.79
CA GLU B 541 -15.97 7.32 -29.15
C GLU B 541 -14.48 7.60 -29.27
N GLU B 542 -14.10 8.73 -29.87
CA GLU B 542 -12.70 9.09 -30.01
C GLU B 542 -12.01 9.32 -28.65
N LEU B 543 -12.65 10.06 -27.75
CA LEU B 543 -12.10 10.22 -26.40
C LEU B 543 -11.94 8.89 -25.66
N ILE B 544 -12.96 8.02 -25.72
CA ILE B 544 -12.90 6.74 -25.01
C ILE B 544 -11.72 5.88 -25.45
N GLU B 545 -11.45 5.79 -26.76
CA GLU B 545 -10.21 5.16 -27.20
C GLU B 545 -8.98 5.89 -26.66
N LYS B 546 -8.95 7.21 -26.81
CA LYS B 546 -7.81 8.00 -26.31
C LYS B 546 -7.65 7.90 -24.80
N ALA B 547 -8.76 7.97 -24.07
CA ALA B 547 -8.71 8.08 -22.61
C ALA B 547 -7.95 6.92 -21.97
N ASP B 548 -7.26 7.24 -20.88
CA ASP B 548 -6.46 6.29 -20.11
C ASP B 548 -7.25 5.70 -18.95
N GLY B 549 -8.53 6.04 -18.84
CA GLY B 549 -9.37 5.54 -17.77
C GLY B 549 -10.64 6.36 -17.68
N PHE B 550 -11.57 5.87 -16.88
CA PHE B 550 -12.87 6.50 -16.72
C PHE B 550 -13.26 6.49 -15.26
N ALA B 551 -13.61 7.66 -14.72
CA ALA B 551 -14.01 7.80 -13.33
C ALA B 551 -15.52 7.94 -13.20
N GLY B 552 -15.99 7.76 -11.96
CA GLY B 552 -17.41 7.89 -11.66
C GLY B 552 -18.29 6.92 -12.40
N VAL B 553 -17.74 5.76 -12.77
CA VAL B 553 -18.43 4.81 -13.64
C VAL B 553 -19.58 4.17 -12.88
N PHE B 554 -20.80 4.42 -13.32
CA PHE B 554 -21.93 3.62 -12.89
C PHE B 554 -22.05 2.40 -13.78
N PRO B 555 -22.66 1.31 -13.27
CA PRO B 555 -22.94 0.13 -14.11
C PRO B 555 -23.54 0.44 -15.49
N GLU B 556 -24.46 1.40 -15.57
CA GLU B 556 -25.00 1.82 -16.87
C GLU B 556 -23.93 2.39 -17.78
N HIS B 557 -23.03 3.21 -17.23
CA HIS B 557 -21.91 3.75 -18.01
C HIS B 557 -20.98 2.64 -18.49
N LYS B 558 -20.69 1.69 -17.61
CA LYS B 558 -19.70 0.63 -17.87
C LYS B 558 -20.05 -0.18 -19.12
N TYR B 559 -21.32 -0.55 -19.28
CA TYR B 559 -21.79 -1.20 -20.50
C TYR B 559 -21.56 -0.34 -21.75
N GLU B 560 -21.86 0.95 -21.68
CA GLU B 560 -21.64 1.84 -22.82
C GLU B 560 -20.17 1.99 -23.21
N ILE B 561 -19.28 2.05 -22.21
CA ILE B 561 -17.84 2.20 -22.49
C ILE B 561 -17.29 1.06 -23.35
N VAL B 562 -17.56 -0.19 -22.97
CA VAL B 562 -17.18 -1.31 -23.84
C VAL B 562 -17.89 -1.24 -25.18
N LYS B 563 -19.17 -0.90 -25.19
CA LYS B 563 -19.91 -0.76 -26.45
C LYS B 563 -19.29 0.29 -27.37
N LYS B 564 -18.91 1.45 -26.86
CA LYS B 564 -18.17 2.43 -27.67
C LYS B 564 -16.85 1.87 -28.19
N LEU B 565 -16.08 1.21 -27.33
CA LEU B 565 -14.88 0.52 -27.79
C LEU B 565 -15.19 -0.60 -28.78
N GLN B 566 -16.24 -1.38 -28.50
CA GLN B 566 -16.70 -2.41 -29.43
C GLN B 566 -17.17 -1.81 -30.76
N GLU B 567 -17.90 -0.71 -30.70
CA GLU B 567 -18.23 0.05 -31.91
C GLU B 567 -16.98 0.57 -32.62
N ARG B 568 -15.92 0.90 -31.87
CA ARG B 568 -14.65 1.26 -32.50
C ARG B 568 -13.81 0.04 -32.84
N LYS B 569 -14.40 -1.15 -32.76
CA LYS B 569 -13.80 -2.45 -33.11
C LYS B 569 -12.48 -2.70 -32.38
N HIS B 570 -12.52 -2.55 -31.06
CA HIS B 570 -11.48 -3.06 -30.20
C HIS B 570 -11.98 -4.33 -29.52
N ILE B 571 -11.06 -5.19 -29.11
CA ILE B 571 -11.39 -6.37 -28.33
C ILE B 571 -11.16 -6.01 -26.87
N VAL B 572 -12.24 -6.00 -26.08
CA VAL B 572 -12.25 -5.33 -24.79
C VAL B 572 -12.33 -6.39 -23.70
N GLY B 573 -11.25 -6.52 -22.92
CA GLY B 573 -11.35 -7.18 -21.64
C GLY B 573 -11.94 -6.21 -20.63
N MET B 574 -12.86 -6.72 -19.80
CA MET B 574 -13.39 -5.90 -18.73
C MET B 574 -13.61 -6.75 -17.48
N THR B 575 -13.07 -6.27 -16.36
CA THR B 575 -13.24 -6.94 -15.08
C THR B 575 -14.63 -6.64 -14.52
N GLY B 576 -15.11 -7.53 -13.66
CA GLY B 576 -16.30 -7.25 -12.90
C GLY B 576 -16.24 -7.92 -11.53
N ASP B 577 -17.07 -7.42 -10.63
CA ASP B 577 -17.11 -7.96 -9.28
C ASP B 577 -18.51 -8.06 -8.68
N GLY B 578 -19.46 -7.20 -9.07
CA GLY B 578 -20.73 -7.11 -8.40
C GLY B 578 -21.90 -7.64 -9.24
N VAL B 579 -23.08 -7.55 -8.63
CA VAL B 579 -24.29 -8.10 -9.25
C VAL B 579 -24.74 -7.24 -10.42
N ASN B 580 -24.31 -5.98 -10.47
CA ASN B 580 -24.68 -5.09 -11.56
C ASN B 580 -23.61 -5.01 -12.63
N ASP B 581 -22.49 -5.71 -12.45
CA ASP B 581 -21.46 -5.85 -13.47
C ASP B 581 -21.83 -6.90 -14.51
N ALA B 582 -22.82 -7.74 -14.21
CA ALA B 582 -23.18 -8.86 -15.09
C ALA B 582 -23.48 -8.49 -16.54
N PRO B 583 -24.22 -7.42 -16.86
CA PRO B 583 -24.43 -7.12 -18.29
C PRO B 583 -23.18 -6.59 -18.97
N ALA B 584 -22.40 -5.76 -18.28
CA ALA B 584 -21.13 -5.30 -18.85
C ALA B 584 -20.16 -6.46 -19.07
N LEU B 585 -20.07 -7.36 -18.10
CA LEU B 585 -19.31 -8.61 -18.27
C LEU B 585 -19.85 -9.45 -19.43
N LYS B 586 -21.17 -9.60 -19.52
CA LYS B 586 -21.76 -10.34 -20.63
C LYS B 586 -21.43 -9.69 -21.97
N LYS B 587 -21.60 -8.37 -22.07
CA LYS B 587 -21.41 -7.68 -23.34
C LYS B 587 -19.95 -7.45 -23.67
N ALA B 588 -19.07 -7.38 -22.66
CA ALA B 588 -17.64 -7.34 -22.91
C ALA B 588 -17.19 -8.60 -23.66
N ASP B 589 -16.18 -8.40 -24.51
CA ASP B 589 -15.60 -9.51 -25.27
C ASP B 589 -15.02 -10.57 -24.35
N ILE B 590 -14.33 -10.17 -23.30
CA ILE B 590 -13.94 -11.06 -22.21
C ILE B 590 -14.43 -10.43 -20.91
N GLY B 591 -15.41 -11.07 -20.28
CA GLY B 591 -15.79 -10.73 -18.93
C GLY B 591 -14.94 -11.47 -17.92
N ILE B 592 -14.24 -10.72 -17.08
CA ILE B 592 -13.28 -11.26 -16.13
C ILE B 592 -13.83 -10.99 -14.73
N ALA B 593 -14.21 -12.04 -14.02
CA ALA B 593 -14.61 -11.91 -12.63
C ALA B 593 -13.38 -11.94 -11.74
N VAL B 594 -13.18 -10.87 -10.96
CA VAL B 594 -12.11 -10.83 -9.98
C VAL B 594 -12.29 -11.99 -8.98
N ALA B 595 -11.19 -12.35 -8.33
CA ALA B 595 -11.16 -13.57 -7.53
C ALA B 595 -12.26 -13.59 -6.47
N ASP B 596 -12.53 -12.45 -5.84
CA ASP B 596 -13.57 -12.34 -4.82
C ASP B 596 -14.88 -11.79 -5.37
N ALA B 597 -15.07 -11.79 -6.68
CA ALA B 597 -16.32 -11.33 -7.29
C ALA B 597 -17.54 -12.08 -6.75
N THR B 598 -18.69 -11.42 -6.84
CA THR B 598 -19.98 -12.04 -6.55
C THR B 598 -20.22 -13.24 -7.46
N ASP B 599 -20.95 -14.23 -6.92
CA ASP B 599 -21.28 -15.42 -7.69
C ASP B 599 -22.08 -15.10 -8.95
N ALA B 600 -23.00 -14.14 -8.87
CA ALA B 600 -23.70 -13.66 -10.05
C ALA B 600 -22.77 -13.07 -11.11
N ALA B 601 -21.78 -12.27 -10.70
CA ALA B 601 -20.74 -11.82 -11.62
C ALA B 601 -19.92 -12.98 -12.19
N ARG B 602 -19.52 -13.93 -11.34
CA ARG B 602 -18.78 -15.10 -11.82
C ARG B 602 -19.57 -15.91 -12.85
N GLY B 603 -20.86 -16.11 -12.63
CA GLY B 603 -21.68 -16.76 -13.64
C GLY B 603 -21.78 -15.98 -14.94
N ALA B 604 -21.93 -14.66 -14.85
CA ALA B 604 -21.90 -13.81 -16.04
C ALA B 604 -20.55 -13.82 -16.74
N SER B 605 -19.46 -13.76 -15.98
CA SER B 605 -18.12 -13.66 -16.58
C SER B 605 -17.78 -14.86 -17.45
N ASP B 606 -17.09 -14.57 -18.56
CA ASP B 606 -16.45 -15.61 -19.38
C ASP B 606 -15.36 -16.33 -18.61
N ILE B 607 -14.57 -15.59 -17.82
CA ILE B 607 -13.41 -16.14 -17.12
C ILE B 607 -13.48 -15.72 -15.66
N VAL B 608 -13.23 -16.67 -14.76
CA VAL B 608 -13.20 -16.43 -13.32
C VAL B 608 -11.77 -16.62 -12.84
N LEU B 609 -11.16 -15.53 -12.35
CA LEU B 609 -9.85 -15.62 -11.75
C LEU B 609 -9.91 -16.35 -10.41
N THR B 610 -8.81 -17.02 -10.06
CA THR B 610 -8.62 -17.55 -8.72
C THR B 610 -7.38 -16.99 -8.05
N GLU B 611 -6.61 -16.17 -8.76
CA GLU B 611 -5.47 -15.41 -8.28
C GLU B 611 -5.72 -13.93 -8.54
N PRO B 612 -5.43 -13.05 -7.58
CA PRO B 612 -5.80 -11.65 -7.72
C PRO B 612 -4.70 -10.82 -8.40
N GLY B 613 -5.08 -9.60 -8.77
CA GLY B 613 -4.17 -8.60 -9.30
C GLY B 613 -4.08 -8.58 -10.81
N LEU B 614 -3.73 -7.41 -11.34
CA LEU B 614 -3.70 -7.18 -12.78
C LEU B 614 -2.73 -8.13 -13.50
N SER B 615 -1.60 -8.42 -12.85
CA SER B 615 -0.58 -9.29 -13.44
C SER B 615 -1.13 -10.65 -13.86
N VAL B 616 -2.03 -11.22 -13.06
CA VAL B 616 -2.63 -12.51 -13.39
C VAL B 616 -3.37 -12.48 -14.71
N ILE B 617 -4.17 -11.43 -14.96
CA ILE B 617 -4.85 -11.29 -16.24
C ILE B 617 -3.87 -11.18 -17.41
N ILE B 618 -2.87 -10.30 -17.29
CA ILE B 618 -1.89 -10.14 -18.35
C ILE B 618 -1.03 -11.40 -18.55
N SER B 619 -0.61 -12.03 -17.45
CA SER B 619 0.07 -13.33 -17.59
C SER B 619 -0.81 -14.38 -18.25
N ALA B 620 -2.10 -14.46 -17.87
CA ALA B 620 -3.05 -15.31 -18.58
C ALA B 620 -3.21 -14.93 -20.05
N VAL B 621 -3.31 -13.64 -20.36
CA VAL B 621 -3.34 -13.20 -21.75
C VAL B 621 -2.09 -13.62 -22.53
N LEU B 622 -0.91 -13.41 -21.93
CA LEU B 622 0.33 -13.83 -22.59
C LEU B 622 0.40 -15.33 -22.82
N THR B 623 0.04 -16.14 -21.82
CA THR B 623 -0.07 -17.58 -22.00
C THR B 623 -1.14 -17.98 -23.04
N SER B 624 -2.29 -17.30 -23.04
CA SER B 624 -3.34 -17.58 -24.02
C SER B 624 -2.87 -17.41 -25.46
N ARG B 625 -2.07 -16.38 -25.75
CA ARG B 625 -1.48 -16.25 -27.08
C ARG B 625 -0.58 -17.42 -27.47
N ALA B 626 0.16 -17.99 -26.51
CA ALA B 626 0.96 -19.19 -26.80
C ALA B 626 0.11 -20.38 -27.24
N ILE B 627 -1.04 -20.60 -26.58
CA ILE B 627 -2.00 -21.60 -27.06
C ILE B 627 -2.55 -21.24 -28.45
N PHE B 628 -2.84 -19.96 -28.67
CA PHE B 628 -3.34 -19.53 -29.97
C PHE B 628 -2.33 -19.73 -31.10
N GLN B 629 -1.05 -19.46 -30.83
CA GLN B 629 -0.01 -19.62 -31.85
C GLN B 629 0.05 -21.04 -32.44
N ARG B 630 0.05 -22.07 -31.59
CA ARG B 630 0.12 -23.44 -32.08
C ARG B 630 -1.10 -23.82 -32.92
N MET B 631 -2.29 -23.32 -32.56
CA MET B 631 -3.46 -23.49 -33.41
C MET B 631 -3.29 -22.83 -34.78
N LYS B 632 -2.73 -21.62 -34.81
CA LYS B 632 -2.41 -20.98 -36.09
C LYS B 632 -1.45 -21.82 -36.92
N ASN B 633 -0.35 -22.27 -36.30
CA ASN B 633 0.66 -23.06 -37.01
C ASN B 633 0.11 -24.40 -37.49
N TYR B 634 -0.68 -25.08 -36.67
CA TYR B 634 -1.34 -26.32 -37.10
C TYR B 634 -2.31 -26.11 -38.24
N THR B 635 -3.10 -25.03 -38.22
CA THR B 635 -3.98 -24.75 -39.34
C THR B 635 -3.23 -24.52 -40.64
N ILE B 636 -2.12 -23.79 -40.59
CA ILE B 636 -1.23 -23.68 -41.75
C ILE B 636 -0.72 -25.05 -42.19
N TYR B 637 -0.31 -25.89 -41.23
CA TYR B 637 0.08 -27.27 -41.55
C TYR B 637 -1.03 -28.05 -42.24
N ALA B 638 -2.24 -28.02 -41.69
CA ALA B 638 -3.35 -28.76 -42.26
C ALA B 638 -3.69 -28.31 -43.67
N VAL B 639 -3.74 -27.00 -43.90
CA VAL B 639 -3.91 -26.47 -45.26
C VAL B 639 -2.73 -26.86 -46.17
N SER B 640 -1.50 -26.73 -45.67
CA SER B 640 -0.32 -27.04 -46.46
C SER B 640 -0.26 -28.48 -46.96
N ILE B 641 -0.53 -29.46 -46.08
CA ILE B 641 -0.62 -30.86 -46.55
C ILE B 641 -1.73 -31.06 -47.56
N THR B 642 -2.91 -30.46 -47.36
CA THR B 642 -3.97 -30.57 -48.34
C THR B 642 -3.54 -30.06 -49.72
N ILE B 643 -2.97 -28.86 -49.77
CA ILE B 643 -2.55 -28.27 -51.05
C ILE B 643 -1.45 -29.11 -51.69
N ARG B 644 -0.45 -29.51 -50.91
CA ARG B 644 0.64 -30.34 -51.43
C ARG B 644 0.15 -31.69 -51.95
N ILE B 645 -0.67 -32.39 -51.17
CA ILE B 645 -1.18 -33.70 -51.60
C ILE B 645 -2.09 -33.59 -52.82
N VAL B 646 -3.06 -32.68 -52.80
CA VAL B 646 -3.92 -32.49 -53.96
C VAL B 646 -3.13 -32.03 -55.19
N PHE B 647 -2.34 -30.96 -55.05
CA PHE B 647 -1.65 -30.41 -56.23
C PHE B 647 -0.57 -31.34 -56.77
N GLY B 648 0.22 -31.95 -55.89
CA GLY B 648 1.33 -32.76 -56.36
C GLY B 648 0.91 -34.03 -57.10
N PHE B 649 0.02 -34.82 -56.49
CA PHE B 649 -0.49 -36.03 -57.14
C PHE B 649 -1.33 -35.76 -58.39
N MET B 650 -2.22 -34.76 -58.37
CA MET B 650 -2.96 -34.45 -59.59
C MET B 650 -2.05 -33.91 -60.70
N LEU B 651 -1.05 -33.10 -60.36
CA LEU B 651 -0.12 -32.59 -61.37
C LEU B 651 0.69 -33.71 -62.03
N ILE B 652 1.24 -34.63 -61.23
CA ILE B 652 1.90 -35.80 -61.84
C ILE B 652 0.88 -36.64 -62.62
N ALA B 653 -0.34 -36.78 -62.09
CA ALA B 653 -1.41 -37.40 -62.86
C ALA B 653 -1.67 -36.64 -64.16
N LEU B 654 -1.71 -35.32 -64.09
CA LEU B 654 -2.04 -34.50 -65.25
C LEU B 654 -1.01 -34.67 -66.35
N ILE B 655 0.27 -34.69 -65.99
CA ILE B 655 1.35 -34.73 -66.97
C ILE B 655 1.63 -36.18 -67.42
N TRP B 656 1.82 -37.10 -66.47
CA TRP B 656 2.30 -38.43 -66.80
C TRP B 656 1.31 -39.56 -66.51
N GLU B 657 0.09 -39.22 -66.05
CA GLU B 657 -0.92 -40.17 -65.59
C GLU B 657 -0.36 -41.28 -64.69
N PHE B 658 0.41 -40.86 -63.68
CA PHE B 658 1.11 -41.83 -62.84
C PHE B 658 0.17 -42.52 -61.84
N ASP B 659 -0.98 -41.90 -61.54
CA ASP B 659 -2.05 -42.44 -60.70
C ASP B 659 -1.72 -42.39 -59.20
N PHE B 660 -0.62 -43.03 -58.81
CA PHE B 660 -0.11 -43.11 -57.44
C PHE B 660 -0.97 -44.05 -56.59
N SER B 661 -0.35 -44.72 -55.60
CA SER B 661 -1.06 -45.66 -54.74
C SER B 661 -1.87 -44.93 -53.68
N ALA B 662 -3.19 -45.13 -53.71
CA ALA B 662 -4.07 -44.66 -52.64
C ALA B 662 -3.71 -45.26 -51.28
N PHE B 663 -3.37 -46.55 -51.26
CA PHE B 663 -2.94 -47.20 -50.02
C PHE B 663 -1.69 -46.58 -49.41
N MET B 664 -0.71 -46.21 -50.24
CA MET B 664 0.43 -45.45 -49.73
C MET B 664 0.02 -44.11 -49.11
N VAL B 665 -0.86 -43.36 -49.78
CA VAL B 665 -1.37 -42.13 -49.17
C VAL B 665 -2.13 -42.43 -47.88
N LEU B 666 -2.89 -43.52 -47.87
CA LEU B 666 -3.51 -44.02 -46.64
C LEU B 666 -2.47 -44.32 -45.56
N ILE B 667 -1.36 -44.98 -45.93
CA ILE B 667 -0.24 -45.16 -45.01
C ILE B 667 0.35 -43.83 -44.52
N ILE B 668 0.56 -42.87 -45.43
CA ILE B 668 1.00 -41.54 -44.99
C ILE B 668 0.00 -40.89 -44.04
N ALA B 669 -1.30 -40.98 -44.36
CA ALA B 669 -2.32 -40.44 -43.48
C ALA B 669 -2.32 -41.08 -42.09
N ILE B 670 -2.20 -42.41 -42.03
CA ILE B 670 -2.05 -43.08 -40.74
C ILE B 670 -0.78 -42.65 -40.02
N LEU B 671 0.35 -42.54 -40.73
CA LEU B 671 1.56 -41.99 -40.11
C LEU B 671 1.37 -40.55 -39.65
N ASN B 672 0.70 -39.72 -40.44
CA ASN B 672 0.29 -38.40 -39.99
C ASN B 672 -0.63 -38.46 -38.77
N ASP B 673 -1.65 -39.32 -38.82
CA ASP B 673 -2.62 -39.43 -37.73
C ASP B 673 -1.99 -39.81 -36.40
N GLY B 674 -1.01 -40.71 -36.41
CA GLY B 674 -0.30 -41.07 -35.19
C GLY B 674 0.61 -40.00 -34.60
N THR B 675 0.97 -38.98 -35.39
CA THR B 675 1.95 -38.00 -34.94
C THR B 675 1.40 -36.59 -34.74
N ILE B 676 0.09 -36.36 -34.94
CA ILE B 676 -0.46 -35.02 -34.80
C ILE B 676 -0.89 -34.66 -33.38
N MET B 677 -0.71 -35.54 -32.41
CA MET B 677 -1.00 -35.17 -31.03
C MET B 677 0.24 -34.64 -30.31
N THR B 678 1.37 -34.55 -31.00
CA THR B 678 2.47 -33.71 -30.56
C THR B 678 2.05 -32.24 -30.54
N ILE B 679 1.22 -31.85 -31.51
CA ILE B 679 0.87 -30.47 -31.77
C ILE B 679 0.31 -29.78 -30.53
N SER B 680 -0.58 -30.45 -29.80
CA SER B 680 -1.13 -29.85 -28.58
C SER B 680 -0.04 -29.59 -27.55
N LYS B 681 0.91 -30.51 -27.40
CA LYS B 681 1.86 -30.49 -26.30
C LYS B 681 3.17 -29.82 -26.69
N ASP B 682 3.17 -29.05 -27.78
CA ASP B 682 4.32 -28.30 -28.26
C ASP B 682 4.71 -27.16 -27.32
N ARG B 683 5.82 -26.49 -27.68
CA ARG B 683 6.49 -25.46 -26.89
C ARG B 683 6.47 -24.10 -27.60
N VAL B 684 5.60 -23.92 -28.60
CA VAL B 684 5.62 -22.72 -29.43
C VAL B 684 5.43 -21.45 -28.62
N LYS B 685 6.29 -20.46 -28.90
CA LYS B 685 6.26 -19.18 -28.19
C LYS B 685 4.99 -18.39 -28.51
N PRO B 686 4.43 -17.68 -27.54
CA PRO B 686 3.31 -16.77 -27.82
C PRO B 686 3.66 -15.69 -28.85
N SER B 687 2.64 -15.31 -29.62
CA SER B 687 2.71 -14.11 -30.42
C SER B 687 2.82 -12.88 -29.53
N PRO B 688 3.76 -11.96 -29.78
CA PRO B 688 3.86 -10.76 -28.92
C PRO B 688 2.74 -9.76 -29.21
N THR B 689 2.52 -9.44 -30.47
CA THR B 689 1.38 -8.63 -30.86
C THR B 689 0.09 -9.45 -30.66
N PRO B 690 -1.01 -8.80 -30.27
CA PRO B 690 -2.32 -9.44 -30.43
C PRO B 690 -2.50 -10.11 -31.79
N ASP B 691 -3.02 -11.32 -31.78
CA ASP B 691 -3.14 -12.17 -32.96
C ASP B 691 -4.60 -12.56 -33.13
N SER B 692 -5.13 -12.41 -34.35
CA SER B 692 -6.58 -12.50 -34.54
C SER B 692 -7.01 -13.72 -35.35
N TRP B 693 -6.07 -14.57 -35.78
CA TRP B 693 -6.40 -15.78 -36.55
C TRP B 693 -7.27 -15.48 -37.76
N LYS B 694 -6.82 -14.55 -38.60
CA LYS B 694 -7.47 -14.34 -39.88
C LYS B 694 -7.15 -15.49 -40.82
N LEU B 695 -8.20 -16.21 -41.22
CA LEU B 695 -8.05 -17.43 -42.01
C LEU B 695 -7.38 -17.14 -43.35
N LYS B 696 -7.72 -16.00 -43.97
CA LYS B 696 -7.19 -15.67 -45.29
C LYS B 696 -5.67 -15.62 -45.29
N GLU B 697 -5.06 -15.00 -44.28
CA GLU B 697 -3.60 -15.02 -44.17
C GLU B 697 -3.03 -16.43 -44.02
N ILE B 698 -3.62 -17.28 -43.18
CA ILE B 698 -3.06 -18.61 -43.00
C ILE B 698 -3.39 -19.56 -44.15
N PHE B 699 -4.56 -19.41 -44.78
CA PHE B 699 -4.84 -20.17 -45.99
C PHE B 699 -3.84 -19.83 -47.10
N ALA B 700 -3.58 -18.54 -47.30
CA ALA B 700 -2.54 -18.12 -48.24
C ALA B 700 -1.16 -18.63 -47.84
N THR B 701 -0.82 -18.55 -46.56
CA THR B 701 0.46 -19.08 -46.09
C THR B 701 0.60 -20.58 -46.35
N GLY B 702 -0.46 -21.35 -46.09
CA GLY B 702 -0.39 -22.78 -46.31
C GLY B 702 -0.34 -23.20 -47.77
N VAL B 703 -1.17 -22.59 -48.61
CA VAL B 703 -1.20 -22.95 -50.03
C VAL B 703 0.15 -22.71 -50.71
N VAL B 704 0.78 -21.56 -50.46
CA VAL B 704 2.09 -21.32 -51.07
C VAL B 704 3.15 -22.25 -50.48
N LEU B 705 3.11 -22.49 -49.18
CA LEU B 705 4.06 -23.43 -48.56
C LEU B 705 3.89 -24.85 -49.10
N GLY B 706 2.65 -25.31 -49.25
CA GLY B 706 2.41 -26.60 -49.87
C GLY B 706 2.62 -26.65 -51.37
N GLY B 707 2.31 -25.55 -52.06
CA GLY B 707 2.52 -25.51 -53.50
C GLY B 707 3.97 -25.63 -53.92
N TYR B 708 4.87 -25.01 -53.15
CA TYR B 708 6.31 -25.25 -53.34
C TYR B 708 6.67 -26.72 -53.22
N GLN B 709 6.15 -27.41 -52.21
CA GLN B 709 6.34 -28.85 -52.11
C GLN B 709 5.74 -29.62 -53.29
N ALA B 710 4.58 -29.21 -53.78
CA ALA B 710 4.04 -29.80 -55.00
C ALA B 710 4.98 -29.64 -56.18
N ILE B 711 5.54 -28.44 -56.37
CA ILE B 711 6.54 -28.23 -57.41
C ILE B 711 7.79 -29.10 -57.19
N MET B 712 8.31 -29.11 -55.95
CA MET B 712 9.46 -29.97 -55.64
C MET B 712 9.16 -31.46 -55.80
N THR B 713 7.96 -31.89 -55.42
CA THR B 713 7.55 -33.28 -55.66
C THR B 713 7.49 -33.61 -57.15
N VAL B 714 6.90 -32.74 -57.95
CA VAL B 714 6.84 -32.94 -59.40
C VAL B 714 8.24 -33.00 -60.03
N ILE B 715 9.13 -32.08 -59.65
CA ILE B 715 10.46 -32.14 -60.25
C ILE B 715 11.29 -33.31 -59.70
N PHE B 716 11.01 -33.76 -58.48
CA PHE B 716 11.58 -35.03 -58.02
C PHE B 716 11.14 -36.19 -58.93
N PHE B 717 9.85 -36.27 -59.22
CA PHE B 717 9.34 -37.32 -60.10
C PHE B 717 9.93 -37.22 -61.50
N TRP B 718 9.96 -36.01 -62.07
CA TRP B 718 10.63 -35.78 -63.35
C TRP B 718 12.12 -36.17 -63.31
N ALA B 719 12.82 -35.78 -62.24
CA ALA B 719 14.23 -36.15 -62.10
C ALA B 719 14.45 -37.65 -62.03
N ALA B 720 13.55 -38.38 -61.36
CA ALA B 720 13.66 -39.83 -61.30
C ALA B 720 13.12 -40.54 -62.55
N HIS B 721 12.17 -39.92 -63.26
CA HIS B 721 11.48 -40.63 -64.35
C HIS B 721 12.02 -40.23 -65.72
N LYS B 722 11.73 -39.01 -66.15
CA LYS B 722 12.10 -38.57 -67.50
C LYS B 722 13.61 -38.59 -67.71
N THR B 723 14.38 -38.18 -66.71
CA THR B 723 15.84 -38.14 -66.81
C THR B 723 16.48 -39.09 -65.79
N ASP B 724 17.81 -39.16 -65.87
CA ASP B 724 18.61 -40.18 -65.18
C ASP B 724 19.41 -39.57 -64.03
N PHE B 725 19.06 -38.35 -63.64
CA PHE B 725 19.95 -37.48 -62.86
C PHE B 725 20.42 -38.13 -61.55
N PHE B 726 19.50 -38.72 -60.80
CA PHE B 726 19.87 -39.37 -59.53
C PHE B 726 20.85 -40.52 -59.72
N SER B 727 20.63 -41.37 -60.71
CA SER B 727 21.53 -42.51 -60.90
C SER B 727 22.82 -42.12 -61.59
N ASP B 728 22.79 -41.12 -62.48
CA ASP B 728 24.01 -40.54 -63.02
C ASP B 728 24.89 -39.95 -61.93
N THR B 729 24.28 -39.20 -61.01
CA THR B 729 25.03 -38.61 -59.90
C THR B 729 25.47 -39.65 -58.87
N PHE B 730 24.56 -40.49 -58.39
CA PHE B 730 24.83 -41.26 -57.18
C PHE B 730 24.92 -42.77 -57.41
N GLY B 731 24.57 -43.27 -58.59
CA GLY B 731 24.54 -44.69 -58.86
C GLY B 731 23.71 -45.50 -57.87
N VAL B 732 24.10 -46.76 -57.71
CA VAL B 732 23.55 -47.75 -56.78
C VAL B 732 22.26 -48.35 -57.36
N ARG B 733 21.34 -47.48 -57.76
CA ARG B 733 20.14 -47.88 -58.47
C ARG B 733 19.92 -46.92 -59.63
N SER B 734 19.08 -47.31 -60.58
CA SER B 734 18.99 -46.56 -61.84
C SER B 734 17.62 -46.74 -62.47
N ILE B 735 16.58 -46.77 -61.63
CA ILE B 735 15.20 -46.86 -62.11
C ILE B 735 14.82 -45.65 -62.96
N ARG B 736 14.01 -45.89 -63.99
CA ARG B 736 13.38 -44.83 -64.76
C ARG B 736 11.89 -45.14 -64.86
N ASP B 737 11.57 -46.27 -65.49
CA ASP B 737 10.20 -46.68 -65.76
C ASP B 737 9.73 -47.83 -64.89
N ASN B 738 10.44 -48.12 -63.80
CA ASN B 738 10.07 -49.21 -62.89
C ASN B 738 9.07 -48.65 -61.89
N ASN B 739 7.81 -48.59 -62.34
CA ASN B 739 6.78 -47.79 -61.65
C ASN B 739 6.56 -48.22 -60.21
N HIS B 740 6.47 -49.53 -59.94
CA HIS B 740 6.27 -49.99 -58.57
C HIS B 740 7.43 -49.60 -57.65
N GLU B 741 8.67 -49.75 -58.13
CA GLU B 741 9.82 -49.18 -57.43
C GLU B 741 9.81 -47.65 -57.41
N LEU B 742 9.49 -47.02 -58.54
CA LEU B 742 9.52 -45.56 -58.64
C LEU B 742 8.58 -44.86 -57.66
N MET B 743 7.34 -45.33 -57.52
CA MET B 743 6.43 -44.63 -56.60
C MET B 743 6.75 -44.86 -55.14
N GLY B 744 7.49 -45.92 -54.80
CA GLY B 744 8.01 -46.05 -53.44
C GLY B 744 8.96 -44.94 -53.05
N ALA B 745 9.87 -44.56 -53.96
CA ALA B 745 10.71 -43.40 -53.73
C ALA B 745 9.92 -42.11 -53.59
N VAL B 746 8.92 -41.89 -54.46
CA VAL B 746 8.05 -40.74 -54.33
C VAL B 746 7.30 -40.73 -53.00
N TYR B 747 6.78 -41.89 -52.58
CA TYR B 747 6.16 -41.99 -51.25
C TYR B 747 7.09 -41.56 -50.14
N LEU B 748 8.32 -42.07 -50.14
CA LEU B 748 9.29 -41.73 -49.10
C LEU B 748 9.65 -40.23 -49.14
N GLN B 749 9.86 -39.68 -50.32
CA GLN B 749 10.12 -38.24 -50.45
C GLN B 749 8.96 -37.39 -49.95
N VAL B 750 7.73 -37.72 -50.34
CA VAL B 750 6.55 -37.03 -49.84
C VAL B 750 6.41 -37.17 -48.32
N SER B 751 6.64 -38.37 -47.80
CA SER B 751 6.51 -38.61 -46.36
C SER B 751 7.46 -37.76 -45.52
N ILE B 752 8.73 -37.68 -45.92
CA ILE B 752 9.70 -36.92 -45.12
C ILE B 752 9.32 -35.46 -44.99
N ILE B 753 9.03 -34.79 -46.11
CA ILE B 753 8.74 -33.37 -46.02
C ILE B 753 7.33 -33.09 -45.51
N SER B 754 6.42 -34.07 -45.58
CA SER B 754 5.11 -33.90 -44.97
C SER B 754 5.18 -34.01 -43.45
N GLN B 755 6.31 -34.46 -42.91
CA GLN B 755 6.57 -34.44 -41.48
C GLN B 755 7.49 -33.30 -41.07
N ALA B 756 8.37 -32.85 -41.97
CA ALA B 756 9.35 -31.82 -41.66
C ALA B 756 8.78 -30.41 -41.59
N LEU B 757 7.61 -30.16 -42.19
CA LEU B 757 7.05 -28.81 -42.22
C LEU B 757 6.37 -28.41 -40.91
N ILE B 758 6.21 -29.34 -39.97
CA ILE B 758 5.81 -28.96 -38.61
C ILE B 758 6.82 -28.00 -38.00
N PHE B 759 8.12 -28.30 -38.18
CA PHE B 759 9.17 -27.40 -37.71
C PHE B 759 9.08 -26.03 -38.35
N VAL B 760 8.84 -25.97 -39.66
CA VAL B 760 8.69 -24.69 -40.36
C VAL B 760 7.49 -23.90 -39.85
N THR B 761 6.31 -24.53 -39.79
CA THR B 761 5.10 -23.81 -39.38
C THR B 761 5.18 -23.30 -37.94
N ARG B 762 5.70 -24.13 -37.03
CA ARG B 762 5.93 -23.67 -35.65
C ARG B 762 6.90 -22.50 -35.59
N SER B 763 8.00 -22.58 -36.31
CA SER B 763 9.00 -21.52 -36.30
C SER B 763 8.51 -20.23 -36.96
N ARG B 764 8.88 -19.11 -36.34
CA ARG B 764 8.67 -17.78 -36.90
C ARG B 764 9.96 -17.25 -37.52
N SER B 765 11.10 -17.72 -37.02
CA SER B 765 12.43 -17.47 -37.56
C SER B 765 12.82 -18.69 -38.40
N TRP B 766 14.07 -19.12 -38.30
CA TRP B 766 14.47 -20.34 -38.98
C TRP B 766 14.15 -21.56 -38.11
N SER B 767 13.72 -22.63 -38.77
CA SER B 767 13.30 -23.85 -38.08
C SER B 767 14.41 -24.46 -37.22
N PHE B 768 15.62 -24.55 -37.78
CA PHE B 768 16.75 -25.12 -37.05
C PHE B 768 17.10 -24.32 -35.80
N VAL B 769 17.01 -22.99 -35.87
CA VAL B 769 17.24 -22.15 -34.70
C VAL B 769 16.23 -22.45 -33.59
N GLU B 770 14.95 -22.60 -33.95
CA GLU B 770 13.86 -22.34 -33.02
C GLU B 770 13.06 -23.58 -32.61
N ARG B 771 13.41 -24.79 -33.09
CA ARG B 771 12.61 -25.98 -32.86
C ARG B 771 13.37 -27.09 -32.12
N PRO B 772 13.74 -26.86 -30.86
CA PRO B 772 14.40 -27.93 -30.08
C PRO B 772 13.47 -29.01 -29.55
N GLY B 773 12.28 -29.18 -30.15
CA GLY B 773 11.32 -30.14 -29.63
C GLY B 773 11.72 -31.60 -29.71
N ALA B 774 12.14 -32.15 -28.57
CA ALA B 774 12.53 -33.56 -28.49
C ALA B 774 11.38 -34.51 -28.83
N LEU B 775 10.18 -34.22 -28.33
CA LEU B 775 8.99 -35.02 -28.67
C LEU B 775 8.70 -35.00 -30.16
N LEU B 776 8.75 -33.82 -30.78
CA LEU B 776 8.57 -33.73 -32.24
C LEU B 776 9.69 -34.47 -32.99
N MET B 777 10.94 -34.33 -32.54
CA MET B 777 12.04 -35.11 -33.10
C MET B 777 11.82 -36.62 -32.99
N ILE B 778 11.38 -37.09 -31.83
CA ILE B 778 11.04 -38.52 -31.70
C ILE B 778 9.91 -38.91 -32.65
N ALA B 779 8.85 -38.10 -32.73
CA ALA B 779 7.77 -38.36 -33.68
C ALA B 779 8.25 -38.37 -35.12
N PHE B 780 9.06 -37.38 -35.50
CA PHE B 780 9.67 -37.36 -36.83
C PHE B 780 10.58 -38.56 -37.08
N LEU B 781 11.48 -38.85 -36.14
CA LEU B 781 12.39 -39.99 -36.28
C LEU B 781 11.65 -41.32 -36.40
N ILE B 782 10.69 -41.58 -35.51
CA ILE B 782 9.93 -42.83 -35.56
C ILE B 782 9.10 -42.94 -36.85
N ALA B 783 8.35 -41.90 -37.19
CA ALA B 783 7.53 -41.97 -38.40
C ALA B 783 8.35 -42.13 -39.68
N GLN B 784 9.43 -41.37 -39.81
CA GLN B 784 10.24 -41.46 -41.03
C GLN B 784 11.23 -42.61 -41.06
N LEU B 785 11.61 -43.16 -39.90
CA LEU B 785 12.24 -44.48 -39.89
C LEU B 785 11.29 -45.56 -40.42
N ILE B 786 10.04 -45.57 -39.97
CA ILE B 786 9.05 -46.50 -40.48
C ILE B 786 8.82 -46.32 -41.98
N ALA B 787 8.66 -45.07 -42.43
CA ALA B 787 8.57 -44.82 -43.87
C ALA B 787 9.81 -45.27 -44.64
N THR B 788 11.00 -44.99 -44.11
CA THR B 788 12.23 -45.46 -44.75
C THR B 788 12.32 -46.99 -44.82
N LEU B 789 12.00 -47.68 -43.72
CA LEU B 789 11.96 -49.13 -43.72
C LEU B 789 10.95 -49.72 -44.70
N ILE B 790 9.76 -49.13 -44.78
CA ILE B 790 8.81 -49.52 -45.83
C ILE B 790 9.37 -49.27 -47.23
N ALA B 791 10.00 -48.12 -47.45
CA ALA B 791 10.58 -47.82 -48.75
C ALA B 791 11.68 -48.81 -49.18
N VAL B 792 12.59 -49.18 -48.27
CA VAL B 792 13.59 -50.19 -48.59
C VAL B 792 12.99 -51.58 -48.80
N TYR B 793 12.05 -52.02 -47.95
CA TYR B 793 11.76 -53.45 -47.87
C TYR B 793 10.33 -53.89 -48.24
N ALA B 794 9.39 -52.98 -48.46
CA ALA B 794 8.01 -53.40 -48.71
C ALA B 794 7.80 -53.77 -50.18
N ASN B 795 7.30 -54.99 -50.41
CA ASN B 795 7.10 -55.54 -51.75
C ASN B 795 5.64 -55.95 -51.89
N TRP B 796 4.73 -55.03 -51.55
CA TRP B 796 3.29 -55.27 -51.57
C TRP B 796 2.72 -55.03 -52.96
N GLU B 797 2.65 -56.12 -53.75
CA GLU B 797 2.11 -56.02 -55.11
C GLU B 797 0.67 -55.53 -55.11
N PHE B 798 -0.13 -55.96 -54.13
CA PHE B 798 -1.49 -55.45 -53.99
C PHE B 798 -1.53 -53.94 -53.78
N ALA B 799 -0.51 -53.36 -53.16
CA ALA B 799 -0.44 -51.92 -52.95
C ALA B 799 0.38 -51.19 -54.00
N LYS B 800 0.85 -51.89 -55.03
CA LYS B 800 1.58 -51.31 -56.17
C LYS B 800 3.02 -50.94 -55.82
N ILE B 801 3.58 -51.52 -54.78
CA ILE B 801 4.80 -51.02 -54.15
C ILE B 801 5.88 -52.09 -54.21
N ARG B 802 7.11 -51.68 -54.50
CA ARG B 802 8.26 -52.57 -54.40
C ARG B 802 9.43 -51.81 -53.80
N GLY B 803 10.11 -52.47 -52.86
CA GLY B 803 11.20 -51.84 -52.14
C GLY B 803 12.34 -51.40 -53.04
N ILE B 804 13.07 -50.39 -52.57
CA ILE B 804 14.24 -49.86 -53.28
C ILE B 804 15.31 -49.49 -52.26
N GLY B 805 16.55 -49.88 -52.56
CA GLY B 805 17.65 -49.95 -51.62
C GLY B 805 17.98 -48.77 -50.72
N TRP B 806 18.74 -49.07 -49.66
CA TRP B 806 19.14 -48.07 -48.67
C TRP B 806 19.91 -46.90 -49.29
N GLY B 807 20.78 -47.20 -50.27
CA GLY B 807 21.47 -46.12 -50.96
C GLY B 807 20.55 -45.20 -51.72
N TRP B 808 19.57 -45.75 -52.44
CA TRP B 808 18.57 -44.91 -53.09
C TRP B 808 17.74 -44.12 -52.09
N ALA B 809 17.31 -44.77 -51.00
CA ALA B 809 16.62 -44.06 -49.91
C ALA B 809 17.48 -42.97 -49.28
N GLY B 810 18.77 -43.22 -49.09
CA GLY B 810 19.69 -42.18 -48.67
C GLY B 810 19.71 -40.95 -49.57
N VAL B 811 19.66 -41.17 -50.88
CA VAL B 811 19.50 -40.07 -51.83
C VAL B 811 18.20 -39.31 -51.60
N ILE B 812 17.09 -40.03 -51.36
CA ILE B 812 15.83 -39.37 -51.04
C ILE B 812 15.92 -38.54 -49.76
N TRP B 813 16.56 -39.07 -48.71
CA TRP B 813 16.84 -38.27 -47.53
C TRP B 813 17.71 -37.05 -47.85
N LEU B 814 18.76 -37.25 -48.63
CA LEU B 814 19.62 -36.13 -49.05
C LEU B 814 18.86 -35.08 -49.85
N TYR B 815 18.02 -35.51 -50.80
CA TYR B 815 17.16 -34.58 -51.54
C TYR B 815 16.20 -33.82 -50.63
N SER B 816 15.59 -34.51 -49.67
CA SER B 816 14.70 -33.86 -48.71
C SER B 816 15.38 -32.76 -47.90
N ILE B 817 16.60 -33.02 -47.42
CA ILE B 817 17.35 -32.02 -46.66
C ILE B 817 17.59 -30.74 -47.45
N VAL B 818 18.01 -30.85 -48.72
CA VAL B 818 18.23 -29.60 -49.45
C VAL B 818 16.92 -28.94 -49.87
N THR B 819 15.86 -29.72 -50.08
CA THR B 819 14.53 -29.17 -50.29
C THR B 819 14.00 -28.43 -49.06
N TYR B 820 14.25 -28.99 -47.87
CA TYR B 820 13.70 -28.47 -46.62
C TYR B 820 14.12 -27.03 -46.30
N PHE B 821 15.39 -26.69 -46.46
CA PHE B 821 15.85 -25.36 -46.02
C PHE B 821 15.15 -24.15 -46.66
N PRO B 822 14.87 -24.08 -47.96
CA PRO B 822 14.12 -22.92 -48.48
C PRO B 822 12.63 -22.92 -48.20
N LEU B 823 12.09 -23.89 -47.46
CA LEU B 823 10.72 -23.79 -46.95
C LEU B 823 10.55 -22.59 -46.02
N ASP B 824 11.53 -22.38 -45.13
CA ASP B 824 11.58 -21.20 -44.27
C ASP B 824 11.64 -19.88 -45.04
N VAL B 825 12.44 -19.82 -46.10
CA VAL B 825 12.47 -18.64 -46.96
C VAL B 825 11.11 -18.36 -47.59
N PHE B 826 10.45 -19.39 -48.09
CA PHE B 826 9.05 -19.25 -48.52
C PHE B 826 8.12 -18.79 -47.41
N LYS B 827 8.28 -19.33 -46.20
CA LYS B 827 7.51 -18.84 -45.06
C LYS B 827 7.73 -17.35 -44.80
N PHE B 828 8.97 -16.90 -44.85
CA PHE B 828 9.23 -15.46 -44.78
C PHE B 828 8.58 -14.71 -45.94
N ALA B 829 8.68 -15.25 -47.15
CA ALA B 829 8.11 -14.59 -48.32
C ALA B 829 6.59 -14.40 -48.21
N ILE B 830 5.87 -15.40 -47.71
CA ILE B 830 4.41 -15.22 -47.60
C ILE B 830 4.03 -14.39 -46.37
N ARG B 831 4.82 -14.42 -45.31
CA ARG B 831 4.43 -13.69 -44.10
C ARG B 831 4.94 -12.26 -44.11
N TYR B 832 5.71 -11.89 -45.13
CA TYR B 832 6.09 -10.50 -45.34
C TYR B 832 4.85 -9.63 -45.56
N ILE B 833 3.88 -10.14 -46.32
CA ILE B 833 2.63 -9.43 -46.55
C ILE B 833 1.55 -9.85 -45.55
#